data_2LTY
#
_entry.id   2LTY
#
loop_
_entity.id
_entity.type
_entity.pdbx_description
1 polymer 'E3 ubiquitin-protein ligase NEDD4-like'
2 polymer 'Smad7 derived peptide'
#
loop_
_entity_poly.entity_id
_entity_poly.type
_entity_poly.pdbx_seq_one_letter_code
_entity_poly.pdbx_strand_id
1 'polypeptide(L)' PGLPSGWEERKDAKGRTYYVNHNNRTTTWTRPIG A
2 'polypeptide(L)' ELESPPPPYSRYPMD B
#
# COMPACT_ATOMS: atom_id res chain seq x y z
N PRO A 1 6.81 5.12 12.35
CA PRO A 1 6.64 4.44 11.05
C PRO A 1 7.74 4.85 10.07
N GLY A 2 8.56 3.89 9.68
CA GLY A 2 9.61 4.17 8.73
C GLY A 2 9.10 4.19 7.31
N LEU A 3 9.28 5.31 6.62
CA LEU A 3 8.78 5.44 5.25
C LEU A 3 9.90 5.19 4.26
N PRO A 4 9.79 4.12 3.46
CA PRO A 4 10.77 3.78 2.45
C PRO A 4 10.48 4.44 1.09
N SER A 5 11.54 4.70 0.34
CA SER A 5 11.43 5.47 -0.89
C SER A 5 10.71 4.66 -1.97
N GLY A 6 9.69 5.27 -2.55
CA GLY A 6 8.91 4.62 -3.58
C GLY A 6 7.59 4.11 -3.07
N TRP A 7 7.42 4.16 -1.75
CA TRP A 7 6.19 3.69 -1.11
C TRP A 7 5.29 4.86 -0.77
N GLU A 8 3.99 4.68 -0.97
CA GLU A 8 3.01 5.66 -0.55
C GLU A 8 1.93 5.00 0.31
N GLU A 9 1.70 5.57 1.49
CA GLU A 9 0.73 5.02 2.43
C GLU A 9 -0.53 5.84 2.34
N ARG A 10 -1.55 5.25 1.81
CA ARG A 10 -2.71 6.02 1.45
C ARG A 10 -3.96 5.46 2.11
N LYS A 11 -4.63 6.31 2.88
CA LYS A 11 -5.78 5.91 3.66
C LYS A 11 -7.04 6.49 3.03
N ASP A 12 -7.90 5.62 2.54
CA ASP A 12 -9.14 6.04 1.91
C ASP A 12 -10.25 6.12 2.96
N ALA A 13 -11.21 7.01 2.73
CA ALA A 13 -12.22 7.35 3.75
C ALA A 13 -13.07 6.16 4.19
N LYS A 14 -13.06 5.07 3.42
CA LYS A 14 -13.77 3.85 3.83
C LYS A 14 -13.07 3.23 5.03
N GLY A 15 -11.85 3.68 5.28
CA GLY A 15 -10.99 3.07 6.26
C GLY A 15 -10.14 2.00 5.64
N ARG A 16 -9.71 2.26 4.41
CA ARG A 16 -8.86 1.35 3.67
C ARG A 16 -7.46 1.93 3.59
N THR A 17 -6.52 1.35 4.32
CA THR A 17 -5.16 1.86 4.34
C THR A 17 -4.21 0.87 3.67
N TYR A 18 -3.84 1.15 2.43
CA TYR A 18 -2.97 0.27 1.68
C TYR A 18 -1.58 0.87 1.51
N TYR A 19 -0.56 0.07 1.77
CA TYR A 19 0.82 0.46 1.53
C TYR A 19 1.20 0.03 0.12
N VAL A 20 1.41 0.99 -0.76
CA VAL A 20 1.74 0.67 -2.14
C VAL A 20 3.16 1.11 -2.48
N ASN A 21 3.78 0.37 -3.39
CA ASN A 21 5.15 0.65 -3.77
C ASN A 21 5.27 0.80 -5.28
N HIS A 22 5.86 1.91 -5.72
CA HIS A 22 6.11 2.13 -7.15
C HIS A 22 7.39 1.45 -7.59
N ASN A 23 8.22 1.06 -6.63
CA ASN A 23 9.53 0.46 -6.92
C ASN A 23 9.38 -0.92 -7.53
N ASN A 24 8.84 -1.86 -6.76
CA ASN A 24 8.64 -3.23 -7.23
C ASN A 24 7.23 -3.39 -7.79
N ARG A 25 6.37 -2.41 -7.49
CA ARG A 25 4.96 -2.43 -7.89
C ARG A 25 4.22 -3.52 -7.12
N THR A 26 4.06 -3.27 -5.84
CA THR A 26 3.45 -4.21 -4.92
C THR A 26 2.75 -3.46 -3.78
N THR A 27 1.68 -4.02 -3.24
CA THR A 27 1.01 -3.41 -2.11
C THR A 27 0.68 -4.45 -1.03
N THR A 28 0.72 -4.03 0.23
CA THR A 28 0.55 -4.94 1.35
C THR A 28 -0.07 -4.22 2.54
N TRP A 29 -0.82 -4.94 3.37
CA TRP A 29 -1.40 -4.37 4.59
C TRP A 29 -0.33 -4.28 5.69
N THR A 30 0.81 -4.91 5.46
CA THR A 30 1.87 -4.97 6.45
C THR A 30 2.80 -3.77 6.32
N ARG A 31 3.38 -3.35 7.44
CA ARG A 31 4.34 -2.27 7.43
C ARG A 31 5.70 -2.76 6.95
N PRO A 32 6.20 -2.23 5.82
CA PRO A 32 7.50 -2.61 5.27
C PRO A 32 8.64 -1.94 6.03
N ILE A 33 9.70 -2.71 6.30
CA ILE A 33 10.87 -2.20 7.00
C ILE A 33 11.86 -1.62 6.00
N GLY A 34 12.20 -2.41 4.99
CA GLY A 34 13.13 -1.96 3.98
C GLY A 34 12.43 -1.28 2.83
N GLU B 1 -4.60 -6.11 9.46
CA GLU B 1 -5.92 -5.50 9.18
C GLU B 1 -6.96 -6.57 8.87
N LEU B 2 -6.50 -7.77 8.48
CA LEU B 2 -7.38 -8.92 8.18
C LEU B 2 -8.24 -8.67 6.95
N GLU B 3 -7.92 -7.60 6.23
CA GLU B 3 -8.66 -7.22 5.03
C GLU B 3 -8.27 -8.12 3.85
N SER B 4 -9.20 -8.25 2.90
CA SER B 4 -8.94 -8.97 1.66
C SER B 4 -7.73 -8.37 0.97
N PRO B 5 -6.90 -9.20 0.29
CA PRO B 5 -5.66 -8.75 -0.34
C PRO B 5 -5.84 -7.49 -1.19
N PRO B 6 -4.92 -6.50 -1.02
CA PRO B 6 -5.01 -5.21 -1.71
C PRO B 6 -5.26 -5.32 -3.20
N PRO B 7 -5.93 -4.30 -3.76
CA PRO B 7 -6.24 -4.24 -5.19
C PRO B 7 -4.97 -4.29 -6.04
N PRO B 8 -4.98 -5.09 -7.11
CA PRO B 8 -3.81 -5.28 -7.98
C PRO B 8 -3.16 -3.97 -8.39
N TYR B 9 -1.90 -3.81 -8.01
CA TYR B 9 -1.20 -2.57 -8.24
C TYR B 9 -0.49 -2.59 -9.58
N SER B 10 -0.87 -1.67 -10.45
CA SER B 10 -0.21 -1.53 -11.75
C SER B 10 0.75 -0.34 -11.73
N ARG B 11 0.20 0.87 -11.79
CA ARG B 11 1.03 2.08 -11.73
C ARG B 11 0.63 2.95 -10.54
N TYR B 12 -0.66 3.27 -10.46
CA TYR B 12 -1.18 4.09 -9.37
C TYR B 12 -2.20 3.28 -8.58
N PRO B 13 -2.32 3.55 -7.27
CA PRO B 13 -3.25 2.83 -6.37
C PRO B 13 -4.70 3.17 -6.64
N MET B 14 -5.53 2.13 -6.71
CA MET B 14 -6.95 2.30 -6.92
C MET B 14 -7.73 1.34 -6.03
N ASP B 15 -8.64 1.88 -5.22
CA ASP B 15 -9.39 1.08 -4.26
C ASP B 15 -10.88 1.39 -4.36
N PRO A 1 9.14 4.15 12.43
CA PRO A 1 8.59 3.81 11.09
C PRO A 1 9.53 4.28 9.99
N GLY A 2 9.87 3.38 9.08
CA GLY A 2 10.76 3.73 7.98
C GLY A 2 10.01 3.89 6.67
N LEU A 3 9.99 5.11 6.15
CA LEU A 3 9.34 5.40 4.88
C LEU A 3 10.39 5.37 3.77
N PRO A 4 10.36 4.34 2.89
CA PRO A 4 11.30 4.23 1.80
C PRO A 4 10.78 4.91 0.52
N SER A 5 11.71 5.40 -0.28
CA SER A 5 11.37 6.18 -1.47
C SER A 5 10.74 5.27 -2.54
N GLY A 6 9.58 5.70 -3.03
CA GLY A 6 8.86 4.90 -4.00
C GLY A 6 7.59 4.34 -3.41
N TRP A 7 7.50 4.34 -2.09
CA TRP A 7 6.33 3.85 -1.39
C TRP A 7 5.36 5.00 -1.11
N GLU A 8 4.11 4.84 -1.53
CA GLU A 8 3.09 5.81 -1.16
C GLU A 8 2.07 5.16 -0.25
N GLU A 9 2.05 5.61 0.98
CA GLU A 9 1.23 5.00 2.02
C GLU A 9 -0.03 5.80 2.19
N ARG A 10 -1.16 5.19 1.92
CA ARG A 10 -2.37 5.93 1.76
C ARG A 10 -3.54 5.30 2.51
N LYS A 11 -4.11 6.07 3.41
CA LYS A 11 -5.28 5.65 4.14
C LYS A 11 -6.53 6.21 3.47
N ASP A 12 -7.35 5.33 2.95
CA ASP A 12 -8.52 5.71 2.17
C ASP A 12 -9.72 5.90 3.08
N ALA A 13 -10.64 6.79 2.68
CA ALA A 13 -11.73 7.26 3.54
C ALA A 13 -12.65 6.13 4.01
N LYS A 14 -12.71 5.03 3.26
CA LYS A 14 -13.50 3.87 3.67
C LYS A 14 -12.88 3.20 4.89
N GLY A 15 -11.64 3.56 5.16
CA GLY A 15 -10.83 2.86 6.12
C GLY A 15 -10.04 1.76 5.48
N ARG A 16 -9.38 2.11 4.38
CA ARG A 16 -8.56 1.19 3.64
C ARG A 16 -7.10 1.59 3.77
N THR A 17 -6.32 0.80 4.51
CA THR A 17 -4.93 1.12 4.74
C THR A 17 -4.02 0.28 3.86
N TYR A 18 -3.72 0.79 2.67
CA TYR A 18 -2.87 0.07 1.74
C TYR A 18 -1.54 0.79 1.54
N TYR A 19 -0.46 0.05 1.67
CA TYR A 19 0.86 0.57 1.36
C TYR A 19 1.25 0.11 -0.04
N VAL A 20 1.39 1.06 -0.96
CA VAL A 20 1.72 0.71 -2.33
C VAL A 20 3.15 1.14 -2.68
N ASN A 21 3.81 0.36 -3.51
CA ASN A 21 5.20 0.61 -3.84
C ASN A 21 5.40 0.74 -5.34
N HIS A 22 5.97 1.86 -5.76
CA HIS A 22 6.26 2.11 -7.18
C HIS A 22 7.50 1.36 -7.62
N ASN A 23 8.35 1.00 -6.66
CA ASN A 23 9.60 0.32 -6.95
C ASN A 23 9.36 -1.06 -7.54
N ASN A 24 8.80 -1.93 -6.72
CA ASN A 24 8.61 -3.32 -7.10
C ASN A 24 7.19 -3.55 -7.61
N ARG A 25 6.33 -2.57 -7.34
CA ARG A 25 4.93 -2.59 -7.78
C ARG A 25 4.13 -3.61 -6.99
N THR A 26 3.91 -3.31 -5.73
CA THR A 26 3.19 -4.19 -4.83
C THR A 26 2.46 -3.38 -3.77
N THR A 27 1.34 -3.89 -3.30
CA THR A 27 0.62 -3.26 -2.22
C THR A 27 0.32 -4.27 -1.12
N THR A 28 0.39 -3.82 0.13
CA THR A 28 0.25 -4.72 1.27
C THR A 28 -0.40 -3.99 2.45
N TRP A 29 -1.13 -4.75 3.27
CA TRP A 29 -1.74 -4.20 4.49
C TRP A 29 -0.66 -3.97 5.56
N THR A 30 0.50 -4.57 5.36
CA THR A 30 1.55 -4.57 6.36
C THR A 30 2.39 -3.30 6.30
N ARG A 31 2.81 -2.81 7.46
CA ARG A 31 3.67 -1.63 7.54
C ARG A 31 5.11 -2.00 7.20
N PRO A 32 5.65 -1.47 6.09
CA PRO A 32 7.04 -1.67 5.73
C PRO A 32 7.97 -0.86 6.65
N ILE A 33 8.72 -1.56 7.48
CA ILE A 33 9.66 -0.90 8.37
C ILE A 33 11.02 -0.75 7.69
N GLY A 34 11.41 -1.74 6.91
CA GLY A 34 12.67 -1.71 6.24
C GLY A 34 12.57 -1.07 4.87
N GLU B 1 -6.24 -6.74 10.00
CA GLU B 1 -7.18 -6.18 9.00
C GLU B 1 -8.17 -7.25 8.55
N LEU B 2 -7.73 -8.50 8.48
CA LEU B 2 -8.58 -9.63 8.10
C LEU B 2 -9.14 -9.45 6.69
N GLU B 3 -8.50 -8.59 5.92
CA GLU B 3 -8.98 -8.22 4.60
C GLU B 3 -8.30 -9.00 3.49
N SER B 4 -9.09 -9.31 2.47
CA SER B 4 -8.57 -9.86 1.23
C SER B 4 -7.43 -8.99 0.71
N PRO B 5 -6.42 -9.59 0.07
CA PRO B 5 -5.24 -8.88 -0.42
C PRO B 5 -5.61 -7.62 -1.22
N PRO B 6 -4.88 -6.50 -0.99
CA PRO B 6 -5.19 -5.20 -1.59
C PRO B 6 -5.42 -5.25 -3.10
N PRO B 7 -6.19 -4.26 -3.60
CA PRO B 7 -6.48 -4.12 -5.04
C PRO B 7 -5.21 -4.13 -5.87
N PRO B 8 -5.19 -4.91 -6.96
CA PRO B 8 -3.99 -5.09 -7.80
C PRO B 8 -3.36 -3.77 -8.19
N TYR B 9 -2.11 -3.59 -7.80
CA TYR B 9 -1.40 -2.36 -8.05
C TYR B 9 -0.74 -2.40 -9.43
N SER B 10 -1.32 -1.67 -10.37
CA SER B 10 -0.78 -1.65 -11.71
C SER B 10 0.21 -0.50 -11.87
N ARG B 11 -0.31 0.72 -11.96
CA ARG B 11 0.55 1.90 -12.02
C ARG B 11 0.26 2.85 -10.86
N TYR B 12 -1.01 3.20 -10.69
CA TYR B 12 -1.42 4.12 -9.63
C TYR B 12 -2.24 3.37 -8.57
N PRO B 13 -2.29 3.89 -7.32
CA PRO B 13 -3.10 3.27 -6.26
C PRO B 13 -4.59 3.51 -6.46
N MET B 14 -5.36 2.43 -6.50
CA MET B 14 -6.80 2.53 -6.73
C MET B 14 -7.56 1.55 -5.84
N ASP B 15 -8.40 2.08 -4.96
CA ASP B 15 -9.22 1.26 -4.08
C ASP B 15 -10.69 1.57 -4.33
N PRO A 1 9.06 4.59 12.57
CA PRO A 1 8.65 4.00 11.28
C PRO A 1 9.33 4.72 10.12
N GLY A 2 10.15 3.98 9.39
CA GLY A 2 10.85 4.57 8.26
C GLY A 2 10.02 4.53 7.00
N LEU A 3 10.03 5.61 6.24
CA LEU A 3 9.31 5.68 4.98
C LEU A 3 10.30 5.51 3.83
N PRO A 4 10.13 4.45 3.02
CA PRO A 4 11.02 4.18 1.90
C PRO A 4 10.53 4.84 0.60
N SER A 5 11.48 5.35 -0.18
CA SER A 5 11.18 6.06 -1.41
C SER A 5 10.61 5.10 -2.45
N GLY A 6 9.46 5.46 -3.00
CA GLY A 6 8.79 4.59 -3.95
C GLY A 6 7.48 4.08 -3.39
N TRP A 7 7.37 4.09 -2.06
CA TRP A 7 6.17 3.64 -1.38
C TRP A 7 5.25 4.81 -1.07
N GLU A 8 4.03 4.74 -1.54
CA GLU A 8 3.02 5.72 -1.17
C GLU A 8 2.08 5.12 -0.12
N GLU A 9 2.22 5.59 1.10
CA GLU A 9 1.47 5.07 2.23
C GLU A 9 0.23 5.91 2.42
N ARG A 10 -0.91 5.34 2.09
CA ARG A 10 -2.13 6.13 1.96
C ARG A 10 -3.32 5.47 2.64
N LYS A 11 -3.89 6.19 3.59
CA LYS A 11 -5.10 5.75 4.26
C LYS A 11 -6.32 6.37 3.58
N ASP A 12 -7.17 5.51 3.06
CA ASP A 12 -8.31 5.95 2.28
C ASP A 12 -9.54 6.17 3.17
N ALA A 13 -10.40 7.11 2.76
CA ALA A 13 -11.53 7.58 3.57
C ALA A 13 -12.50 6.48 3.96
N LYS A 14 -12.59 5.43 3.14
CA LYS A 14 -13.46 4.29 3.45
C LYS A 14 -12.92 3.51 4.63
N GLY A 15 -11.66 3.79 4.96
CA GLY A 15 -10.93 2.99 5.91
C GLY A 15 -10.20 1.87 5.22
N ARG A 16 -9.34 2.26 4.28
CA ARG A 16 -8.54 1.34 3.50
C ARG A 16 -7.07 1.71 3.63
N THR A 17 -6.30 0.89 4.32
CA THR A 17 -4.89 1.18 4.53
C THR A 17 -4.02 0.38 3.57
N TYR A 18 -3.72 0.95 2.41
CA TYR A 18 -2.90 0.27 1.43
C TYR A 18 -1.54 0.94 1.27
N TYR A 19 -0.50 0.15 1.50
CA TYR A 19 0.86 0.59 1.23
C TYR A 19 1.27 0.08 -0.15
N VAL A 20 1.31 0.97 -1.12
CA VAL A 20 1.63 0.58 -2.49
C VAL A 20 3.04 1.02 -2.87
N ASN A 21 3.84 0.05 -3.32
CA ASN A 21 5.20 0.31 -3.74
C ASN A 21 5.29 0.43 -5.25
N HIS A 22 5.84 1.55 -5.71
CA HIS A 22 6.02 1.78 -7.13
C HIS A 22 7.27 1.08 -7.65
N ASN A 23 8.13 0.65 -6.74
CA ASN A 23 9.41 0.06 -7.11
C ASN A 23 9.24 -1.33 -7.72
N ASN A 24 8.56 -2.22 -7.01
CA ASN A 24 8.40 -3.61 -7.45
C ASN A 24 6.97 -3.90 -7.90
N ARG A 25 6.06 -2.98 -7.55
CA ARG A 25 4.62 -3.11 -7.84
C ARG A 25 3.99 -4.11 -6.88
N THR A 26 3.89 -3.71 -5.63
CA THR A 26 3.33 -4.58 -4.58
C THR A 26 2.66 -3.73 -3.50
N THR A 27 1.54 -4.20 -3.00
CA THR A 27 0.85 -3.51 -1.93
C THR A 27 0.50 -4.49 -0.81
N THR A 28 0.58 -4.03 0.43
CA THR A 28 0.39 -4.90 1.57
C THR A 28 -0.28 -4.17 2.73
N TRP A 29 -1.03 -4.90 3.55
CA TRP A 29 -1.73 -4.33 4.70
C TRP A 29 -0.74 -4.05 5.85
N THR A 30 0.43 -4.68 5.79
CA THR A 30 1.39 -4.59 6.89
C THR A 30 2.31 -3.37 6.72
N ARG A 31 2.76 -2.83 7.84
CA ARG A 31 3.62 -1.65 7.84
C ARG A 31 5.07 -2.02 7.52
N PRO A 32 5.59 -1.55 6.39
CA PRO A 32 6.99 -1.75 6.02
C PRO A 32 7.92 -0.82 6.80
N ILE A 33 8.91 -1.40 7.47
CA ILE A 33 9.89 -0.61 8.21
C ILE A 33 11.08 -0.27 7.33
N GLY A 34 11.75 -1.31 6.82
CA GLY A 34 12.89 -1.11 5.96
C GLY A 34 12.49 -1.03 4.51
N GLU B 1 -6.60 -7.00 9.98
CA GLU B 1 -7.43 -6.60 8.83
C GLU B 1 -8.23 -7.79 8.30
N LEU B 2 -7.56 -8.95 8.20
CA LEU B 2 -8.19 -10.19 7.73
C LEU B 2 -8.83 -9.99 6.35
N GLU B 3 -8.31 -9.02 5.62
CA GLU B 3 -8.84 -8.66 4.32
C GLU B 3 -8.19 -9.47 3.23
N SER B 4 -8.89 -9.61 2.12
CA SER B 4 -8.30 -10.12 0.91
C SER B 4 -7.15 -9.21 0.50
N PRO B 5 -6.10 -9.74 -0.13
CA PRO B 5 -4.94 -8.93 -0.55
C PRO B 5 -5.37 -7.67 -1.29
N PRO B 6 -4.69 -6.53 -1.02
CA PRO B 6 -5.11 -5.21 -1.52
C PRO B 6 -5.41 -5.18 -3.01
N PRO B 7 -6.33 -4.28 -3.42
CA PRO B 7 -6.77 -4.12 -4.80
C PRO B 7 -5.60 -4.04 -5.79
N PRO B 8 -5.75 -4.67 -6.98
CA PRO B 8 -4.67 -4.74 -7.98
C PRO B 8 -4.05 -3.38 -8.30
N TYR B 9 -2.75 -3.30 -8.11
CA TYR B 9 -1.99 -2.09 -8.39
C TYR B 9 -1.21 -2.24 -9.68
N SER B 10 -1.36 -1.29 -10.59
CA SER B 10 -0.57 -1.26 -11.81
C SER B 10 0.45 -0.12 -11.76
N ARG B 11 -0.01 1.12 -11.94
CA ARG B 11 0.86 2.28 -11.83
C ARG B 11 0.38 3.24 -10.74
N TYR B 12 -0.92 3.52 -10.72
CA TYR B 12 -1.49 4.36 -9.69
C TYR B 12 -2.31 3.52 -8.72
N PRO B 13 -2.22 3.82 -7.41
CA PRO B 13 -2.98 3.11 -6.38
C PRO B 13 -4.47 3.42 -6.46
N MET B 14 -5.28 2.37 -6.43
CA MET B 14 -6.72 2.53 -6.56
C MET B 14 -7.43 1.51 -5.66
N ASP B 15 -8.48 1.95 -4.99
CA ASP B 15 -9.24 1.09 -4.09
C ASP B 15 -10.74 1.26 -4.34
N PRO A 1 9.60 2.41 11.89
CA PRO A 1 9.08 2.32 10.51
C PRO A 1 9.15 3.68 9.82
N GLY A 2 10.01 3.79 8.83
CA GLY A 2 10.17 5.02 8.09
C GLY A 2 9.64 4.91 6.69
N LEU A 3 9.17 6.03 6.14
CA LEU A 3 8.69 6.06 4.77
C LEU A 3 9.89 5.92 3.82
N PRO A 4 9.97 4.80 3.08
CA PRO A 4 11.04 4.57 2.12
C PRO A 4 10.69 5.10 0.73
N SER A 5 11.72 5.52 0.00
CA SER A 5 11.53 6.11 -1.32
C SER A 5 11.06 5.05 -2.32
N GLY A 6 9.85 5.25 -2.85
CA GLY A 6 9.28 4.31 -3.77
C GLY A 6 7.96 3.76 -3.26
N TRP A 7 7.75 3.90 -1.96
CA TRP A 7 6.51 3.49 -1.32
C TRP A 7 5.63 4.70 -1.07
N GLU A 8 4.33 4.57 -1.28
CA GLU A 8 3.41 5.64 -0.89
C GLU A 8 2.33 5.09 0.04
N GLU A 9 2.21 5.72 1.20
CA GLU A 9 1.30 5.27 2.25
C GLU A 9 -0.02 5.98 2.09
N ARG A 10 -1.01 5.30 1.59
CA ARG A 10 -2.22 5.98 1.22
C ARG A 10 -3.43 5.35 1.91
N LYS A 11 -3.99 6.13 2.84
CA LYS A 11 -5.11 5.68 3.64
C LYS A 11 -6.39 6.30 3.10
N ASP A 12 -7.30 5.45 2.67
CA ASP A 12 -8.53 5.90 2.03
C ASP A 12 -9.63 6.12 3.06
N ALA A 13 -10.52 7.06 2.76
CA ALA A 13 -11.52 7.56 3.72
C ALA A 13 -12.44 6.47 4.26
N LYS A 14 -12.67 5.42 3.48
CA LYS A 14 -13.49 4.30 3.94
C LYS A 14 -12.80 3.55 5.07
N GLY A 15 -11.52 3.84 5.23
CA GLY A 15 -10.68 3.06 6.09
C GLY A 15 -10.02 1.94 5.33
N ARG A 16 -9.29 2.32 4.30
CA ARG A 16 -8.55 1.37 3.48
C ARG A 16 -7.07 1.71 3.53
N THR A 17 -6.30 0.93 4.25
CA THR A 17 -4.89 1.19 4.44
C THR A 17 -4.05 0.33 3.50
N TYR A 18 -3.72 0.87 2.34
CA TYR A 18 -2.89 0.14 1.39
C TYR A 18 -1.56 0.83 1.16
N TYR A 19 -0.49 0.12 1.47
CA TYR A 19 0.85 0.59 1.19
C TYR A 19 1.26 0.12 -0.19
N VAL A 20 1.42 1.06 -1.12
CA VAL A 20 1.74 0.71 -2.49
C VAL A 20 3.19 1.05 -2.82
N ASN A 21 3.85 0.15 -3.53
CA ASN A 21 5.26 0.29 -3.85
C ASN A 21 5.47 0.40 -5.36
N HIS A 22 6.18 1.44 -5.79
CA HIS A 22 6.48 1.65 -7.22
C HIS A 22 7.74 0.89 -7.62
N ASN A 23 8.52 0.49 -6.63
CA ASN A 23 9.80 -0.17 -6.86
C ASN A 23 9.61 -1.47 -7.63
N ASN A 24 8.96 -2.43 -7.01
CA ASN A 24 8.73 -3.73 -7.61
C ASN A 24 7.29 -3.88 -8.08
N ARG A 25 6.44 -2.96 -7.61
CA ARG A 25 5.01 -2.89 -7.97
C ARG A 25 4.20 -3.90 -7.18
N THR A 26 4.05 -3.64 -5.89
CA THR A 26 3.26 -4.48 -5.01
C THR A 26 2.65 -3.64 -3.90
N THR A 27 1.49 -4.06 -3.41
CA THR A 27 0.85 -3.39 -2.30
C THR A 27 0.65 -4.36 -1.14
N THR A 28 0.76 -3.86 0.08
CA THR A 28 0.71 -4.71 1.27
C THR A 28 -0.10 -4.05 2.39
N TRP A 29 -0.74 -4.89 3.22
CA TRP A 29 -1.53 -4.40 4.35
C TRP A 29 -0.63 -4.01 5.53
N THR A 30 0.55 -4.63 5.59
CA THR A 30 1.41 -4.48 6.75
C THR A 30 2.39 -3.32 6.56
N ARG A 31 2.77 -2.70 7.67
CA ARG A 31 3.71 -1.60 7.63
C ARG A 31 5.13 -2.11 7.45
N PRO A 32 5.86 -1.56 6.45
CA PRO A 32 7.28 -1.83 6.31
C PRO A 32 8.06 -1.17 7.44
N ILE A 33 8.82 -1.98 8.17
CA ILE A 33 9.43 -1.55 9.43
C ILE A 33 10.77 -0.85 9.21
N GLY A 34 11.28 -0.89 7.99
CA GLY A 34 12.57 -0.29 7.72
C GLY A 34 12.47 1.22 7.54
N GLU B 1 -4.88 -8.05 8.92
CA GLU B 1 -5.93 -7.05 8.62
C GLU B 1 -7.27 -7.74 8.43
N LEU B 2 -7.25 -9.08 8.38
CA LEU B 2 -8.45 -9.88 8.12
C LEU B 2 -9.00 -9.58 6.72
N GLU B 3 -8.19 -8.93 5.91
CA GLU B 3 -8.59 -8.46 4.61
C GLU B 3 -7.93 -9.25 3.50
N SER B 4 -8.68 -9.51 2.45
CA SER B 4 -8.13 -10.07 1.23
C SER B 4 -7.11 -9.09 0.65
N PRO B 5 -6.12 -9.59 -0.12
CA PRO B 5 -5.02 -8.76 -0.66
C PRO B 5 -5.54 -7.48 -1.32
N PRO B 6 -4.85 -6.34 -1.11
CA PRO B 6 -5.29 -5.03 -1.61
C PRO B 6 -5.63 -5.05 -3.09
N PRO B 7 -6.49 -4.10 -3.49
CA PRO B 7 -6.91 -3.94 -4.89
C PRO B 7 -5.70 -3.91 -5.83
N PRO B 8 -5.75 -4.72 -6.92
CA PRO B 8 -4.62 -4.88 -7.84
C PRO B 8 -4.01 -3.56 -8.29
N TYR B 9 -2.72 -3.42 -8.03
CA TYR B 9 -2.00 -2.19 -8.32
C TYR B 9 -1.39 -2.24 -9.71
N SER B 10 -1.89 -1.41 -10.60
CA SER B 10 -1.37 -1.32 -11.96
C SER B 10 -0.33 -0.20 -12.07
N ARG B 11 -0.80 1.04 -12.10
CA ARG B 11 0.09 2.19 -12.14
C ARG B 11 -0.14 3.08 -10.92
N TYR B 12 -1.38 3.47 -10.70
CA TYR B 12 -1.74 4.31 -9.57
C TYR B 12 -2.67 3.56 -8.62
N PRO B 13 -2.74 3.98 -7.33
CA PRO B 13 -3.60 3.32 -6.34
C PRO B 13 -5.09 3.55 -6.61
N MET B 14 -5.87 2.49 -6.54
CA MET B 14 -7.30 2.57 -6.79
C MET B 14 -8.06 1.70 -5.80
N ASP B 15 -9.07 2.28 -5.15
CA ASP B 15 -9.87 1.56 -4.16
C ASP B 15 -11.32 1.99 -4.27
N PRO A 1 9.45 6.32 12.97
CA PRO A 1 8.90 6.57 11.62
C PRO A 1 9.78 5.95 10.54
N GLY A 2 9.25 4.95 9.85
CA GLY A 2 10.00 4.31 8.79
C GLY A 2 9.27 4.36 7.47
N LEU A 3 9.53 5.41 6.71
CA LEU A 3 8.87 5.59 5.42
C LEU A 3 9.91 5.47 4.30
N PRO A 4 9.79 4.45 3.45
CA PRO A 4 10.72 4.22 2.36
C PRO A 4 10.32 4.95 1.07
N SER A 5 11.32 5.42 0.33
CA SER A 5 11.09 6.17 -0.88
C SER A 5 10.53 5.29 -2.00
N GLY A 6 9.49 5.77 -2.66
CA GLY A 6 8.85 4.99 -3.69
C GLY A 6 7.55 4.37 -3.23
N TRP A 7 7.31 4.46 -1.93
CA TRP A 7 6.10 3.95 -1.33
C TRP A 7 5.14 5.08 -1.00
N GLU A 8 3.89 4.95 -1.40
CA GLU A 8 2.86 5.88 -0.95
C GLU A 8 1.93 5.18 0.03
N GLU A 9 1.96 5.63 1.27
CA GLU A 9 1.18 5.01 2.34
C GLU A 9 -0.14 5.73 2.44
N ARG A 10 -1.15 5.20 1.81
CA ARG A 10 -2.35 5.94 1.58
C ARG A 10 -3.57 5.28 2.22
N LYS A 11 -4.20 6.05 3.09
CA LYS A 11 -5.35 5.58 3.84
C LYS A 11 -6.62 6.09 3.17
N ASP A 12 -7.44 5.17 2.72
CA ASP A 12 -8.66 5.51 2.00
C ASP A 12 -9.83 5.68 2.96
N ALA A 13 -10.78 6.54 2.60
CA ALA A 13 -11.86 6.96 3.50
C ALA A 13 -12.72 5.80 4.01
N LYS A 14 -12.79 4.71 3.25
CA LYS A 14 -13.53 3.52 3.68
C LYS A 14 -12.81 2.86 4.85
N GLY A 15 -11.57 3.26 5.03
CA GLY A 15 -10.68 2.60 5.94
C GLY A 15 -9.91 1.51 5.26
N ARG A 16 -9.23 1.89 4.19
CA ARG A 16 -8.41 0.99 3.42
C ARG A 16 -6.96 1.44 3.52
N THR A 17 -6.14 0.69 4.23
CA THR A 17 -4.75 1.05 4.40
C THR A 17 -3.86 0.25 3.46
N TYR A 18 -3.64 0.77 2.27
CA TYR A 18 -2.80 0.11 1.30
C TYR A 18 -1.50 0.87 1.08
N TYR A 19 -0.39 0.19 1.33
CA TYR A 19 0.92 0.75 1.09
C TYR A 19 1.43 0.27 -0.26
N VAL A 20 1.49 1.16 -1.22
CA VAL A 20 1.93 0.79 -2.56
C VAL A 20 3.34 1.27 -2.84
N ASN A 21 4.12 0.40 -3.45
CA ASN A 21 5.48 0.73 -3.84
C ASN A 21 5.60 0.75 -5.35
N HIS A 22 6.14 1.85 -5.88
CA HIS A 22 6.39 1.95 -7.31
C HIS A 22 7.72 1.32 -7.67
N ASN A 23 8.55 1.07 -6.65
CA ASN A 23 9.89 0.52 -6.87
C ASN A 23 9.84 -0.94 -7.31
N ASN A 24 9.34 -1.80 -6.45
CA ASN A 24 9.25 -3.23 -6.76
C ASN A 24 7.86 -3.60 -7.28
N ARG A 25 6.91 -2.69 -7.08
CA ARG A 25 5.51 -2.88 -7.47
C ARG A 25 4.83 -3.87 -6.53
N THR A 26 4.62 -3.41 -5.30
CA THR A 26 4.05 -4.25 -4.25
C THR A 26 3.12 -3.42 -3.35
N THR A 27 2.00 -4.00 -2.93
CA THR A 27 1.12 -3.33 -1.99
C THR A 27 0.75 -4.27 -0.83
N THR A 28 0.65 -3.72 0.36
CA THR A 28 0.41 -4.49 1.57
C THR A 28 -0.36 -3.65 2.60
N TRP A 29 -1.17 -4.31 3.43
CA TRP A 29 -1.84 -3.64 4.55
C TRP A 29 -0.85 -3.38 5.69
N THR A 30 0.31 -4.02 5.59
CA THR A 30 1.27 -4.07 6.67
C THR A 30 2.38 -3.03 6.47
N ARG A 31 2.95 -2.53 7.57
CA ARG A 31 4.05 -1.59 7.50
C ARG A 31 5.31 -2.29 6.97
N PRO A 32 5.82 -1.84 5.82
CA PRO A 32 6.99 -2.44 5.18
C PRO A 32 8.29 -2.12 5.90
N ILE A 33 8.92 -3.16 6.45
CA ILE A 33 10.22 -2.99 7.07
C ILE A 33 11.33 -3.20 6.05
N GLY A 34 11.08 -4.08 5.07
CA GLY A 34 12.05 -4.36 4.05
C GLY A 34 11.91 -3.45 2.85
N GLU B 1 -6.24 -6.11 9.98
CA GLU B 1 -7.23 -5.73 8.94
C GLU B 1 -8.14 -6.90 8.58
N LEU B 2 -7.55 -8.10 8.49
CA LEU B 2 -8.31 -9.33 8.19
C LEU B 2 -8.93 -9.28 6.80
N GLU B 3 -8.55 -8.28 6.02
CA GLU B 3 -9.11 -8.09 4.69
C GLU B 3 -8.43 -8.98 3.67
N SER B 4 -9.02 -9.07 2.49
CA SER B 4 -8.39 -9.72 1.37
C SER B 4 -7.24 -8.83 0.89
N PRO B 5 -6.20 -9.41 0.26
CA PRO B 5 -5.04 -8.66 -0.22
C PRO B 5 -5.42 -7.41 -1.03
N PRO B 6 -4.67 -6.30 -0.84
CA PRO B 6 -4.97 -5.01 -1.47
C PRO B 6 -5.23 -5.11 -2.97
N PRO B 7 -6.10 -4.21 -3.48
CA PRO B 7 -6.49 -4.17 -4.89
C PRO B 7 -5.29 -4.15 -5.82
N PRO B 8 -5.37 -4.87 -6.95
CA PRO B 8 -4.26 -5.04 -7.88
C PRO B 8 -3.60 -3.72 -8.27
N TYR B 9 -2.31 -3.62 -7.98
CA TYR B 9 -1.54 -2.45 -8.33
C TYR B 9 -1.23 -2.45 -9.82
N SER B 10 -1.67 -1.42 -10.53
CA SER B 10 -1.37 -1.29 -11.94
C SER B 10 -0.34 -0.18 -12.15
N ARG B 11 -0.78 1.07 -12.06
CA ARG B 11 0.12 2.22 -12.14
C ARG B 11 0.03 3.03 -10.85
N TYR B 12 -1.17 3.46 -10.51
CA TYR B 12 -1.42 4.22 -9.30
C TYR B 12 -2.40 3.46 -8.40
N PRO B 13 -2.49 3.83 -7.11
CA PRO B 13 -3.37 3.15 -6.16
C PRO B 13 -4.85 3.41 -6.43
N MET B 14 -5.64 2.35 -6.49
CA MET B 14 -7.07 2.45 -6.73
C MET B 14 -7.82 1.42 -5.89
N ASP B 15 -8.64 1.89 -4.95
CA ASP B 15 -9.42 1.00 -4.11
C ASP B 15 -10.89 1.05 -4.52
N PRO A 1 9.33 5.53 13.03
CA PRO A 1 8.82 4.58 12.03
C PRO A 1 9.42 4.90 10.66
N GLY A 2 10.21 3.96 10.14
CA GLY A 2 10.87 4.18 8.87
C GLY A 2 9.94 4.18 7.70
N LEU A 3 10.15 5.12 6.79
CA LEU A 3 9.39 5.20 5.55
C LEU A 3 10.33 4.88 4.39
N PRO A 4 9.99 3.88 3.56
CA PRO A 4 10.83 3.49 2.43
C PRO A 4 10.49 4.26 1.15
N SER A 5 11.53 4.63 0.42
CA SER A 5 11.37 5.44 -0.80
C SER A 5 10.71 4.62 -1.91
N GLY A 6 9.68 5.19 -2.51
CA GLY A 6 8.93 4.50 -3.53
C GLY A 6 7.56 4.11 -3.05
N TRP A 7 7.40 4.09 -1.73
CA TRP A 7 6.15 3.71 -1.11
C TRP A 7 5.30 4.93 -0.78
N GLU A 8 4.00 4.82 -1.00
CA GLU A 8 3.08 5.85 -0.58
C GLU A 8 2.01 5.25 0.32
N GLU A 9 1.84 5.84 1.49
CA GLU A 9 0.95 5.31 2.51
C GLU A 9 -0.37 6.03 2.40
N ARG A 10 -1.32 5.39 1.78
CA ARG A 10 -2.53 6.08 1.41
C ARG A 10 -3.75 5.41 2.01
N LYS A 11 -4.43 6.17 2.84
CA LYS A 11 -5.56 5.67 3.58
C LYS A 11 -6.83 6.27 2.99
N ASP A 12 -7.69 5.39 2.49
CA ASP A 12 -8.86 5.81 1.74
C ASP A 12 -10.05 6.01 2.67
N ALA A 13 -10.94 6.93 2.29
CA ALA A 13 -12.00 7.43 3.17
C ALA A 13 -12.96 6.34 3.67
N LYS A 14 -13.10 5.26 2.92
CA LYS A 14 -13.94 4.13 3.33
C LYS A 14 -13.31 3.43 4.54
N GLY A 15 -12.05 3.74 4.78
CA GLY A 15 -11.26 3.02 5.72
C GLY A 15 -10.53 1.88 5.06
N ARG A 16 -9.74 2.23 4.07
CA ARG A 16 -8.92 1.28 3.34
C ARG A 16 -7.48 1.74 3.39
N THR A 17 -6.68 1.14 4.27
CA THR A 17 -5.32 1.57 4.46
C THR A 17 -4.34 0.67 3.72
N TYR A 18 -3.94 1.09 2.53
CA TYR A 18 -3.05 0.29 1.71
C TYR A 18 -1.71 1.00 1.51
N TYR A 19 -0.64 0.28 1.82
CA TYR A 19 0.71 0.75 1.56
C TYR A 19 1.13 0.29 0.17
N VAL A 20 1.32 1.22 -0.74
CA VAL A 20 1.63 0.86 -2.12
C VAL A 20 3.04 1.25 -2.52
N ASN A 21 3.70 0.38 -3.26
CA ASN A 21 5.08 0.61 -3.67
C ASN A 21 5.19 0.80 -5.18
N HIS A 22 5.79 1.92 -5.57
CA HIS A 22 6.00 2.21 -6.99
C HIS A 22 7.25 1.50 -7.50
N ASN A 23 8.12 1.08 -6.57
CA ASN A 23 9.40 0.48 -6.95
C ASN A 23 9.19 -0.87 -7.63
N ASN A 24 8.61 -1.82 -6.90
CA ASN A 24 8.40 -3.17 -7.43
C ASN A 24 6.95 -3.36 -7.87
N ARG A 25 6.10 -2.44 -7.43
CA ARG A 25 4.66 -2.46 -7.72
C ARG A 25 3.96 -3.53 -6.88
N THR A 26 3.88 -3.25 -5.59
CA THR A 26 3.30 -4.16 -4.63
C THR A 26 2.67 -3.40 -3.48
N THR A 27 1.53 -3.87 -2.98
CA THR A 27 0.86 -3.23 -1.88
C THR A 27 0.54 -4.24 -0.78
N THR A 28 0.54 -3.76 0.47
CA THR A 28 0.38 -4.62 1.63
C THR A 28 -0.30 -3.86 2.78
N TRP A 29 -1.04 -4.56 3.63
CA TRP A 29 -1.65 -3.95 4.80
C TRP A 29 -0.62 -3.79 5.92
N THR A 30 0.50 -4.49 5.76
CA THR A 30 1.53 -4.52 6.79
C THR A 30 2.48 -3.33 6.62
N ARG A 31 3.05 -2.86 7.73
CA ARG A 31 4.03 -1.78 7.67
C ARG A 31 5.35 -2.30 7.12
N PRO A 32 5.74 -1.84 5.92
CA PRO A 32 6.95 -2.29 5.26
C PRO A 32 8.20 -1.56 5.76
N ILE A 33 9.18 -2.33 6.21
CA ILE A 33 10.48 -1.77 6.54
C ILE A 33 11.39 -1.80 5.32
N GLY A 34 11.25 -2.85 4.52
CA GLY A 34 11.99 -2.96 3.28
C GLY A 34 11.23 -2.35 2.12
N GLU B 1 -6.34 -5.50 10.11
CA GLU B 1 -7.28 -5.40 8.96
C GLU B 1 -7.87 -6.77 8.64
N LEU B 2 -7.01 -7.80 8.55
CA LEU B 2 -7.43 -9.17 8.22
C LEU B 2 -8.07 -9.24 6.83
N GLU B 3 -7.91 -8.18 6.06
CA GLU B 3 -8.49 -8.09 4.73
C GLU B 3 -7.68 -8.88 3.71
N SER B 4 -8.37 -9.35 2.68
CA SER B 4 -7.73 -9.99 1.54
C SER B 4 -6.72 -9.03 0.91
N PRO B 5 -5.68 -9.55 0.25
CA PRO B 5 -4.58 -8.73 -0.30
C PRO B 5 -5.08 -7.56 -1.14
N PRO B 6 -4.51 -6.35 -0.92
CA PRO B 6 -4.95 -5.12 -1.60
C PRO B 6 -5.02 -5.25 -3.12
N PRO B 7 -5.85 -4.41 -3.73
CA PRO B 7 -6.08 -4.38 -5.18
C PRO B 7 -4.77 -4.37 -5.97
N PRO B 8 -4.69 -5.18 -7.04
CA PRO B 8 -3.48 -5.32 -7.87
C PRO B 8 -2.91 -3.99 -8.32
N TYR B 9 -1.67 -3.74 -7.93
CA TYR B 9 -1.03 -2.47 -8.21
C TYR B 9 -0.36 -2.48 -9.57
N SER B 10 -0.74 -1.54 -10.42
CA SER B 10 -0.16 -1.42 -11.75
C SER B 10 0.65 -0.12 -11.84
N ARG B 11 -0.04 1.01 -11.87
CA ARG B 11 0.62 2.31 -11.86
C ARG B 11 0.19 3.14 -10.65
N TYR B 12 -1.12 3.29 -10.49
CA TYR B 12 -1.67 4.10 -9.41
C TYR B 12 -2.55 3.25 -8.51
N PRO B 13 -2.60 3.58 -7.21
CA PRO B 13 -3.44 2.86 -6.24
C PRO B 13 -4.93 3.09 -6.45
N MET B 14 -5.68 2.00 -6.58
CA MET B 14 -7.13 2.10 -6.75
C MET B 14 -7.85 1.34 -5.65
N ASP B 15 -9.01 1.83 -5.27
CA ASP B 15 -9.85 1.18 -4.27
C ASP B 15 -11.31 1.50 -4.55
N PRO A 1 9.45 3.58 12.57
CA PRO A 1 9.66 2.97 11.25
C PRO A 1 9.82 4.04 10.18
N GLY A 2 10.93 3.96 9.45
CA GLY A 2 11.22 4.93 8.41
C GLY A 2 10.39 4.71 7.17
N LEU A 3 10.11 5.79 6.47
CA LEU A 3 9.39 5.70 5.20
C LEU A 3 10.41 5.59 4.07
N PRO A 4 10.36 4.48 3.30
CA PRO A 4 11.27 4.30 2.18
C PRO A 4 10.68 4.86 0.88
N SER A 5 11.56 5.43 0.06
CA SER A 5 11.13 6.17 -1.13
C SER A 5 10.56 5.23 -2.18
N GLY A 6 9.36 5.55 -2.64
CA GLY A 6 8.67 4.71 -3.59
C GLY A 6 7.45 4.07 -2.98
N TRP A 7 7.41 4.07 -1.66
CA TRP A 7 6.27 3.56 -0.91
C TRP A 7 5.31 4.71 -0.61
N GLU A 8 4.09 4.61 -1.11
CA GLU A 8 3.08 5.60 -0.77
C GLU A 8 2.08 5.02 0.21
N GLU A 9 2.08 5.57 1.41
CA GLU A 9 1.24 5.08 2.50
C GLU A 9 -0.06 5.86 2.49
N ARG A 10 -1.08 5.30 1.86
CA ARG A 10 -2.28 6.06 1.59
C ARG A 10 -3.51 5.34 2.12
N LYS A 11 -4.24 6.05 2.96
CA LYS A 11 -5.38 5.50 3.67
C LYS A 11 -6.66 6.02 3.04
N ASP A 12 -7.53 5.11 2.62
CA ASP A 12 -8.77 5.49 1.97
C ASP A 12 -9.88 5.67 3.00
N ALA A 13 -10.83 6.55 2.69
CA ALA A 13 -11.87 6.98 3.64
C ALA A 13 -12.75 5.82 4.13
N LYS A 14 -12.84 4.75 3.34
CA LYS A 14 -13.62 3.57 3.76
C LYS A 14 -12.92 2.86 4.91
N GLY A 15 -11.67 3.22 5.12
CA GLY A 15 -10.82 2.50 6.03
C GLY A 15 -10.07 1.41 5.33
N ARG A 16 -9.44 1.78 4.23
CA ARG A 16 -8.60 0.88 3.46
C ARG A 16 -7.17 1.41 3.48
N THR A 17 -6.32 0.81 4.30
CA THR A 17 -4.96 1.28 4.46
C THR A 17 -3.99 0.46 3.62
N TYR A 18 -3.77 0.89 2.39
CA TYR A 18 -2.92 0.14 1.48
C TYR A 18 -1.58 0.84 1.28
N TYR A 19 -0.51 0.10 1.57
CA TYR A 19 0.83 0.57 1.28
C TYR A 19 1.22 0.12 -0.11
N VAL A 20 1.20 1.04 -1.06
CA VAL A 20 1.50 0.71 -2.44
C VAL A 20 2.92 1.14 -2.80
N ASN A 21 3.77 0.18 -3.10
CA ASN A 21 5.15 0.45 -3.43
C ASN A 21 5.38 0.36 -4.93
N HIS A 22 5.89 1.46 -5.50
CA HIS A 22 6.22 1.50 -6.92
C HIS A 22 7.58 0.87 -7.17
N ASN A 23 8.34 0.67 -6.10
CA ASN A 23 9.72 0.18 -6.22
C ASN A 23 9.75 -1.32 -6.45
N ASN A 24 8.79 -2.04 -5.88
CA ASN A 24 8.65 -3.48 -6.13
C ASN A 24 7.41 -3.79 -6.95
N ARG A 25 6.49 -2.80 -7.05
CA ARG A 25 5.26 -2.91 -7.82
C ARG A 25 4.22 -3.76 -7.10
N THR A 26 4.28 -3.76 -5.77
CA THR A 26 3.35 -4.55 -4.99
C THR A 26 2.85 -3.76 -3.78
N THR A 27 1.63 -4.06 -3.36
CA THR A 27 1.04 -3.39 -2.22
C THR A 27 0.75 -4.39 -1.10
N THR A 28 0.83 -3.93 0.13
CA THR A 28 0.66 -4.79 1.30
C THR A 28 -0.10 -4.05 2.40
N TRP A 29 -0.85 -4.79 3.21
CA TRP A 29 -1.56 -4.21 4.35
C TRP A 29 -0.59 -3.96 5.50
N THR A 30 0.50 -4.70 5.52
CA THR A 30 1.42 -4.68 6.64
C THR A 30 2.44 -3.56 6.51
N ARG A 31 2.84 -3.00 7.66
CA ARG A 31 3.80 -1.90 7.70
C ARG A 31 5.20 -2.38 7.32
N PRO A 32 5.77 -1.79 6.26
CA PRO A 32 7.16 -2.04 5.87
C PRO A 32 8.15 -1.32 6.79
N ILE A 33 9.16 -2.04 7.23
CA ILE A 33 10.21 -1.46 8.06
C ILE A 33 11.33 -0.92 7.18
N GLY A 34 11.82 -1.75 6.26
CA GLY A 34 12.91 -1.36 5.39
C GLY A 34 12.41 -0.71 4.12
N GLU B 1 -5.60 -5.84 9.68
CA GLU B 1 -6.57 -5.30 8.71
C GLU B 1 -7.67 -6.32 8.45
N LEU B 2 -7.27 -7.59 8.30
CA LEU B 2 -8.22 -8.69 8.04
C LEU B 2 -8.93 -8.48 6.69
N GLU B 3 -8.31 -7.65 5.86
CA GLU B 3 -8.87 -7.29 4.56
C GLU B 3 -8.41 -8.27 3.49
N SER B 4 -9.24 -8.46 2.47
CA SER B 4 -8.83 -9.18 1.28
C SER B 4 -7.67 -8.44 0.63
N PRO B 5 -6.80 -9.14 -0.13
CA PRO B 5 -5.56 -8.57 -0.68
C PRO B 5 -5.79 -7.23 -1.40
N PRO B 6 -4.87 -6.26 -1.18
CA PRO B 6 -5.00 -4.91 -1.75
C PRO B 6 -5.28 -4.89 -3.25
N PRO B 7 -5.96 -3.84 -3.70
CA PRO B 7 -6.34 -3.67 -5.10
C PRO B 7 -5.14 -3.78 -6.04
N PRO B 8 -5.28 -4.55 -7.14
CA PRO B 8 -4.18 -4.78 -8.10
C PRO B 8 -3.51 -3.48 -8.54
N TYR B 9 -2.21 -3.41 -8.29
CA TYR B 9 -1.43 -2.24 -8.66
C TYR B 9 -1.01 -2.30 -10.13
N SER B 10 -1.43 -1.31 -10.89
CA SER B 10 -0.94 -1.15 -12.24
C SER B 10 0.01 0.05 -12.29
N ARG B 11 -0.56 1.24 -12.26
CA ARG B 11 0.24 2.45 -12.05
C ARG B 11 -0.22 3.21 -10.79
N TYR B 12 -1.53 3.37 -10.63
CA TYR B 12 -2.07 4.03 -9.45
C TYR B 12 -2.97 3.08 -8.68
N PRO B 13 -3.03 3.23 -7.35
CA PRO B 13 -3.92 2.42 -6.51
C PRO B 13 -5.39 2.77 -6.73
N MET B 14 -6.18 1.76 -7.07
CA MET B 14 -7.60 1.95 -7.30
C MET B 14 -8.41 1.03 -6.37
N ASP B 15 -8.97 1.61 -5.31
CA ASP B 15 -9.71 0.84 -4.34
C ASP B 15 -11.22 1.03 -4.55
N PRO A 1 8.09 7.46 11.92
CA PRO A 1 7.84 6.26 11.09
C PRO A 1 8.85 6.17 9.95
N GLY A 2 9.52 5.02 9.84
CA GLY A 2 10.48 4.84 8.78
C GLY A 2 9.81 4.66 7.42
N LEU A 3 9.76 5.75 6.66
CA LEU A 3 9.10 5.74 5.36
C LEU A 3 10.14 5.53 4.26
N PRO A 4 10.00 4.47 3.46
CA PRO A 4 10.93 4.16 2.37
C PRO A 4 10.52 4.81 1.04
N SER A 5 11.51 5.28 0.30
CA SER A 5 11.27 5.98 -0.95
C SER A 5 10.75 5.00 -2.02
N GLY A 6 9.65 5.37 -2.65
CA GLY A 6 9.03 4.50 -3.61
C GLY A 6 7.71 3.96 -3.12
N TRP A 7 7.53 4.01 -1.81
CA TRP A 7 6.32 3.52 -1.18
C TRP A 7 5.38 4.68 -0.87
N GLU A 8 4.16 4.61 -1.37
CA GLU A 8 3.13 5.56 -0.98
C GLU A 8 2.16 4.88 -0.03
N GLU A 9 2.19 5.32 1.22
CA GLU A 9 1.37 4.74 2.26
C GLU A 9 0.11 5.55 2.38
N ARG A 10 -0.99 4.99 1.88
CA ARG A 10 -2.17 5.77 1.66
C ARG A 10 -3.38 5.11 2.29
N LYS A 11 -4.06 5.86 3.14
CA LYS A 11 -5.19 5.35 3.89
C LYS A 11 -6.48 5.87 3.28
N ASP A 12 -7.33 4.96 2.83
CA ASP A 12 -8.54 5.33 2.12
C ASP A 12 -9.69 5.52 3.11
N ALA A 13 -10.62 6.41 2.76
CA ALA A 13 -11.69 6.85 3.66
C ALA A 13 -12.59 5.71 4.15
N LYS A 14 -12.71 4.65 3.35
CA LYS A 14 -13.51 3.48 3.75
C LYS A 14 -12.86 2.76 4.93
N GLY A 15 -11.61 3.11 5.17
CA GLY A 15 -10.79 2.37 6.09
C GLY A 15 -10.03 1.26 5.41
N ARG A 16 -9.23 1.67 4.44
CA ARG A 16 -8.39 0.77 3.68
C ARG A 16 -6.95 1.30 3.70
N THR A 17 -6.14 0.76 4.59
CA THR A 17 -4.77 1.22 4.75
C THR A 17 -3.80 0.36 3.94
N TYR A 18 -3.57 0.74 2.69
CA TYR A 18 -2.70 -0.03 1.81
C TYR A 18 -1.40 0.70 1.53
N TYR A 19 -0.30 -0.01 1.66
CA TYR A 19 1.00 0.52 1.30
C TYR A 19 1.34 0.06 -0.11
N VAL A 20 1.41 0.99 -1.05
CA VAL A 20 1.71 0.63 -2.43
C VAL A 20 3.12 1.03 -2.81
N ASN A 21 3.90 0.05 -3.25
CA ASN A 21 5.29 0.28 -3.63
C ASN A 21 5.42 0.43 -5.13
N HIS A 22 5.98 1.55 -5.56
CA HIS A 22 6.17 1.83 -6.98
C HIS A 22 7.46 1.20 -7.49
N ASN A 23 8.33 0.79 -6.56
CA ASN A 23 9.63 0.23 -6.91
C ASN A 23 9.48 -1.11 -7.64
N ASN A 24 8.97 -2.11 -6.93
CA ASN A 24 8.84 -3.45 -7.50
C ASN A 24 7.41 -3.72 -7.97
N ARG A 25 6.48 -2.86 -7.53
CA ARG A 25 5.07 -2.93 -7.91
C ARG A 25 4.32 -3.99 -7.07
N THR A 26 4.14 -3.68 -5.80
CA THR A 26 3.36 -4.55 -4.91
C THR A 26 2.71 -3.71 -3.82
N THR A 27 1.56 -4.16 -3.33
CA THR A 27 0.88 -3.48 -2.25
C THR A 27 0.48 -4.48 -1.16
N THR A 28 0.55 -4.03 0.08
CA THR A 28 0.30 -4.90 1.23
C THR A 28 -0.30 -4.11 2.39
N TRP A 29 -1.11 -4.77 3.22
CA TRP A 29 -1.63 -4.14 4.43
C TRP A 29 -0.55 -4.10 5.51
N THR A 30 0.48 -4.90 5.33
CA THR A 30 1.57 -5.01 6.30
C THR A 30 2.45 -3.77 6.28
N ARG A 31 2.87 -3.33 7.46
CA ARG A 31 3.77 -2.19 7.56
C ARG A 31 5.19 -2.57 7.12
N PRO A 32 5.66 -1.99 6.02
CA PRO A 32 7.03 -2.22 5.53
C PRO A 32 8.06 -1.44 6.34
N ILE A 33 8.94 -2.17 7.01
CA ILE A 33 10.03 -1.55 7.73
C ILE A 33 11.24 -1.40 6.81
N GLY A 34 11.74 -2.53 6.34
CA GLY A 34 12.83 -2.51 5.38
C GLY A 34 12.29 -2.49 3.96
N GLU B 1 -5.35 -6.09 8.82
CA GLU B 1 -6.68 -5.43 8.85
C GLU B 1 -7.82 -6.42 8.67
N LEU B 2 -7.47 -7.72 8.57
CA LEU B 2 -8.45 -8.78 8.33
C LEU B 2 -9.07 -8.62 6.94
N GLU B 3 -8.46 -7.78 6.13
CA GLU B 3 -8.97 -7.47 4.80
C GLU B 3 -8.28 -8.32 3.73
N SER B 4 -9.06 -8.76 2.75
CA SER B 4 -8.54 -9.45 1.59
C SER B 4 -7.47 -8.59 0.92
N PRO B 5 -6.46 -9.20 0.28
CA PRO B 5 -5.30 -8.48 -0.28
C PRO B 5 -5.70 -7.28 -1.15
N PRO B 6 -4.94 -6.17 -1.05
CA PRO B 6 -5.23 -4.92 -1.78
C PRO B 6 -5.46 -5.12 -3.27
N PRO B 7 -6.22 -4.20 -3.87
CA PRO B 7 -6.55 -4.22 -5.31
C PRO B 7 -5.28 -4.25 -6.18
N PRO B 8 -5.32 -4.98 -7.31
CA PRO B 8 -4.18 -5.10 -8.22
C PRO B 8 -3.59 -3.75 -8.60
N TYR B 9 -2.32 -3.56 -8.28
CA TYR B 9 -1.63 -2.32 -8.55
C TYR B 9 -1.07 -2.30 -9.97
N SER B 10 -1.32 -1.22 -10.69
CA SER B 10 -0.73 -1.02 -12.01
C SER B 10 0.19 0.19 -12.00
N ARG B 11 -0.40 1.38 -12.00
CA ARG B 11 0.37 2.62 -12.02
C ARG B 11 0.09 3.45 -10.76
N TYR B 12 -1.18 3.70 -10.50
CA TYR B 12 -1.60 4.46 -9.34
C TYR B 12 -2.50 3.61 -8.46
N PRO B 13 -2.65 3.93 -7.16
CA PRO B 13 -3.49 3.16 -6.26
C PRO B 13 -4.98 3.51 -6.40
N MET B 14 -5.76 2.58 -6.93
CA MET B 14 -7.19 2.76 -7.02
C MET B 14 -7.90 1.70 -6.18
N ASP B 15 -8.70 2.14 -5.22
CA ASP B 15 -9.38 1.23 -4.30
C ASP B 15 -10.88 1.32 -4.49
N PRO A 1 9.48 5.21 12.60
CA PRO A 1 8.78 4.84 11.36
C PRO A 1 9.67 5.05 10.15
N GLY A 2 9.79 4.05 9.30
CA GLY A 2 10.64 4.15 8.14
C GLY A 2 9.87 4.23 6.84
N LEU A 3 9.69 5.43 6.32
CA LEU A 3 9.02 5.62 5.04
C LEU A 3 10.07 5.61 3.93
N PRO A 4 10.05 4.58 3.05
CA PRO A 4 11.00 4.47 1.95
C PRO A 4 10.50 5.16 0.68
N SER A 5 11.44 5.69 -0.10
CA SER A 5 11.10 6.44 -1.30
C SER A 5 10.55 5.52 -2.39
N GLY A 6 9.33 5.77 -2.79
CA GLY A 6 8.67 4.96 -3.79
C GLY A 6 7.39 4.37 -3.26
N TRP A 7 7.28 4.35 -1.95
CA TRP A 7 6.08 3.87 -1.28
C TRP A 7 5.10 5.00 -1.04
N GLU A 8 3.89 4.86 -1.53
CA GLU A 8 2.83 5.77 -1.16
C GLU A 8 1.91 5.09 -0.17
N GLU A 9 2.08 5.43 1.10
CA GLU A 9 1.30 4.85 2.17
C GLU A 9 0.07 5.69 2.36
N ARG A 10 -1.03 5.22 1.83
CA ARG A 10 -2.19 6.06 1.65
C ARG A 10 -3.42 5.47 2.31
N LYS A 11 -4.08 6.32 3.08
CA LYS A 11 -5.29 5.96 3.79
C LYS A 11 -6.49 6.47 3.02
N ASP A 12 -7.34 5.57 2.58
CA ASP A 12 -8.50 5.93 1.77
C ASP A 12 -9.69 6.21 2.68
N ALA A 13 -10.59 7.10 2.22
CA ALA A 13 -11.65 7.68 3.06
C ALA A 13 -12.61 6.64 3.66
N LYS A 14 -12.66 5.44 3.08
CA LYS A 14 -13.47 4.35 3.63
C LYS A 14 -12.81 3.82 4.90
N GLY A 15 -11.57 4.18 5.07
CA GLY A 15 -10.74 3.62 6.11
C GLY A 15 -10.00 2.40 5.62
N ARG A 16 -9.44 2.52 4.42
CA ARG A 16 -8.66 1.45 3.82
C ARG A 16 -7.19 1.85 3.79
N THR A 17 -6.38 1.17 4.59
CA THR A 17 -4.97 1.49 4.69
C THR A 17 -4.12 0.52 3.87
N TYR A 18 -3.74 0.94 2.67
CA TYR A 18 -2.92 0.10 1.81
C TYR A 18 -1.54 0.71 1.58
N TYR A 19 -0.51 -0.10 1.78
CA TYR A 19 0.85 0.32 1.49
C TYR A 19 1.21 -0.12 0.08
N VAL A 20 1.41 0.83 -0.82
CA VAL A 20 1.74 0.51 -2.20
C VAL A 20 3.13 1.02 -2.56
N ASN A 21 3.85 0.25 -3.36
CA ASN A 21 5.20 0.63 -3.75
C ASN A 21 5.35 0.67 -5.26
N HIS A 22 5.85 1.80 -5.75
CA HIS A 22 6.10 1.97 -7.19
C HIS A 22 7.40 1.29 -7.60
N ASN A 23 8.30 1.11 -6.63
CA ASN A 23 9.63 0.55 -6.90
C ASN A 23 9.50 -0.88 -7.42
N ASN A 24 8.83 -1.71 -6.66
CA ASN A 24 8.71 -3.13 -6.97
C ASN A 24 7.32 -3.47 -7.50
N ARG A 25 6.38 -2.55 -7.28
CA ARG A 25 4.98 -2.69 -7.73
C ARG A 25 4.27 -3.77 -6.92
N THR A 26 4.06 -3.49 -5.63
CA THR A 26 3.33 -4.40 -4.76
C THR A 26 2.62 -3.60 -3.66
N THR A 27 1.49 -4.11 -3.19
CA THR A 27 0.80 -3.51 -2.06
C THR A 27 0.56 -4.55 -0.96
N THR A 28 0.55 -4.09 0.29
CA THR A 28 0.42 -4.98 1.44
C THR A 28 -0.29 -4.27 2.59
N TRP A 29 -1.00 -5.05 3.41
CA TRP A 29 -1.66 -4.50 4.59
C TRP A 29 -0.65 -4.27 5.71
N THR A 30 0.48 -4.96 5.63
CA THR A 30 1.47 -4.91 6.71
C THR A 30 2.41 -3.73 6.55
N ARG A 31 2.84 -3.17 7.67
CA ARG A 31 3.78 -2.07 7.68
C ARG A 31 5.19 -2.54 7.31
N PRO A 32 5.73 -2.01 6.21
CA PRO A 32 7.11 -2.28 5.80
C PRO A 32 8.10 -1.62 6.75
N ILE A 33 9.09 -2.38 7.20
CA ILE A 33 10.10 -1.84 8.09
C ILE A 33 11.17 -1.11 7.29
N GLY A 34 11.71 -1.79 6.30
CA GLY A 34 12.69 -1.18 5.42
C GLY A 34 12.02 -0.53 4.23
N GLU B 1 -5.62 -7.49 10.05
CA GLU B 1 -6.66 -6.98 9.14
C GLU B 1 -7.58 -8.10 8.66
N LEU B 2 -6.99 -9.24 8.27
CA LEU B 2 -7.74 -10.39 7.74
C LEU B 2 -8.49 -10.01 6.46
N GLU B 3 -8.12 -8.85 5.91
CA GLU B 3 -8.72 -8.33 4.71
C GLU B 3 -8.19 -9.04 3.48
N SER B 4 -9.08 -9.27 2.52
CA SER B 4 -8.71 -9.79 1.22
C SER B 4 -7.59 -8.93 0.63
N PRO B 5 -6.61 -9.55 -0.07
CA PRO B 5 -5.45 -8.84 -0.63
C PRO B 5 -5.87 -7.59 -1.41
N PRO B 6 -5.18 -6.46 -1.17
CA PRO B 6 -5.57 -5.15 -1.74
C PRO B 6 -5.83 -5.18 -3.23
N PRO B 7 -6.68 -4.25 -3.70
CA PRO B 7 -7.04 -4.10 -5.10
C PRO B 7 -5.81 -4.08 -6.01
N PRO B 8 -5.91 -4.73 -7.21
CA PRO B 8 -4.77 -4.88 -8.13
C PRO B 8 -4.01 -3.59 -8.39
N TYR B 9 -2.72 -3.63 -8.12
CA TYR B 9 -1.85 -2.48 -8.31
C TYR B 9 -1.03 -2.63 -9.58
N SER B 10 -1.15 -1.66 -10.47
CA SER B 10 -0.31 -1.64 -11.66
C SER B 10 0.65 -0.45 -11.61
N ARG B 11 0.12 0.75 -11.76
CA ARG B 11 0.96 1.94 -11.77
C ARG B 11 0.59 2.87 -10.61
N TYR B 12 -0.69 3.18 -10.51
CA TYR B 12 -1.20 4.02 -9.42
C TYR B 12 -2.16 3.21 -8.56
N PRO B 13 -2.20 3.50 -7.24
CA PRO B 13 -3.08 2.80 -6.30
C PRO B 13 -4.54 3.13 -6.51
N MET B 14 -5.37 2.11 -6.55
CA MET B 14 -6.80 2.29 -6.77
C MET B 14 -7.59 1.48 -5.74
N ASP B 15 -8.56 2.12 -5.11
CA ASP B 15 -9.38 1.46 -4.10
C ASP B 15 -10.84 1.87 -4.27
N PRO A 1 9.80 4.69 12.70
CA PRO A 1 9.17 4.13 11.48
C PRO A 1 10.00 4.50 10.26
N GLY A 2 10.28 3.51 9.42
CA GLY A 2 11.06 3.75 8.23
C GLY A 2 10.18 3.88 7.00
N LEU A 3 10.26 5.02 6.35
CA LEU A 3 9.54 5.25 5.11
C LEU A 3 10.50 5.16 3.93
N PRO A 4 10.34 4.14 3.06
CA PRO A 4 11.20 3.97 1.90
C PRO A 4 10.66 4.71 0.68
N SER A 5 11.56 5.32 -0.07
CA SER A 5 11.18 6.16 -1.19
C SER A 5 10.62 5.32 -2.32
N GLY A 6 9.35 5.55 -2.64
CA GLY A 6 8.67 4.76 -3.62
C GLY A 6 7.43 4.10 -3.06
N TRP A 7 7.36 4.05 -1.74
CA TRP A 7 6.20 3.54 -1.03
C TRP A 7 5.29 4.69 -0.63
N GLU A 8 4.05 4.66 -1.10
CA GLU A 8 3.09 5.67 -0.71
C GLU A 8 2.05 5.07 0.22
N GLU A 9 1.98 5.61 1.43
CA GLU A 9 1.07 5.13 2.45
C GLU A 9 -0.24 5.88 2.33
N ARG A 10 -1.22 5.25 1.73
CA ARG A 10 -2.39 5.97 1.30
C ARG A 10 -3.67 5.37 1.89
N LYS A 11 -4.45 6.24 2.50
CA LYS A 11 -5.64 5.85 3.24
C LYS A 11 -6.89 6.19 2.43
N ASP A 12 -7.78 5.22 2.31
CA ASP A 12 -9.01 5.43 1.55
C ASP A 12 -10.21 5.52 2.49
N ALA A 13 -11.22 6.26 2.06
CA ALA A 13 -12.33 6.70 2.94
C ALA A 13 -13.13 5.54 3.56
N LYS A 14 -13.00 4.33 3.04
CA LYS A 14 -13.65 3.16 3.63
C LYS A 14 -12.91 2.75 4.89
N GLY A 15 -11.72 3.29 5.03
CA GLY A 15 -10.82 2.91 6.08
C GLY A 15 -9.93 1.76 5.68
N ARG A 16 -9.41 1.85 4.47
CA ARG A 16 -8.46 0.88 3.97
C ARG A 16 -7.08 1.51 3.87
N THR A 17 -6.15 1.03 4.69
CA THR A 17 -4.81 1.56 4.69
C THR A 17 -3.86 0.64 3.91
N TYR A 18 -3.66 0.94 2.63
CA TYR A 18 -2.81 0.13 1.79
C TYR A 18 -1.49 0.82 1.51
N TYR A 19 -0.39 0.11 1.77
CA TYR A 19 0.94 0.60 1.45
C TYR A 19 1.32 0.12 0.05
N VAL A 20 1.44 1.05 -0.88
CA VAL A 20 1.76 0.67 -2.26
C VAL A 20 3.16 1.11 -2.66
N ASN A 21 3.92 0.21 -3.25
CA ASN A 21 5.27 0.49 -3.68
C ASN A 21 5.38 0.58 -5.19
N HIS A 22 5.90 1.71 -5.67
CA HIS A 22 6.14 1.91 -7.10
C HIS A 22 7.36 1.13 -7.57
N ASN A 23 8.23 0.78 -6.63
CA ASN A 23 9.49 0.12 -6.95
C ASN A 23 9.25 -1.31 -7.44
N ASN A 24 8.63 -2.11 -6.59
CA ASN A 24 8.30 -3.49 -6.94
C ASN A 24 6.90 -3.60 -7.53
N ARG A 25 6.10 -2.54 -7.37
CA ARG A 25 4.71 -2.50 -7.84
C ARG A 25 3.85 -3.42 -6.99
N THR A 26 4.17 -3.44 -5.71
CA THR A 26 3.52 -4.35 -4.76
C THR A 26 2.92 -3.57 -3.60
N THR A 27 1.78 -4.04 -3.11
CA THR A 27 1.12 -3.42 -1.99
C THR A 27 0.81 -4.45 -0.90
N THR A 28 0.92 -4.04 0.35
CA THR A 28 0.76 -4.96 1.48
C THR A 28 0.11 -4.26 2.67
N TRP A 29 -0.63 -5.03 3.46
CA TRP A 29 -1.29 -4.51 4.65
C TRP A 29 -0.31 -4.32 5.80
N THR A 30 0.85 -4.96 5.70
CA THR A 30 1.83 -4.93 6.77
C THR A 30 2.72 -3.70 6.63
N ARG A 31 3.20 -3.19 7.75
CA ARG A 31 4.03 -2.00 7.75
C ARG A 31 5.47 -2.35 7.36
N PRO A 32 5.95 -1.80 6.25
CA PRO A 32 7.35 -1.92 5.86
C PRO A 32 8.24 -1.06 6.75
N ILE A 33 9.18 -1.70 7.44
CA ILE A 33 10.13 -0.99 8.28
C ILE A 33 11.36 -0.63 7.46
N GLY A 34 11.96 -1.65 6.86
CA GLY A 34 13.07 -1.45 5.97
C GLY A 34 12.60 -1.26 4.55
N GLU B 1 -5.42 -6.92 9.93
CA GLU B 1 -6.34 -6.14 9.06
C GLU B 1 -7.57 -6.96 8.68
N LEU B 2 -7.36 -8.24 8.33
CA LEU B 2 -8.45 -9.12 7.90
C LEU B 2 -9.10 -8.60 6.62
N GLU B 3 -8.38 -7.71 5.94
CA GLU B 3 -8.83 -7.12 4.70
C GLU B 3 -8.57 -8.08 3.55
N SER B 4 -9.45 -8.06 2.56
CA SER B 4 -9.19 -8.77 1.32
C SER B 4 -7.92 -8.20 0.69
N PRO B 5 -7.10 -9.05 0.04
CA PRO B 5 -5.82 -8.63 -0.55
C PRO B 5 -5.96 -7.35 -1.38
N PRO B 6 -5.04 -6.38 -1.20
CA PRO B 6 -5.13 -5.06 -1.82
C PRO B 6 -5.40 -5.11 -3.31
N PRO B 7 -6.16 -4.11 -3.80
CA PRO B 7 -6.51 -3.98 -5.21
C PRO B 7 -5.27 -3.99 -6.11
N PRO B 8 -5.37 -4.65 -7.28
CA PRO B 8 -4.26 -4.83 -8.20
C PRO B 8 -3.53 -3.52 -8.51
N TYR B 9 -2.24 -3.49 -8.22
CA TYR B 9 -1.44 -2.30 -8.39
C TYR B 9 -0.85 -2.27 -9.79
N SER B 10 -1.40 -1.40 -10.63
CA SER B 10 -0.93 -1.26 -12.00
C SER B 10 0.04 -0.08 -12.10
N ARG B 11 -0.50 1.13 -12.08
CA ARG B 11 0.32 2.34 -12.08
C ARG B 11 0.08 3.14 -10.81
N TYR B 12 -1.18 3.51 -10.60
CA TYR B 12 -1.58 4.27 -9.44
C TYR B 12 -2.60 3.48 -8.64
N PRO B 13 -2.61 3.63 -7.31
CA PRO B 13 -3.50 2.86 -6.45
C PRO B 13 -4.97 3.28 -6.59
N MET B 14 -5.82 2.29 -6.84
CA MET B 14 -7.24 2.52 -7.00
C MET B 14 -8.02 1.47 -6.22
N ASP B 15 -8.76 1.91 -5.21
CA ASP B 15 -9.48 1.00 -4.33
C ASP B 15 -10.97 0.97 -4.70
N PRO A 1 9.10 3.88 12.59
CA PRO A 1 8.83 3.30 11.26
C PRO A 1 9.22 4.28 10.15
N GLY A 2 10.22 3.90 9.37
CA GLY A 2 10.69 4.76 8.31
C GLY A 2 9.92 4.55 7.02
N LEU A 3 9.81 5.60 6.24
CA LEU A 3 9.13 5.54 4.95
C LEU A 3 10.16 5.33 3.84
N PRO A 4 10.02 4.26 3.05
CA PRO A 4 10.91 4.00 1.92
C PRO A 4 10.40 4.64 0.64
N SER A 5 11.30 5.26 -0.11
CA SER A 5 10.92 6.04 -1.27
C SER A 5 10.41 5.13 -2.39
N GLY A 6 9.22 5.44 -2.89
CA GLY A 6 8.58 4.61 -3.88
C GLY A 6 7.35 3.95 -3.32
N TRP A 7 7.25 3.97 -2.00
CA TRP A 7 6.09 3.46 -1.30
C TRP A 7 5.19 4.62 -0.87
N GLU A 8 3.91 4.52 -1.17
CA GLU A 8 2.97 5.55 -0.73
C GLU A 8 2.00 4.98 0.29
N GLU A 9 2.01 5.56 1.48
CA GLU A 9 1.15 5.12 2.58
C GLU A 9 -0.16 5.88 2.50
N ARG A 10 -1.16 5.28 1.90
CA ARG A 10 -2.33 6.03 1.56
C ARG A 10 -3.58 5.44 2.19
N LYS A 11 -4.28 6.30 2.93
CA LYS A 11 -5.45 5.90 3.67
C LYS A 11 -6.69 6.44 2.96
N ASP A 12 -7.52 5.55 2.47
CA ASP A 12 -8.66 5.94 1.67
C ASP A 12 -9.89 6.17 2.55
N ALA A 13 -10.76 7.07 2.11
CA ALA A 13 -11.86 7.57 2.94
C ALA A 13 -12.83 6.47 3.40
N LYS A 14 -12.92 5.38 2.65
CA LYS A 14 -13.77 4.25 3.06
C LYS A 14 -13.21 3.61 4.32
N GLY A 15 -11.96 3.95 4.62
CA GLY A 15 -11.23 3.31 5.67
C GLY A 15 -10.46 2.12 5.15
N ARG A 16 -9.61 2.39 4.17
CA ARG A 16 -8.74 1.37 3.59
C ARG A 16 -7.30 1.83 3.65
N THR A 17 -6.48 1.13 4.42
CA THR A 17 -5.08 1.48 4.56
C THR A 17 -4.19 0.51 3.79
N TYR A 18 -3.72 0.94 2.63
CA TYR A 18 -2.87 0.09 1.80
C TYR A 18 -1.50 0.73 1.58
N TYR A 19 -0.47 -0.04 1.85
CA TYR A 19 0.89 0.38 1.55
C TYR A 19 1.26 -0.11 0.15
N VAL A 20 1.44 0.82 -0.77
CA VAL A 20 1.73 0.45 -2.15
C VAL A 20 3.14 0.88 -2.56
N ASN A 21 3.74 0.12 -3.45
CA ASN A 21 5.09 0.41 -3.91
C ASN A 21 5.17 0.42 -5.42
N HIS A 22 5.64 1.54 -5.98
CA HIS A 22 5.85 1.67 -7.42
C HIS A 22 7.07 0.87 -7.87
N ASN A 23 7.94 0.55 -6.91
CA ASN A 23 9.20 -0.12 -7.23
C ASN A 23 8.96 -1.58 -7.63
N ASN A 24 8.41 -2.36 -6.72
CA ASN A 24 8.12 -3.77 -6.98
C ASN A 24 6.73 -3.97 -7.57
N ARG A 25 5.90 -2.92 -7.48
CA ARG A 25 4.52 -2.97 -7.97
C ARG A 25 3.67 -3.84 -7.04
N THR A 26 3.93 -3.69 -5.75
CA THR A 26 3.31 -4.53 -4.74
C THR A 26 2.66 -3.68 -3.64
N THR A 27 1.53 -4.14 -3.14
CA THR A 27 0.88 -3.50 -2.01
C THR A 27 0.62 -4.53 -0.92
N THR A 28 0.64 -4.09 0.32
CA THR A 28 0.52 -5.00 1.46
C THR A 28 -0.14 -4.31 2.65
N TRP A 29 -0.85 -5.10 3.47
CA TRP A 29 -1.44 -4.58 4.69
C TRP A 29 -0.38 -4.43 5.77
N THR A 30 0.80 -4.97 5.52
CA THR A 30 1.88 -4.99 6.48
C THR A 30 2.70 -3.70 6.40
N ARG A 31 3.16 -3.22 7.55
CA ARG A 31 3.98 -2.02 7.61
C ARG A 31 5.44 -2.33 7.31
N PRO A 32 5.98 -1.79 6.21
CA PRO A 32 7.40 -1.88 5.91
C PRO A 32 8.19 -0.76 6.61
N ILE A 33 9.03 -1.13 7.55
CA ILE A 33 9.85 -0.16 8.25
C ILE A 33 11.20 0.03 7.55
N GLY A 34 11.76 -1.07 7.07
CA GLY A 34 13.03 -1.02 6.37
C GLY A 34 12.86 -0.83 4.88
N GLU B 1 -4.93 -7.50 9.41
CA GLU B 1 -6.10 -6.79 8.83
C GLU B 1 -7.27 -7.75 8.59
N LEU B 2 -6.95 -9.04 8.38
CA LEU B 2 -7.96 -10.07 8.12
C LEU B 2 -8.63 -9.85 6.77
N GLU B 3 -8.06 -8.96 5.99
CA GLU B 3 -8.62 -8.57 4.71
C GLU B 3 -7.91 -9.27 3.56
N SER B 4 -8.68 -9.60 2.54
CA SER B 4 -8.13 -10.11 1.30
C SER B 4 -7.11 -9.11 0.73
N PRO B 5 -6.14 -9.58 -0.07
CA PRO B 5 -5.06 -8.73 -0.61
C PRO B 5 -5.58 -7.46 -1.26
N PRO B 6 -4.90 -6.32 -1.04
CA PRO B 6 -5.30 -5.02 -1.59
C PRO B 6 -5.56 -5.05 -3.09
N PRO B 7 -6.48 -4.18 -3.53
CA PRO B 7 -6.90 -4.08 -4.93
C PRO B 7 -5.71 -4.01 -5.90
N PRO B 8 -5.83 -4.66 -7.07
CA PRO B 8 -4.74 -4.78 -8.05
C PRO B 8 -4.05 -3.45 -8.35
N TYR B 9 -2.77 -3.40 -8.07
CA TYR B 9 -1.95 -2.22 -8.27
C TYR B 9 -1.33 -2.22 -9.67
N SER B 10 -1.75 -1.29 -10.51
CA SER B 10 -1.22 -1.22 -11.85
C SER B 10 -0.07 -0.22 -11.94
N ARG B 11 -0.40 1.06 -11.91
CA ARG B 11 0.60 2.12 -11.96
C ARG B 11 0.51 3.00 -10.71
N TYR B 12 -0.68 3.52 -10.46
CA TYR B 12 -0.91 4.40 -9.33
C TYR B 12 -1.80 3.73 -8.30
N PRO B 13 -1.73 4.14 -7.02
CA PRO B 13 -2.59 3.57 -5.96
C PRO B 13 -4.04 3.98 -6.15
N MET B 14 -4.92 2.99 -6.27
CA MET B 14 -6.33 3.25 -6.50
C MET B 14 -7.19 2.15 -5.87
N ASP B 15 -7.93 2.51 -4.83
CA ASP B 15 -8.83 1.58 -4.18
C ASP B 15 -10.23 1.70 -4.78
N PRO A 1 9.96 4.78 12.74
CA PRO A 1 9.15 4.46 11.54
C PRO A 1 9.91 4.83 10.27
N GLY A 2 10.18 3.82 9.46
CA GLY A 2 10.92 4.06 8.22
C GLY A 2 10.02 4.02 7.01
N LEU A 3 10.13 5.04 6.17
CA LEU A 3 9.42 5.08 4.91
C LEU A 3 10.44 4.96 3.78
N PRO A 4 10.32 3.95 2.93
CA PRO A 4 11.27 3.73 1.83
C PRO A 4 10.84 4.45 0.55
N SER A 5 11.83 4.95 -0.18
CA SER A 5 11.57 5.78 -1.35
C SER A 5 10.97 4.96 -2.47
N GLY A 6 9.81 5.39 -2.95
CA GLY A 6 9.11 4.66 -3.99
C GLY A 6 7.81 4.08 -3.48
N TRP A 7 7.64 4.16 -2.17
CA TRP A 7 6.43 3.66 -1.52
C TRP A 7 5.48 4.82 -1.19
N GLU A 8 4.22 4.63 -1.54
CA GLU A 8 3.17 5.55 -1.14
C GLU A 8 2.24 4.87 -0.15
N GLU A 9 2.23 5.36 1.08
CA GLU A 9 1.46 4.76 2.15
C GLU A 9 0.17 5.52 2.33
N ARG A 10 -0.84 5.11 1.61
CA ARG A 10 -2.01 5.94 1.46
C ARG A 10 -3.27 5.24 1.94
N LYS A 11 -4.04 5.98 2.72
CA LYS A 11 -5.22 5.44 3.38
C LYS A 11 -6.47 6.05 2.77
N ASP A 12 -7.36 5.19 2.31
CA ASP A 12 -8.57 5.64 1.63
C ASP A 12 -9.71 5.83 2.64
N ALA A 13 -10.61 6.77 2.34
CA ALA A 13 -11.65 7.20 3.27
C ALA A 13 -12.61 6.08 3.68
N LYS A 14 -12.72 5.02 2.87
CA LYS A 14 -13.54 3.86 3.24
C LYS A 14 -12.87 3.12 4.38
N GLY A 15 -11.62 3.45 4.61
CA GLY A 15 -10.78 2.72 5.51
C GLY A 15 -10.05 1.60 4.81
N ARG A 16 -9.27 1.99 3.81
CA ARG A 16 -8.43 1.06 3.07
C ARG A 16 -6.98 1.49 3.23
N THR A 17 -6.24 0.77 4.07
CA THR A 17 -4.86 1.12 4.35
C THR A 17 -3.90 0.25 3.54
N TYR A 18 -3.53 0.72 2.35
CA TYR A 18 -2.68 -0.06 1.47
C TYR A 18 -1.34 0.62 1.24
N TYR A 19 -0.27 -0.12 1.50
CA TYR A 19 1.07 0.37 1.23
C TYR A 19 1.47 -0.06 -0.17
N VAL A 20 1.48 0.87 -1.10
CA VAL A 20 1.71 0.57 -2.50
C VAL A 20 3.03 1.14 -2.99
N ASN A 21 3.85 0.30 -3.59
CA ASN A 21 5.13 0.78 -4.10
C ASN A 21 5.15 0.76 -5.61
N HIS A 22 5.83 1.74 -6.19
CA HIS A 22 5.98 1.84 -7.64
C HIS A 22 7.16 1.01 -8.12
N ASN A 23 8.00 0.60 -7.18
CA ASN A 23 9.24 -0.11 -7.48
C ASN A 23 8.95 -1.43 -8.21
N ASN A 24 8.27 -2.34 -7.54
CA ASN A 24 7.90 -3.61 -8.16
C ASN A 24 6.43 -3.61 -8.54
N ARG A 25 5.69 -2.63 -8.00
CA ARG A 25 4.26 -2.48 -8.25
C ARG A 25 3.50 -3.52 -7.45
N THR A 26 3.49 -3.31 -6.15
CA THR A 26 2.89 -4.26 -5.21
C THR A 26 2.31 -3.52 -4.01
N THR A 27 1.27 -4.09 -3.43
CA THR A 27 0.59 -3.49 -2.30
C THR A 27 0.47 -4.49 -1.15
N THR A 28 0.49 -3.98 0.07
CA THR A 28 0.42 -4.81 1.27
C THR A 28 -0.24 -4.07 2.42
N TRP A 29 -0.93 -4.81 3.30
CA TRP A 29 -1.53 -4.21 4.49
C TRP A 29 -0.47 -4.07 5.59
N THR A 30 0.64 -4.76 5.40
CA THR A 30 1.69 -4.82 6.42
C THR A 30 2.45 -3.50 6.50
N ARG A 31 2.64 -3.02 7.72
CA ARG A 31 3.42 -1.81 7.95
C ARG A 31 4.92 -2.14 7.95
N PRO A 32 5.66 -1.64 6.95
CA PRO A 32 7.11 -1.78 6.92
C PRO A 32 7.76 -0.90 8.00
N ILE A 33 8.57 -1.53 8.84
CA ILE A 33 9.17 -0.85 9.98
C ILE A 33 10.52 -0.25 9.57
N GLY A 34 11.46 -1.10 9.21
CA GLY A 34 12.75 -0.65 8.76
C GLY A 34 12.78 -0.43 7.27
N GLU B 1 -4.60 -7.09 8.93
CA GLU B 1 -5.91 -6.43 9.11
C GLU B 1 -7.06 -7.40 8.82
N LEU B 2 -6.72 -8.67 8.60
CA LEU B 2 -7.71 -9.72 8.30
C LEU B 2 -8.38 -9.45 6.95
N GLU B 3 -7.81 -8.52 6.20
CA GLU B 3 -8.36 -8.11 4.92
C GLU B 3 -7.72 -8.92 3.78
N SER B 4 -8.55 -9.28 2.81
CA SER B 4 -8.08 -9.94 1.62
C SER B 4 -7.10 -9.02 0.87
N PRO B 5 -6.18 -9.60 0.08
CA PRO B 5 -5.14 -8.82 -0.62
C PRO B 5 -5.70 -7.60 -1.36
N PRO B 6 -5.07 -6.42 -1.19
CA PRO B 6 -5.56 -5.16 -1.77
C PRO B 6 -5.86 -5.23 -3.26
N PRO B 7 -6.72 -4.32 -3.73
CA PRO B 7 -7.08 -4.20 -5.15
C PRO B 7 -5.87 -4.07 -6.04
N PRO B 8 -5.89 -4.71 -7.23
CA PRO B 8 -4.76 -4.76 -8.15
C PRO B 8 -4.12 -3.40 -8.41
N TYR B 9 -2.84 -3.30 -8.06
CA TYR B 9 -2.11 -2.06 -8.21
C TYR B 9 -1.47 -1.99 -9.59
N SER B 10 -1.99 -1.10 -10.43
CA SER B 10 -1.45 -0.96 -11.78
C SER B 10 -0.41 0.15 -11.82
N ARG B 11 -0.85 1.40 -11.79
CA ARG B 11 0.08 2.52 -11.78
C ARG B 11 -0.08 3.38 -10.54
N TYR B 12 -1.32 3.81 -10.29
CA TYR B 12 -1.63 4.66 -9.16
C TYR B 12 -2.33 3.86 -8.07
N PRO B 13 -2.34 4.36 -6.82
CA PRO B 13 -3.09 3.73 -5.73
C PRO B 13 -4.59 3.88 -5.96
N MET B 14 -5.25 2.77 -6.29
CA MET B 14 -6.65 2.81 -6.68
C MET B 14 -7.42 1.68 -6.00
N ASP B 15 -8.25 2.05 -5.02
CA ASP B 15 -9.12 1.08 -4.35
C ASP B 15 -10.52 1.16 -4.96
N PRO A 1 9.41 6.13 12.62
CA PRO A 1 8.74 5.28 11.61
C PRO A 1 9.49 5.35 10.27
N GLY A 2 9.89 4.19 9.76
CA GLY A 2 10.64 4.15 8.53
C GLY A 2 9.76 4.26 7.30
N LEU A 3 10.17 5.11 6.37
CA LEU A 3 9.48 5.26 5.09
C LEU A 3 10.49 5.00 3.97
N PRO A 4 10.24 3.97 3.13
CA PRO A 4 11.11 3.66 2.01
C PRO A 4 10.69 4.39 0.73
N SER A 5 11.68 4.89 0.01
CA SER A 5 11.45 5.69 -1.19
C SER A 5 10.90 4.82 -2.32
N GLY A 6 9.75 5.22 -2.84
CA GLY A 6 9.08 4.45 -3.86
C GLY A 6 7.75 3.93 -3.38
N TRP A 7 7.57 3.97 -2.06
CA TRP A 7 6.34 3.55 -1.43
C TRP A 7 5.45 4.76 -1.13
N GLU A 8 4.18 4.66 -1.45
CA GLU A 8 3.22 5.69 -1.09
C GLU A 8 2.23 5.13 -0.07
N GLU A 9 2.12 5.80 1.05
CA GLU A 9 1.34 5.32 2.18
C GLU A 9 -0.03 5.93 2.11
N ARG A 10 -1.04 5.14 1.85
CA ARG A 10 -2.33 5.70 1.63
C ARG A 10 -3.39 4.98 2.42
N LYS A 11 -3.89 5.69 3.43
CA LYS A 11 -4.91 5.16 4.30
C LYS A 11 -6.24 5.75 3.89
N ASP A 12 -7.11 4.88 3.38
CA ASP A 12 -8.34 5.32 2.75
C ASP A 12 -9.48 5.41 3.76
N ALA A 13 -10.42 6.33 3.50
CA ALA A 13 -11.47 6.69 4.43
C ALA A 13 -12.44 5.53 4.73
N LYS A 14 -12.52 4.56 3.84
CA LYS A 14 -13.35 3.36 4.07
C LYS A 14 -12.69 2.49 5.14
N GLY A 15 -11.43 2.79 5.40
CA GLY A 15 -10.61 1.93 6.21
C GLY A 15 -9.88 0.92 5.36
N ARG A 16 -9.26 1.42 4.30
CA ARG A 16 -8.45 0.62 3.41
C ARG A 16 -7.02 1.13 3.46
N THR A 17 -6.19 0.47 4.23
CA THR A 17 -4.81 0.91 4.40
C THR A 17 -3.86 0.13 3.50
N TYR A 18 -3.65 0.64 2.29
CA TYR A 18 -2.79 -0.03 1.34
C TYR A 18 -1.46 0.71 1.19
N TYR A 19 -0.39 -0.02 1.46
CA TYR A 19 0.96 0.49 1.25
C TYR A 19 1.48 -0.03 -0.08
N VAL A 20 1.64 0.86 -1.03
CA VAL A 20 2.01 0.48 -2.37
C VAL A 20 3.41 0.97 -2.72
N ASN A 21 4.11 0.24 -3.58
CA ASN A 21 5.38 0.74 -4.09
C ASN A 21 5.42 0.61 -5.59
N HIS A 22 6.07 1.58 -6.22
CA HIS A 22 6.28 1.59 -7.66
C HIS A 22 7.50 0.75 -8.00
N ASN A 23 8.31 0.44 -6.99
CA ASN A 23 9.56 -0.28 -7.18
C ASN A 23 9.33 -1.65 -7.82
N ASN A 24 8.70 -2.55 -7.09
CA ASN A 24 8.42 -3.89 -7.61
C ASN A 24 6.95 -4.03 -7.98
N ARG A 25 6.13 -3.08 -7.51
CA ARG A 25 4.68 -3.06 -7.75
C ARG A 25 3.96 -3.96 -6.76
N THR A 26 3.93 -3.53 -5.52
CA THR A 26 3.33 -4.31 -4.45
C THR A 26 2.46 -3.44 -3.56
N THR A 27 1.43 -4.04 -2.99
CA THR A 27 0.56 -3.36 -2.05
C THR A 27 0.21 -4.28 -0.88
N THR A 28 0.27 -3.76 0.33
CA THR A 28 0.05 -4.56 1.53
C THR A 28 -0.61 -3.74 2.63
N TRP A 29 -1.40 -4.40 3.48
CA TRP A 29 -2.03 -3.74 4.62
C TRP A 29 -1.02 -3.54 5.74
N THR A 30 0.13 -4.20 5.62
CA THR A 30 1.14 -4.16 6.66
C THR A 30 2.04 -2.95 6.51
N ARG A 31 2.34 -2.28 7.62
CA ARG A 31 3.24 -1.13 7.61
C ARG A 31 4.68 -1.57 7.38
N PRO A 32 5.27 -1.19 6.24
CA PRO A 32 6.66 -1.50 5.94
C PRO A 32 7.62 -0.52 6.61
N ILE A 33 8.36 -1.01 7.59
CA ILE A 33 9.37 -0.22 8.26
C ILE A 33 10.71 -0.38 7.55
N GLY A 34 11.02 -1.63 7.23
CA GLY A 34 12.24 -1.93 6.51
C GLY A 34 12.03 -1.92 5.02
N GLU B 1 -7.21 -4.82 9.52
CA GLU B 1 -7.88 -5.04 8.21
C GLU B 1 -8.32 -6.49 8.09
N LEU B 2 -7.35 -7.40 8.02
CA LEU B 2 -7.62 -8.84 7.82
C LEU B 2 -8.28 -9.07 6.47
N GLU B 3 -8.17 -8.07 5.61
CA GLU B 3 -8.76 -8.11 4.27
C GLU B 3 -7.88 -8.93 3.34
N SER B 4 -8.50 -9.45 2.28
CA SER B 4 -7.75 -10.06 1.18
C SER B 4 -6.82 -9.01 0.57
N PRO B 5 -5.74 -9.42 -0.10
CA PRO B 5 -4.73 -8.49 -0.65
C PRO B 5 -5.35 -7.34 -1.44
N PRO B 6 -4.84 -6.11 -1.24
CA PRO B 6 -5.38 -4.88 -1.87
C PRO B 6 -5.58 -5.00 -3.38
N PRO B 7 -6.44 -4.11 -3.92
CA PRO B 7 -6.75 -4.04 -5.36
C PRO B 7 -5.50 -4.03 -6.23
N PRO B 8 -5.55 -4.70 -7.40
CA PRO B 8 -4.41 -4.82 -8.31
C PRO B 8 -3.73 -3.49 -8.61
N TYR B 9 -2.44 -3.44 -8.33
CA TYR B 9 -1.66 -2.22 -8.50
C TYR B 9 -1.00 -2.20 -9.88
N SER B 10 -1.49 -1.32 -10.75
CA SER B 10 -0.90 -1.19 -12.07
C SER B 10 0.11 -0.05 -12.10
N ARG B 11 -0.38 1.17 -12.10
CA ARG B 11 0.49 2.35 -12.07
C ARG B 11 0.21 3.20 -10.84
N TYR B 12 -1.07 3.55 -10.66
CA TYR B 12 -1.48 4.38 -9.54
C TYR B 12 -2.38 3.57 -8.62
N PRO B 13 -2.24 3.74 -7.29
CA PRO B 13 -3.04 3.02 -6.30
C PRO B 13 -4.50 3.46 -6.29
N MET B 14 -5.41 2.49 -6.33
CA MET B 14 -6.83 2.77 -6.39
C MET B 14 -7.61 1.74 -5.58
N ASP B 15 -8.60 2.21 -4.84
CA ASP B 15 -9.46 1.33 -4.06
C ASP B 15 -10.92 1.71 -4.30
N PRO A 1 9.64 5.33 12.81
CA PRO A 1 8.80 4.77 11.73
C PRO A 1 9.57 4.75 10.41
N GLY A 2 9.75 3.57 9.85
CA GLY A 2 10.54 3.43 8.63
C GLY A 2 9.74 3.76 7.39
N LEU A 3 10.29 4.59 6.53
CA LEU A 3 9.67 4.90 5.25
C LEU A 3 10.71 4.74 4.14
N PRO A 4 10.53 3.74 3.26
CA PRO A 4 11.42 3.51 2.14
C PRO A 4 11.00 4.26 0.87
N SER A 5 11.99 4.66 0.09
CA SER A 5 11.75 5.49 -1.09
C SER A 5 11.04 4.70 -2.19
N GLY A 6 9.88 5.19 -2.60
CA GLY A 6 9.10 4.52 -3.63
C GLY A 6 7.76 4.06 -3.13
N TRP A 7 7.58 4.07 -1.82
CA TRP A 7 6.33 3.66 -1.20
C TRP A 7 5.45 4.86 -0.86
N GLU A 8 4.15 4.74 -1.06
CA GLU A 8 3.22 5.76 -0.60
C GLU A 8 2.21 5.16 0.37
N GLU A 9 2.12 5.77 1.55
CA GLU A 9 1.22 5.30 2.59
C GLU A 9 -0.09 6.05 2.48
N ARG A 10 -1.10 5.42 1.96
CA ARG A 10 -2.31 6.13 1.63
C ARG A 10 -3.54 5.41 2.17
N LYS A 11 -4.26 6.12 3.04
CA LYS A 11 -5.45 5.59 3.67
C LYS A 11 -6.67 6.17 3.00
N ASP A 12 -7.46 5.31 2.38
CA ASP A 12 -8.63 5.77 1.62
C ASP A 12 -9.86 5.83 2.53
N ALA A 13 -10.77 6.75 2.21
CA ALA A 13 -11.88 7.11 3.08
C ALA A 13 -12.81 5.96 3.42
N LYS A 14 -12.84 4.92 2.58
CA LYS A 14 -13.65 3.72 2.89
C LYS A 14 -13.07 3.00 4.09
N GLY A 15 -11.86 3.37 4.44
CA GLY A 15 -11.10 2.68 5.46
C GLY A 15 -10.27 1.58 4.87
N ARG A 16 -9.57 1.94 3.79
CA ARG A 16 -8.65 1.03 3.14
C ARG A 16 -7.23 1.56 3.31
N THR A 17 -6.49 0.96 4.23
CA THR A 17 -5.14 1.39 4.51
C THR A 17 -4.13 0.54 3.77
N TYR A 18 -3.78 0.95 2.56
CA TYR A 18 -2.88 0.17 1.73
C TYR A 18 -1.56 0.91 1.49
N TYR A 19 -0.47 0.18 1.64
CA TYR A 19 0.84 0.70 1.30
C TYR A 19 1.20 0.27 -0.11
N VAL A 20 1.30 1.20 -1.03
CA VAL A 20 1.61 0.89 -2.41
C VAL A 20 3.04 1.27 -2.76
N ASN A 21 3.75 0.32 -3.35
CA ASN A 21 5.14 0.51 -3.73
C ASN A 21 5.27 0.67 -5.24
N HIS A 22 5.79 1.82 -5.65
CA HIS A 22 5.99 2.12 -7.07
C HIS A 22 7.22 1.41 -7.61
N ASN A 23 8.06 0.94 -6.70
CA ASN A 23 9.34 0.34 -7.07
C ASN A 23 9.16 -0.95 -7.85
N ASN A 24 8.38 -1.87 -7.31
CA ASN A 24 8.26 -3.20 -7.89
C ASN A 24 6.84 -3.52 -8.37
N ARG A 25 5.86 -2.71 -7.93
CA ARG A 25 4.44 -2.95 -8.15
C ARG A 25 3.90 -3.95 -7.13
N THR A 26 3.81 -3.51 -5.88
CA THR A 26 3.29 -4.35 -4.80
C THR A 26 2.62 -3.49 -3.74
N THR A 27 1.55 -4.01 -3.15
CA THR A 27 0.85 -3.31 -2.08
C THR A 27 0.56 -4.28 -0.93
N THR A 28 0.56 -3.77 0.30
CA THR A 28 0.42 -4.61 1.48
C THR A 28 -0.28 -3.85 2.62
N TRP A 29 -1.01 -4.57 3.47
CA TRP A 29 -1.65 -3.96 4.62
C TRP A 29 -0.64 -3.69 5.73
N THR A 30 0.42 -4.50 5.75
CA THR A 30 1.40 -4.44 6.82
C THR A 30 2.41 -3.32 6.60
N ARG A 31 2.92 -2.77 7.70
CA ARG A 31 3.84 -1.66 7.65
C ARG A 31 5.24 -2.12 7.26
N PRO A 32 5.75 -1.64 6.12
CA PRO A 32 7.12 -1.90 5.70
C PRO A 32 8.09 -0.91 6.34
N ILE A 33 9.05 -1.41 7.11
CA ILE A 33 10.04 -0.55 7.74
C ILE A 33 11.25 -0.37 6.82
N GLY A 34 11.86 -1.48 6.41
CA GLY A 34 12.97 -1.42 5.49
C GLY A 34 12.53 -1.47 4.04
N GLU B 1 -4.84 -7.43 9.39
CA GLU B 1 -6.11 -6.67 9.40
C GLU B 1 -7.28 -7.57 9.06
N LEU B 2 -6.99 -8.84 8.72
CA LEU B 2 -8.03 -9.82 8.38
C LEU B 2 -8.73 -9.46 7.08
N GLU B 3 -8.17 -8.52 6.34
CA GLU B 3 -8.77 -8.05 5.11
C GLU B 3 -8.27 -8.86 3.93
N SER B 4 -9.13 -9.02 2.95
CA SER B 4 -8.75 -9.60 1.67
C SER B 4 -7.61 -8.78 1.06
N PRO B 5 -6.63 -9.44 0.40
CA PRO B 5 -5.44 -8.78 -0.14
C PRO B 5 -5.78 -7.52 -0.95
N PRO B 6 -4.95 -6.45 -0.83
CA PRO B 6 -5.18 -5.16 -1.48
C PRO B 6 -5.49 -5.27 -2.98
N PRO B 7 -6.32 -4.35 -3.48
CA PRO B 7 -6.71 -4.31 -4.90
C PRO B 7 -5.49 -4.21 -5.83
N PRO B 8 -5.57 -4.86 -7.01
CA PRO B 8 -4.47 -4.91 -7.98
C PRO B 8 -3.88 -3.53 -8.28
N TYR B 9 -2.57 -3.43 -8.12
CA TYR B 9 -1.86 -2.18 -8.33
C TYR B 9 -1.17 -2.16 -9.69
N SER B 10 -1.44 -1.12 -10.47
CA SER B 10 -0.80 -0.97 -11.78
C SER B 10 0.20 0.19 -11.76
N ARG B 11 -0.30 1.42 -11.79
CA ARG B 11 0.57 2.61 -11.72
C ARG B 11 0.23 3.46 -10.51
N TYR B 12 -1.04 3.76 -10.33
CA TYR B 12 -1.51 4.51 -9.18
C TYR B 12 -2.28 3.57 -8.27
N PRO B 13 -2.53 3.98 -7.01
CA PRO B 13 -3.33 3.19 -6.08
C PRO B 13 -4.79 3.18 -6.50
N MET B 14 -5.28 1.99 -6.83
CA MET B 14 -6.64 1.85 -7.37
C MET B 14 -7.52 1.05 -6.42
N ASP B 15 -8.33 1.76 -5.65
CA ASP B 15 -9.27 1.14 -4.72
C ASP B 15 -10.66 1.71 -4.94
N PRO A 1 7.94 5.01 13.05
CA PRO A 1 7.71 4.34 11.75
C PRO A 1 8.32 5.14 10.62
N GLY A 2 9.34 4.56 9.99
CA GLY A 2 10.00 5.24 8.89
C GLY A 2 9.30 5.04 7.57
N LEU A 3 9.33 6.07 6.73
CA LEU A 3 8.72 6.01 5.41
C LEU A 3 9.77 5.62 4.39
N PRO A 4 9.57 4.52 3.65
CA PRO A 4 10.55 4.05 2.67
C PRO A 4 10.32 4.64 1.28
N SER A 5 11.42 4.92 0.59
CA SER A 5 11.38 5.60 -0.70
C SER A 5 10.79 4.68 -1.77
N GLY A 6 9.82 5.20 -2.52
CA GLY A 6 9.13 4.41 -3.52
C GLY A 6 7.74 4.02 -3.07
N TRP A 7 7.50 4.14 -1.78
CA TRP A 7 6.23 3.76 -1.19
C TRP A 7 5.33 4.97 -0.95
N GLU A 8 4.05 4.81 -1.26
CA GLU A 8 3.06 5.81 -0.93
C GLU A 8 2.03 5.24 0.01
N GLU A 9 2.10 5.66 1.26
CA GLU A 9 1.23 5.16 2.31
C GLU A 9 -0.01 6.02 2.36
N ARG A 10 -1.10 5.51 1.87
CA ARG A 10 -2.28 6.33 1.65
C ARG A 10 -3.53 5.68 2.22
N LYS A 11 -4.23 6.44 3.05
CA LYS A 11 -5.43 5.96 3.71
C LYS A 11 -6.65 6.58 3.03
N ASP A 12 -7.50 5.73 2.49
CA ASP A 12 -8.69 6.21 1.78
C ASP A 12 -9.86 6.35 2.76
N ALA A 13 -10.76 7.29 2.46
CA ALA A 13 -11.81 7.72 3.40
C ALA A 13 -12.76 6.59 3.81
N LYS A 14 -12.86 5.54 2.99
CA LYS A 14 -13.68 4.37 3.35
C LYS A 14 -13.07 3.65 4.54
N GLY A 15 -11.83 3.99 4.83
CA GLY A 15 -11.04 3.26 5.79
C GLY A 15 -10.28 2.14 5.15
N ARG A 16 -9.61 2.49 4.05
CA ARG A 16 -8.77 1.55 3.32
C ARG A 16 -7.32 1.99 3.45
N THR A 17 -6.55 1.27 4.24
CA THR A 17 -5.15 1.61 4.47
C THR A 17 -4.24 0.72 3.63
N TYR A 18 -3.91 1.16 2.43
CA TYR A 18 -3.06 0.39 1.55
C TYR A 18 -1.70 1.04 1.38
N TYR A 19 -0.67 0.29 1.70
CA TYR A 19 0.70 0.73 1.48
C TYR A 19 1.15 0.25 0.12
N VAL A 20 1.21 1.15 -0.83
CA VAL A 20 1.54 0.79 -2.20
C VAL A 20 2.97 1.19 -2.55
N ASN A 21 3.61 0.40 -3.39
CA ASN A 21 5.01 0.62 -3.72
C ASN A 21 5.23 0.72 -5.22
N HIS A 22 5.79 1.84 -5.66
CA HIS A 22 6.10 2.06 -7.07
C HIS A 22 7.36 1.32 -7.47
N ASN A 23 8.15 0.94 -6.47
CA ASN A 23 9.45 0.29 -6.70
C ASN A 23 9.29 -1.01 -7.47
N ASN A 24 8.98 -2.06 -6.75
CA ASN A 24 8.85 -3.38 -7.33
C ASN A 24 7.40 -3.60 -7.78
N ARG A 25 6.51 -2.72 -7.31
CA ARG A 25 5.08 -2.76 -7.65
C ARG A 25 4.31 -3.77 -6.81
N THR A 26 4.17 -3.44 -5.53
CA THR A 26 3.49 -4.31 -4.57
C THR A 26 2.83 -3.47 -3.48
N THR A 27 1.69 -3.93 -3.00
CA THR A 27 0.99 -3.26 -1.90
C THR A 27 0.71 -4.26 -0.77
N THR A 28 0.71 -3.76 0.46
CA THR A 28 0.59 -4.62 1.63
C THR A 28 -0.10 -3.90 2.79
N TRP A 29 -0.80 -4.67 3.62
CA TRP A 29 -1.48 -4.14 4.80
C TRP A 29 -0.46 -3.88 5.93
N THR A 30 0.75 -4.36 5.73
CA THR A 30 1.79 -4.33 6.75
C THR A 30 2.77 -3.18 6.50
N ARG A 31 3.35 -2.65 7.58
CA ARG A 31 4.35 -1.61 7.47
C ARG A 31 5.63 -2.19 6.86
N PRO A 32 5.99 -1.70 5.67
CA PRO A 32 7.15 -2.21 4.92
C PRO A 32 8.48 -1.72 5.48
N ILE A 33 9.40 -2.66 5.65
CA ILE A 33 10.75 -2.34 6.07
C ILE A 33 11.64 -2.07 4.86
N GLY A 34 11.29 -2.68 3.73
CA GLY A 34 12.08 -2.52 2.52
C GLY A 34 11.62 -1.36 1.67
N GLU B 1 -5.36 -8.47 9.19
CA GLU B 1 -6.45 -7.47 9.25
C GLU B 1 -7.79 -8.09 8.86
N LEU B 2 -7.79 -9.41 8.62
CA LEU B 2 -8.98 -10.13 8.14
C LEU B 2 -9.42 -9.63 6.76
N GLU B 3 -8.58 -8.82 6.13
CA GLU B 3 -8.89 -8.26 4.82
C GLU B 3 -8.17 -9.03 3.73
N SER B 4 -8.89 -9.30 2.65
CA SER B 4 -8.30 -9.90 1.46
C SER B 4 -7.19 -9.01 0.93
N PRO B 5 -6.18 -9.59 0.25
CA PRO B 5 -5.01 -8.85 -0.26
C PRO B 5 -5.42 -7.59 -1.02
N PRO B 6 -4.68 -6.48 -0.84
CA PRO B 6 -5.02 -5.18 -1.45
C PRO B 6 -5.25 -5.26 -2.95
N PRO B 7 -6.08 -4.35 -3.45
CA PRO B 7 -6.40 -4.24 -4.89
C PRO B 7 -5.13 -4.22 -5.75
N PRO B 8 -5.10 -5.02 -6.83
CA PRO B 8 -3.92 -5.20 -7.67
C PRO B 8 -3.28 -3.88 -8.09
N TYR B 9 -2.03 -3.70 -7.72
CA TYR B 9 -1.32 -2.46 -7.98
C TYR B 9 -0.63 -2.51 -9.33
N SER B 10 -1.09 -1.68 -10.25
CA SER B 10 -0.48 -1.60 -11.56
C SER B 10 0.50 -0.42 -11.62
N ARG B 11 -0.04 0.79 -11.66
CA ARG B 11 0.80 1.98 -11.74
C ARG B 11 0.55 2.90 -10.55
N TYR B 12 -0.70 3.28 -10.36
CA TYR B 12 -1.09 4.11 -9.22
C TYR B 12 -2.12 3.38 -8.36
N PRO B 13 -2.33 3.84 -7.10
CA PRO B 13 -3.26 3.18 -6.17
C PRO B 13 -4.71 3.35 -6.56
N MET B 14 -5.47 2.27 -6.47
CA MET B 14 -6.88 2.28 -6.80
C MET B 14 -7.66 1.28 -5.92
N ASP B 15 -8.50 1.80 -5.04
CA ASP B 15 -9.30 0.95 -4.16
C ASP B 15 -10.78 1.13 -4.47
N PRO A 1 8.56 5.80 11.75
CA PRO A 1 8.04 4.93 10.68
C PRO A 1 9.03 4.89 9.51
N GLY A 2 9.41 3.69 9.10
CA GLY A 2 10.35 3.54 8.03
C GLY A 2 9.72 3.73 6.67
N LEU A 3 9.71 4.97 6.20
CA LEU A 3 9.13 5.28 4.90
C LEU A 3 10.22 5.28 3.83
N PRO A 4 10.19 4.30 2.92
CA PRO A 4 11.12 4.23 1.81
C PRO A 4 10.62 4.98 0.58
N SER A 5 11.54 5.57 -0.17
CA SER A 5 11.18 6.37 -1.33
C SER A 5 10.65 5.47 -2.45
N GLY A 6 9.40 5.69 -2.83
CA GLY A 6 8.75 4.83 -3.79
C GLY A 6 7.50 4.18 -3.21
N TRP A 7 7.32 4.32 -1.91
CA TRP A 7 6.13 3.85 -1.24
C TRP A 7 5.22 5.01 -0.87
N GLU A 8 3.94 4.89 -1.15
CA GLU A 8 2.98 5.88 -0.70
C GLU A 8 2.04 5.26 0.33
N GLU A 9 2.05 5.80 1.54
CA GLU A 9 1.24 5.27 2.61
C GLU A 9 -0.07 6.03 2.64
N ARG A 10 -1.11 5.45 2.10
CA ARG A 10 -2.31 6.20 1.83
C ARG A 10 -3.55 5.51 2.36
N LYS A 11 -4.29 6.25 3.18
CA LYS A 11 -5.50 5.74 3.79
C LYS A 11 -6.72 6.34 3.08
N ASP A 12 -7.56 5.48 2.54
CA ASP A 12 -8.73 5.91 1.78
C ASP A 12 -9.93 6.06 2.70
N ALA A 13 -10.84 6.98 2.35
CA ALA A 13 -11.96 7.38 3.20
C ALA A 13 -12.89 6.22 3.57
N LYS A 14 -12.92 5.17 2.75
CA LYS A 14 -13.74 3.99 3.06
C LYS A 14 -13.15 3.27 4.26
N GLY A 15 -11.93 3.63 4.59
CA GLY A 15 -11.16 2.91 5.57
C GLY A 15 -10.35 1.82 4.93
N ARG A 16 -9.49 2.23 4.01
CA ARG A 16 -8.60 1.32 3.30
C ARG A 16 -7.16 1.74 3.53
N THR A 17 -6.44 0.98 4.34
CA THR A 17 -5.07 1.29 4.67
C THR A 17 -4.11 0.43 3.85
N TYR A 18 -3.64 0.96 2.73
CA TYR A 18 -2.77 0.19 1.86
C TYR A 18 -1.41 0.86 1.68
N TYR A 19 -0.37 0.09 1.92
CA TYR A 19 0.99 0.52 1.63
C TYR A 19 1.37 0.02 0.25
N VAL A 20 1.65 0.92 -0.67
CA VAL A 20 1.94 0.53 -2.04
C VAL A 20 3.39 0.78 -2.42
N ASN A 21 3.97 -0.19 -3.11
CA ASN A 21 5.35 -0.14 -3.55
C ASN A 21 5.41 0.10 -5.05
N HIS A 22 6.02 1.22 -5.45
CA HIS A 22 6.19 1.56 -6.86
C HIS A 22 7.30 0.74 -7.53
N ASN A 23 8.14 0.11 -6.71
CA ASN A 23 9.31 -0.61 -7.23
C ASN A 23 8.90 -1.81 -8.07
N ASN A 24 8.30 -2.80 -7.43
CA ASN A 24 7.94 -4.04 -8.11
C ASN A 24 6.45 -4.09 -8.42
N ARG A 25 5.69 -3.17 -7.79
CA ARG A 25 4.24 -3.07 -7.94
C ARG A 25 3.52 -4.09 -7.04
N THR A 26 3.58 -3.84 -5.75
CA THR A 26 2.88 -4.68 -4.79
C THR A 26 2.36 -3.82 -3.65
N THR A 27 1.26 -4.22 -3.05
CA THR A 27 0.69 -3.48 -1.94
C THR A 27 0.32 -4.43 -0.79
N THR A 28 0.57 -3.99 0.43
CA THR A 28 0.42 -4.84 1.60
C THR A 28 -0.29 -4.10 2.73
N TRP A 29 -1.02 -4.83 3.56
CA TRP A 29 -1.67 -4.26 4.73
C TRP A 29 -0.66 -4.11 5.86
N THR A 30 0.50 -4.73 5.69
CA THR A 30 1.53 -4.77 6.73
C THR A 30 2.42 -3.53 6.66
N ARG A 31 2.80 -3.03 7.83
CA ARG A 31 3.68 -1.87 7.92
C ARG A 31 5.11 -2.23 7.51
N PRO A 32 5.62 -1.61 6.45
CA PRO A 32 7.01 -1.79 6.02
C PRO A 32 7.99 -0.99 6.88
N ILE A 33 9.00 -1.66 7.40
CA ILE A 33 10.05 -1.00 8.14
C ILE A 33 11.17 -0.59 7.18
N GLY A 34 11.58 -1.53 6.33
CA GLY A 34 12.56 -1.24 5.31
C GLY A 34 11.89 -0.78 4.03
N GLU B 1 -4.74 -7.34 9.38
CA GLU B 1 -6.04 -6.63 9.17
C GLU B 1 -7.13 -7.61 8.73
N LEU B 2 -6.73 -8.85 8.43
CA LEU B 2 -7.68 -9.93 8.05
C LEU B 2 -8.34 -9.63 6.71
N GLU B 3 -7.84 -8.63 6.01
CA GLU B 3 -8.40 -8.21 4.74
C GLU B 3 -7.77 -8.96 3.57
N SER B 4 -8.59 -9.28 2.58
CA SER B 4 -8.13 -9.88 1.35
C SER B 4 -7.09 -8.97 0.69
N PRO B 5 -6.12 -9.55 -0.04
CA PRO B 5 -5.02 -8.78 -0.66
C PRO B 5 -5.51 -7.56 -1.42
N PRO B 6 -4.88 -6.38 -1.19
CA PRO B 6 -5.32 -5.10 -1.76
C PRO B 6 -5.57 -5.13 -3.26
N PRO B 7 -6.40 -4.20 -3.74
CA PRO B 7 -6.73 -4.06 -5.16
C PRO B 7 -5.48 -4.01 -6.04
N PRO B 8 -5.56 -4.62 -7.24
CA PRO B 8 -4.41 -4.73 -8.16
C PRO B 8 -3.73 -3.38 -8.40
N TYR B 9 -2.45 -3.32 -8.05
CA TYR B 9 -1.69 -2.09 -8.21
C TYR B 9 -1.06 -2.03 -9.59
N SER B 10 -1.49 -1.05 -10.39
CA SER B 10 -0.95 -0.90 -11.72
C SER B 10 0.15 0.15 -11.76
N ARG B 11 -0.22 1.42 -11.72
CA ARG B 11 0.76 2.49 -11.65
C ARG B 11 0.59 3.37 -10.40
N TYR B 12 -0.64 3.78 -10.12
CA TYR B 12 -0.94 4.60 -8.95
C TYR B 12 -1.74 3.76 -7.95
N PRO B 13 -1.83 4.21 -6.68
CA PRO B 13 -2.63 3.52 -5.67
C PRO B 13 -4.12 3.65 -5.97
N MET B 14 -4.75 2.52 -6.27
CA MET B 14 -6.14 2.52 -6.69
C MET B 14 -6.97 1.55 -5.86
N ASP B 15 -7.95 2.06 -5.13
CA ASP B 15 -8.85 1.23 -4.33
C ASP B 15 -10.29 1.46 -4.78
N PRO A 1 7.51 8.30 11.61
CA PRO A 1 7.33 6.91 11.13
C PRO A 1 8.37 6.59 10.06
N GLY A 2 8.90 5.37 10.11
CA GLY A 2 9.93 4.95 9.17
C GLY A 2 9.37 4.70 7.79
N LEU A 3 9.42 5.73 6.94
CA LEU A 3 8.88 5.64 5.60
C LEU A 3 9.97 5.17 4.63
N PRO A 4 9.70 4.09 3.86
CA PRO A 4 10.65 3.59 2.89
C PRO A 4 10.46 4.23 1.51
N SER A 5 11.57 4.56 0.87
CA SER A 5 11.54 5.31 -0.37
C SER A 5 10.98 4.47 -1.51
N GLY A 6 9.98 5.01 -2.20
CA GLY A 6 9.35 4.28 -3.27
C GLY A 6 7.99 3.73 -2.85
N TRP A 7 7.71 3.82 -1.56
CA TRP A 7 6.42 3.38 -1.03
C TRP A 7 5.50 4.57 -0.82
N GLU A 8 4.37 4.57 -1.51
CA GLU A 8 3.36 5.59 -1.29
C GLU A 8 2.27 5.03 -0.39
N GLU A 9 2.20 5.54 0.82
CA GLU A 9 1.32 5.01 1.84
C GLU A 9 0.06 5.84 1.91
N ARG A 10 -1.04 5.26 1.46
CA ARG A 10 -2.23 6.04 1.26
C ARG A 10 -3.45 5.35 1.84
N LYS A 11 -4.17 6.11 2.65
CA LYS A 11 -5.32 5.60 3.37
C LYS A 11 -6.60 6.16 2.74
N ASP A 12 -7.50 5.25 2.41
CA ASP A 12 -8.75 5.64 1.77
C ASP A 12 -9.82 5.93 2.82
N ALA A 13 -10.76 6.81 2.50
CA ALA A 13 -11.72 7.34 3.46
C ALA A 13 -12.60 6.25 4.11
N LYS A 14 -12.76 5.12 3.42
CA LYS A 14 -13.51 3.99 4.00
C LYS A 14 -12.72 3.38 5.15
N GLY A 15 -11.45 3.75 5.21
CA GLY A 15 -10.53 3.12 6.11
C GLY A 15 -9.84 1.95 5.45
N ARG A 16 -9.24 2.24 4.31
CA ARG A 16 -8.47 1.25 3.58
C ARG A 16 -7.00 1.66 3.63
N THR A 17 -6.23 0.96 4.45
CA THR A 17 -4.82 1.29 4.62
C THR A 17 -3.95 0.42 3.72
N TYR A 18 -3.68 0.89 2.50
CA TYR A 18 -2.87 0.14 1.58
C TYR A 18 -1.58 0.88 1.25
N TYR A 19 -0.46 0.23 1.52
CA TYR A 19 0.83 0.76 1.17
C TYR A 19 1.20 0.27 -0.23
N VAL A 20 1.25 1.18 -1.19
CA VAL A 20 1.53 0.78 -2.55
C VAL A 20 2.96 1.13 -2.95
N ASN A 21 3.74 0.09 -3.21
CA ASN A 21 5.15 0.21 -3.53
C ASN A 21 5.36 0.38 -5.03
N HIS A 22 6.16 1.38 -5.40
CA HIS A 22 6.50 1.60 -6.80
C HIS A 22 7.78 0.88 -7.19
N ASN A 23 8.54 0.44 -6.20
CA ASN A 23 9.84 -0.21 -6.44
C ASN A 23 9.68 -1.51 -7.22
N ASN A 24 8.94 -2.44 -6.63
CA ASN A 24 8.65 -3.72 -7.25
C ASN A 24 7.19 -3.80 -7.71
N ARG A 25 6.39 -2.85 -7.24
CA ARG A 25 4.96 -2.78 -7.55
C ARG A 25 4.17 -3.81 -6.77
N THR A 26 4.08 -3.59 -5.47
CA THR A 26 3.36 -4.48 -4.58
C THR A 26 2.67 -3.67 -3.48
N THR A 27 1.49 -4.09 -3.07
CA THR A 27 0.77 -3.40 -2.01
C THR A 27 0.36 -4.38 -0.91
N THR A 28 0.48 -3.93 0.34
CA THR A 28 0.23 -4.79 1.48
C THR A 28 -0.37 -3.98 2.64
N TRP A 29 -1.19 -4.63 3.47
CA TRP A 29 -1.81 -3.98 4.62
C TRP A 29 -0.80 -3.79 5.75
N THR A 30 0.33 -4.47 5.64
CA THR A 30 1.34 -4.47 6.69
C THR A 30 2.31 -3.30 6.53
N ARG A 31 2.84 -2.81 7.65
CA ARG A 31 3.81 -1.73 7.62
C ARG A 31 5.16 -2.24 7.13
N PRO A 32 5.60 -1.77 5.95
CA PRO A 32 6.87 -2.21 5.36
C PRO A 32 8.08 -1.47 5.93
N ILE A 33 8.99 -2.22 6.52
CA ILE A 33 10.26 -1.65 6.96
C ILE A 33 11.28 -1.78 5.84
N GLY A 34 11.45 -2.99 5.34
CA GLY A 34 12.37 -3.24 4.25
C GLY A 34 11.69 -3.11 2.91
N GLU B 1 -4.47 -6.94 9.00
CA GLU B 1 -5.85 -6.42 9.05
C GLU B 1 -6.87 -7.51 8.75
N LEU B 2 -6.37 -8.71 8.39
CA LEU B 2 -7.24 -9.86 8.10
C LEU B 2 -8.05 -9.63 6.83
N GLU B 3 -7.63 -8.65 6.04
CA GLU B 3 -8.33 -8.28 4.81
C GLU B 3 -7.69 -8.95 3.61
N SER B 4 -8.53 -9.25 2.61
CA SER B 4 -8.06 -9.80 1.34
C SER B 4 -7.03 -8.88 0.71
N PRO B 5 -6.03 -9.43 0.00
CA PRO B 5 -4.93 -8.66 -0.60
C PRO B 5 -5.43 -7.45 -1.39
N PRO B 6 -4.79 -6.27 -1.18
CA PRO B 6 -5.18 -5.00 -1.81
C PRO B 6 -5.38 -5.11 -3.33
N PRO B 7 -6.24 -4.23 -3.87
CA PRO B 7 -6.56 -4.19 -5.30
C PRO B 7 -5.31 -4.12 -6.19
N PRO B 8 -5.33 -4.84 -7.33
CA PRO B 8 -4.19 -4.92 -8.25
C PRO B 8 -3.64 -3.55 -8.63
N TYR B 9 -2.35 -3.36 -8.40
CA TYR B 9 -1.72 -2.07 -8.61
C TYR B 9 -1.05 -2.00 -9.98
N SER B 10 -1.52 -1.09 -10.83
CA SER B 10 -0.91 -0.90 -12.13
C SER B 10 -0.02 0.34 -12.14
N ARG B 11 -0.63 1.52 -12.19
CA ARG B 11 0.12 2.77 -12.14
C ARG B 11 -0.29 3.62 -10.93
N TYR B 12 -1.59 3.82 -10.76
CA TYR B 12 -2.10 4.63 -9.65
C TYR B 12 -2.86 3.77 -8.65
N PRO B 13 -2.80 4.12 -7.36
CA PRO B 13 -3.48 3.39 -6.30
C PRO B 13 -4.99 3.56 -6.37
N MET B 14 -5.72 2.45 -6.27
CA MET B 14 -7.16 2.46 -6.42
C MET B 14 -7.80 1.47 -5.46
N ASP B 15 -8.87 1.90 -4.81
CA ASP B 15 -9.61 1.02 -3.92
C ASP B 15 -11.09 1.10 -4.25
N PRO A 1 9.40 8.26 12.03
CA PRO A 1 8.60 7.54 11.02
C PRO A 1 9.49 6.74 10.09
N GLY A 2 9.27 5.43 10.04
CA GLY A 2 10.04 4.58 9.16
C GLY A 2 9.40 4.46 7.80
N LEU A 3 9.76 5.37 6.90
CA LEU A 3 9.15 5.41 5.59
C LEU A 3 10.23 5.39 4.50
N PRO A 4 10.23 4.36 3.65
CA PRO A 4 11.16 4.27 2.53
C PRO A 4 10.61 4.93 1.27
N SER A 5 11.46 5.68 0.57
CA SER A 5 11.04 6.42 -0.60
C SER A 5 10.71 5.46 -1.75
N GLY A 6 9.55 5.66 -2.35
CA GLY A 6 9.04 4.73 -3.33
C GLY A 6 7.76 4.08 -2.87
N TRP A 7 7.46 4.26 -1.60
CA TRP A 7 6.23 3.75 -1.00
C TRP A 7 5.27 4.89 -0.70
N GLU A 8 3.98 4.64 -0.88
CA GLU A 8 2.97 5.56 -0.37
C GLU A 8 2.03 4.81 0.56
N GLU A 9 2.03 5.20 1.82
CA GLU A 9 1.19 4.58 2.83
C GLU A 9 -0.12 5.31 2.88
N ARG A 10 -1.09 4.81 2.16
CA ARG A 10 -2.26 5.60 1.86
C ARG A 10 -3.51 5.08 2.52
N LYS A 11 -4.05 5.90 3.40
CA LYS A 11 -5.29 5.60 4.09
C LYS A 11 -6.44 6.23 3.33
N ASP A 12 -7.31 5.39 2.80
CA ASP A 12 -8.41 5.86 1.97
C ASP A 12 -9.63 6.16 2.84
N ALA A 13 -10.45 7.10 2.40
CA ALA A 13 -11.54 7.66 3.20
C ALA A 13 -12.57 6.62 3.64
N LYS A 14 -12.66 5.50 2.92
CA LYS A 14 -13.56 4.41 3.32
C LYS A 14 -13.02 3.72 4.56
N GLY A 15 -11.76 4.00 4.85
CA GLY A 15 -11.04 3.31 5.90
C GLY A 15 -10.32 2.10 5.35
N ARG A 16 -9.50 2.33 4.33
CA ARG A 16 -8.70 1.27 3.72
C ARG A 16 -7.23 1.67 3.75
N THR A 17 -6.44 0.92 4.50
CA THR A 17 -5.02 1.25 4.67
C THR A 17 -4.13 0.37 3.80
N TYR A 18 -3.84 0.80 2.58
CA TYR A 18 -3.02 0.01 1.69
C TYR A 18 -1.68 0.69 1.44
N TYR A 19 -0.62 -0.08 1.64
CA TYR A 19 0.74 0.40 1.40
C TYR A 19 1.20 -0.05 0.02
N VAL A 20 1.45 0.90 -0.87
CA VAL A 20 1.89 0.55 -2.22
C VAL A 20 3.35 0.90 -2.45
N ASN A 21 4.06 -0.04 -3.05
CA ASN A 21 5.46 0.13 -3.38
C ASN A 21 5.63 0.34 -4.88
N HIS A 22 6.33 1.40 -5.26
CA HIS A 22 6.59 1.70 -6.66
C HIS A 22 7.89 1.04 -7.13
N ASN A 23 8.70 0.59 -6.18
CA ASN A 23 10.00 -0.02 -6.49
C ASN A 23 9.84 -1.30 -7.31
N ASN A 24 9.25 -2.33 -6.71
CA ASN A 24 9.01 -3.61 -7.37
C ASN A 24 7.58 -3.71 -7.83
N ARG A 25 6.74 -2.82 -7.30
CA ARG A 25 5.34 -2.68 -7.70
C ARG A 25 4.46 -3.72 -7.05
N THR A 26 4.26 -3.57 -5.75
CA THR A 26 3.40 -4.46 -4.99
C THR A 26 2.75 -3.69 -3.84
N THR A 27 1.56 -4.09 -3.44
CA THR A 27 0.89 -3.46 -2.32
C THR A 27 0.54 -4.51 -1.25
N THR A 28 0.63 -4.11 0.01
CA THR A 28 0.48 -5.04 1.11
C THR A 28 -0.10 -4.33 2.34
N TRP A 29 -0.83 -5.08 3.16
CA TRP A 29 -1.32 -4.56 4.44
C TRP A 29 -0.17 -4.51 5.44
N THR A 30 0.89 -5.26 5.15
CA THR A 30 2.02 -5.38 6.05
C THR A 30 2.81 -4.08 6.11
N ARG A 31 3.23 -3.71 7.32
CA ARG A 31 4.06 -2.53 7.52
C ARG A 31 5.46 -2.73 6.96
N PRO A 32 5.82 -1.97 5.92
CA PRO A 32 7.16 -2.06 5.33
C PRO A 32 8.23 -1.49 6.25
N ILE A 33 9.04 -2.39 6.80
CA ILE A 33 10.19 -1.99 7.57
C ILE A 33 11.41 -1.87 6.66
N GLY A 34 11.38 -2.61 5.56
CA GLY A 34 12.49 -2.60 4.63
C GLY A 34 12.32 -1.54 3.57
N GLU B 1 -6.49 -5.90 10.49
CA GLU B 1 -7.15 -5.86 9.16
C GLU B 1 -7.61 -7.27 8.74
N LEU B 2 -6.67 -8.17 8.47
CA LEU B 2 -6.97 -9.52 7.98
C LEU B 2 -7.78 -9.45 6.67
N GLU B 3 -7.70 -8.31 6.01
CA GLU B 3 -8.47 -8.06 4.80
C GLU B 3 -7.89 -8.81 3.61
N SER B 4 -8.76 -9.11 2.65
CA SER B 4 -8.33 -9.67 1.38
C SER B 4 -7.30 -8.76 0.73
N PRO B 5 -6.38 -9.32 -0.07
CA PRO B 5 -5.24 -8.57 -0.65
C PRO B 5 -5.67 -7.25 -1.32
N PRO B 6 -4.88 -6.17 -1.07
CA PRO B 6 -5.18 -4.83 -1.60
C PRO B 6 -5.48 -4.81 -3.09
N PRO B 7 -6.30 -3.82 -3.51
CA PRO B 7 -6.76 -3.68 -4.89
C PRO B 7 -5.60 -3.68 -5.90
N PRO B 8 -5.84 -4.24 -7.11
CA PRO B 8 -4.81 -4.36 -8.15
C PRO B 8 -4.07 -3.05 -8.42
N TYR B 9 -2.76 -3.10 -8.26
CA TYR B 9 -1.92 -1.97 -8.59
C TYR B 9 -1.45 -2.06 -10.03
N SER B 10 -1.89 -1.16 -10.88
CA SER B 10 -1.39 -1.09 -12.23
C SER B 10 -0.30 -0.01 -12.30
N ARG B 11 -0.72 1.24 -12.28
CA ARG B 11 0.20 2.36 -12.08
C ARG B 11 -0.19 3.15 -10.82
N TYR B 12 -1.48 3.39 -10.63
CA TYR B 12 -1.98 3.98 -9.41
C TYR B 12 -2.95 3.00 -8.76
N PRO B 13 -2.98 2.93 -7.42
CA PRO B 13 -3.85 1.99 -6.71
C PRO B 13 -5.33 2.38 -6.83
N MET B 14 -6.10 1.49 -7.42
CA MET B 14 -7.53 1.73 -7.64
C MET B 14 -8.37 1.06 -6.56
N ASP B 15 -8.78 1.83 -5.58
CA ASP B 15 -9.59 1.30 -4.49
C ASP B 15 -11.00 1.87 -4.57
N PRO A 1 9.38 3.81 12.20
CA PRO A 1 8.98 3.16 10.94
C PRO A 1 9.60 3.87 9.74
N GLY A 2 10.39 3.14 8.97
CA GLY A 2 11.05 3.73 7.83
C GLY A 2 10.15 3.82 6.62
N LEU A 3 10.15 4.96 5.96
CA LEU A 3 9.41 5.14 4.73
C LEU A 3 10.39 5.23 3.56
N PRO A 4 10.42 4.23 2.66
CA PRO A 4 11.30 4.23 1.51
C PRO A 4 10.67 4.91 0.29
N SER A 5 11.50 5.61 -0.48
CA SER A 5 11.00 6.39 -1.61
C SER A 5 10.50 5.50 -2.74
N GLY A 6 9.23 5.69 -3.06
CA GLY A 6 8.57 4.84 -4.02
C GLY A 6 7.32 4.25 -3.42
N TRP A 7 7.30 4.21 -2.10
CA TRP A 7 6.15 3.72 -1.35
C TRP A 7 5.22 4.87 -1.01
N GLU A 8 3.95 4.70 -1.33
CA GLU A 8 2.93 5.65 -0.93
C GLU A 8 1.96 5.00 0.04
N GLU A 9 2.09 5.37 1.29
CA GLU A 9 1.27 4.81 2.36
C GLU A 9 0.05 5.68 2.53
N ARG A 10 -1.08 5.22 2.04
CA ARG A 10 -2.23 6.09 1.90
C ARG A 10 -3.51 5.44 2.38
N LYS A 11 -4.26 6.20 3.18
CA LYS A 11 -5.57 5.76 3.64
C LYS A 11 -6.66 6.33 2.76
N ASP A 12 -7.50 5.46 2.25
CA ASP A 12 -8.57 5.86 1.35
C ASP A 12 -9.83 6.20 2.15
N ALA A 13 -10.64 7.11 1.63
CA ALA A 13 -11.75 7.71 2.39
C ALA A 13 -12.80 6.70 2.89
N LYS A 14 -12.87 5.53 2.27
CA LYS A 14 -13.78 4.47 2.75
C LYS A 14 -13.23 3.86 4.01
N GLY A 15 -11.96 4.14 4.28
CA GLY A 15 -11.23 3.48 5.33
C GLY A 15 -10.54 2.23 4.83
N ARG A 16 -9.77 2.42 3.77
CA ARG A 16 -8.95 1.34 3.21
C ARG A 16 -7.48 1.73 3.33
N THR A 17 -6.71 0.96 4.09
CA THR A 17 -5.31 1.27 4.32
C THR A 17 -4.41 0.36 3.50
N TYR A 18 -3.88 0.88 2.40
CA TYR A 18 -3.00 0.09 1.56
C TYR A 18 -1.61 0.71 1.44
N TYR A 19 -0.59 -0.08 1.76
CA TYR A 19 0.79 0.34 1.57
C TYR A 19 1.24 -0.09 0.18
N VAL A 20 1.24 0.86 -0.75
CA VAL A 20 1.55 0.56 -2.14
C VAL A 20 2.93 1.06 -2.54
N ASN A 21 3.57 0.37 -3.47
CA ASN A 21 4.91 0.72 -3.91
C ASN A 21 5.02 0.72 -5.42
N HIS A 22 5.49 1.84 -5.97
CA HIS A 22 5.66 1.99 -7.42
C HIS A 22 6.89 1.24 -7.90
N ASN A 23 7.79 0.96 -6.97
CA ASN A 23 9.07 0.33 -7.31
C ASN A 23 8.86 -1.08 -7.86
N ASN A 24 8.49 -1.98 -6.98
CA ASN A 24 8.33 -3.39 -7.34
C ASN A 24 6.88 -3.68 -7.72
N ARG A 25 5.99 -2.75 -7.38
CA ARG A 25 4.55 -2.86 -7.64
C ARG A 25 3.90 -3.84 -6.69
N THR A 26 3.80 -3.45 -5.44
CA THR A 26 3.17 -4.29 -4.44
C THR A 26 2.36 -3.45 -3.46
N THR A 27 1.31 -4.05 -2.93
CA THR A 27 0.53 -3.42 -1.88
C THR A 27 0.26 -4.43 -0.78
N THR A 28 0.41 -4.01 0.46
CA THR A 28 0.33 -4.93 1.58
C THR A 28 -0.30 -4.26 2.80
N TRP A 29 -0.97 -5.08 3.61
CA TRP A 29 -1.50 -4.63 4.90
C TRP A 29 -0.35 -4.50 5.91
N THR A 30 0.79 -5.08 5.54
CA THR A 30 1.95 -5.14 6.41
C THR A 30 2.68 -3.80 6.46
N ARG A 31 3.11 -3.40 7.65
CA ARG A 31 3.89 -2.20 7.83
C ARG A 31 5.37 -2.49 7.57
N PRO A 32 5.94 -1.89 6.51
CA PRO A 32 7.36 -2.00 6.24
C PRO A 32 8.17 -1.23 7.27
N ILE A 33 9.08 -1.93 7.95
CA ILE A 33 9.87 -1.34 9.00
C ILE A 33 11.17 -0.74 8.45
N GLY A 34 11.91 -1.53 7.68
CA GLY A 34 13.13 -1.06 7.07
C GLY A 34 12.88 -0.46 5.71
N GLU B 1 -5.50 -6.58 10.16
CA GLU B 1 -6.44 -6.23 9.06
C GLU B 1 -7.27 -7.46 8.72
N LEU B 2 -6.59 -8.58 8.43
CA LEU B 2 -7.25 -9.86 8.12
C LEU B 2 -8.04 -9.78 6.80
N GLU B 3 -7.82 -8.72 6.06
CA GLU B 3 -8.51 -8.50 4.80
C GLU B 3 -7.87 -9.31 3.68
N SER B 4 -8.67 -9.62 2.67
CA SER B 4 -8.18 -10.22 1.45
C SER B 4 -7.10 -9.32 0.86
N PRO B 5 -6.09 -9.89 0.18
CA PRO B 5 -4.95 -9.12 -0.36
C PRO B 5 -5.40 -7.89 -1.13
N PRO B 6 -4.76 -6.73 -0.86
CA PRO B 6 -5.16 -5.42 -1.43
C PRO B 6 -5.36 -5.44 -2.94
N PRO B 7 -6.21 -4.52 -3.42
CA PRO B 7 -6.55 -4.37 -4.84
C PRO B 7 -5.31 -4.33 -5.74
N PRO B 8 -5.39 -4.99 -6.91
CA PRO B 8 -4.28 -5.10 -7.87
C PRO B 8 -3.65 -3.75 -8.21
N TYR B 9 -2.37 -3.61 -7.92
CA TYR B 9 -1.68 -2.35 -8.11
C TYR B 9 -1.01 -2.30 -9.47
N SER B 10 -1.48 -1.41 -10.33
CA SER B 10 -0.91 -1.26 -11.66
C SER B 10 0.01 -0.04 -11.72
N ARG B 11 -0.58 1.15 -11.71
CA ARG B 11 0.20 2.38 -11.80
C ARG B 11 0.01 3.25 -10.56
N TYR B 12 -1.14 3.88 -10.46
CA TYR B 12 -1.42 4.78 -9.34
C TYR B 12 -2.17 4.05 -8.22
N PRO B 13 -2.08 4.55 -6.97
CA PRO B 13 -2.85 3.99 -5.85
C PRO B 13 -4.33 4.28 -6.00
N MET B 14 -5.14 3.22 -6.03
CA MET B 14 -6.57 3.36 -6.22
C MET B 14 -7.29 2.21 -5.53
N ASP B 15 -8.53 2.46 -5.11
CA ASP B 15 -9.33 1.48 -4.40
C ASP B 15 -10.78 1.58 -4.83
N PRO A 1 8.65 4.95 12.61
CA PRO A 1 8.55 3.92 11.57
C PRO A 1 9.30 4.34 10.31
N GLY A 2 10.13 3.43 9.81
CA GLY A 2 10.93 3.74 8.63
C GLY A 2 10.10 3.85 7.38
N LEU A 3 10.55 4.67 6.45
CA LEU A 3 9.83 4.90 5.20
C LEU A 3 10.77 4.71 4.02
N PRO A 4 10.52 3.70 3.18
CA PRO A 4 11.31 3.44 1.99
C PRO A 4 10.76 4.19 0.78
N SER A 5 11.64 4.84 0.03
CA SER A 5 11.24 5.66 -1.09
C SER A 5 10.72 4.79 -2.23
N GLY A 6 9.54 5.15 -2.71
CA GLY A 6 8.85 4.35 -3.69
C GLY A 6 7.53 3.84 -3.14
N TRP A 7 7.46 3.79 -1.82
CA TRP A 7 6.26 3.37 -1.12
C TRP A 7 5.44 4.58 -0.72
N GLU A 8 4.17 4.61 -1.09
CA GLU A 8 3.30 5.69 -0.66
C GLU A 8 2.23 5.18 0.29
N GLU A 9 2.15 5.81 1.44
CA GLU A 9 1.28 5.38 2.53
C GLU A 9 -0.07 6.05 2.39
N ARG A 10 -0.99 5.38 1.75
CA ARG A 10 -2.23 6.03 1.36
C ARG A 10 -3.44 5.37 1.98
N LYS A 11 -4.22 6.17 2.68
CA LYS A 11 -5.37 5.67 3.42
C LYS A 11 -6.64 6.15 2.76
N ASP A 12 -7.48 5.21 2.36
CA ASP A 12 -8.69 5.52 1.62
C ASP A 12 -9.87 5.76 2.57
N ALA A 13 -10.80 6.61 2.15
CA ALA A 13 -11.89 7.09 3.00
C ALA A 13 -12.77 5.97 3.55
N LYS A 14 -12.89 4.87 2.81
CA LYS A 14 -13.66 3.70 3.26
C LYS A 14 -12.99 3.08 4.47
N GLY A 15 -11.75 3.47 4.70
CA GLY A 15 -10.92 2.83 5.68
C GLY A 15 -10.12 1.70 5.08
N ARG A 16 -9.49 2.00 3.97
CA ARG A 16 -8.61 1.06 3.30
C ARG A 16 -7.17 1.56 3.43
N THR A 17 -6.43 0.99 4.35
CA THR A 17 -5.06 1.40 4.58
C THR A 17 -4.08 0.51 3.82
N TYR A 18 -3.68 0.95 2.64
CA TYR A 18 -2.80 0.15 1.80
C TYR A 18 -1.48 0.85 1.55
N TYR A 19 -0.39 0.13 1.81
CA TYR A 19 0.94 0.59 1.48
C TYR A 19 1.29 0.13 0.08
N VAL A 20 1.47 1.06 -0.84
CA VAL A 20 1.73 0.71 -2.22
C VAL A 20 3.16 1.05 -2.62
N ASN A 21 3.85 0.07 -3.17
CA ASN A 21 5.23 0.24 -3.61
C ASN A 21 5.30 0.37 -5.13
N HIS A 22 5.82 1.50 -5.58
CA HIS A 22 5.98 1.76 -7.01
C HIS A 22 7.14 0.97 -7.59
N ASN A 23 8.03 0.51 -6.73
CA ASN A 23 9.25 -0.17 -7.18
C ASN A 23 8.92 -1.51 -7.83
N ASN A 24 8.03 -2.26 -7.19
CA ASN A 24 7.62 -3.56 -7.69
C ASN A 24 6.14 -3.59 -8.09
N ARG A 25 5.38 -2.57 -7.67
CA ARG A 25 3.95 -2.45 -7.96
C ARG A 25 3.14 -3.41 -7.08
N THR A 26 3.56 -3.53 -5.83
CA THR A 26 2.90 -4.41 -4.88
C THR A 26 2.40 -3.62 -3.69
N THR A 27 1.32 -4.08 -3.08
CA THR A 27 0.72 -3.39 -1.97
C THR A 27 0.41 -4.35 -0.81
N THR A 28 0.55 -3.85 0.42
CA THR A 28 0.35 -4.67 1.61
C THR A 28 -0.27 -3.85 2.74
N TRP A 29 -1.04 -4.52 3.60
CA TRP A 29 -1.66 -3.86 4.74
C TRP A 29 -0.65 -3.70 5.89
N THR A 30 0.45 -4.43 5.79
CA THR A 30 1.44 -4.46 6.86
C THR A 30 2.47 -3.35 6.67
N ARG A 31 2.96 -2.80 7.78
CA ARG A 31 3.92 -1.71 7.74
C ARG A 31 5.33 -2.21 7.44
N PRO A 32 5.94 -1.75 6.34
CA PRO A 32 7.34 -2.01 6.05
C PRO A 32 8.25 -0.99 6.73
N ILE A 33 9.16 -1.45 7.57
CA ILE A 33 10.07 -0.56 8.27
C ILE A 33 11.36 -0.34 7.46
N GLY A 34 12.05 -1.43 7.12
CA GLY A 34 13.26 -1.30 6.36
C GLY A 34 13.02 -1.35 4.87
N GLU B 1 -6.08 -5.47 9.85
CA GLU B 1 -7.08 -5.38 8.76
C GLU B 1 -7.75 -6.74 8.54
N LEU B 2 -6.95 -7.80 8.45
CA LEU B 2 -7.45 -9.16 8.20
C LEU B 2 -8.10 -9.25 6.83
N GLU B 3 -7.72 -8.32 5.96
CA GLU B 3 -8.30 -8.24 4.62
C GLU B 3 -7.44 -8.98 3.60
N SER B 4 -8.09 -9.47 2.56
CA SER B 4 -7.42 -10.05 1.41
C SER B 4 -6.50 -8.99 0.78
N PRO B 5 -5.47 -9.41 0.03
CA PRO B 5 -4.51 -8.48 -0.59
C PRO B 5 -5.22 -7.34 -1.34
N PRO B 6 -4.73 -6.09 -1.17
CA PRO B 6 -5.33 -4.91 -1.79
C PRO B 6 -5.53 -5.04 -3.29
N PRO B 7 -6.47 -4.26 -3.84
CA PRO B 7 -6.78 -4.25 -5.28
C PRO B 7 -5.53 -4.09 -6.14
N PRO B 8 -5.47 -4.81 -7.28
CA PRO B 8 -4.30 -4.86 -8.16
C PRO B 8 -3.73 -3.48 -8.48
N TYR B 9 -2.45 -3.31 -8.20
CA TYR B 9 -1.78 -2.04 -8.38
C TYR B 9 -1.09 -1.99 -9.73
N SER B 10 -1.46 -1.03 -10.56
CA SER B 10 -0.83 -0.88 -11.86
C SER B 10 0.15 0.30 -11.85
N ARG B 11 -0.39 1.50 -11.88
CA ARG B 11 0.43 2.71 -11.79
C ARG B 11 0.03 3.56 -10.58
N TYR B 12 -1.26 3.83 -10.45
CA TYR B 12 -1.77 4.59 -9.32
C TYR B 12 -2.65 3.71 -8.45
N PRO B 13 -2.80 4.02 -7.14
CA PRO B 13 -3.62 3.21 -6.24
C PRO B 13 -5.10 3.35 -6.55
N MET B 14 -5.76 2.23 -6.81
CA MET B 14 -7.18 2.23 -7.12
C MET B 14 -7.92 1.20 -6.27
N ASP B 15 -8.68 1.68 -5.30
CA ASP B 15 -9.46 0.80 -4.43
C ASP B 15 -10.93 0.94 -4.73
N PRO A 1 9.65 3.90 13.04
CA PRO A 1 9.24 3.44 11.70
C PRO A 1 9.64 4.45 10.64
N GLY A 2 10.47 4.03 9.70
CA GLY A 2 10.91 4.92 8.64
C GLY A 2 10.14 4.70 7.35
N LEU A 3 9.98 5.76 6.59
CA LEU A 3 9.30 5.70 5.30
C LEU A 3 10.33 5.47 4.20
N PRO A 4 10.20 4.38 3.43
CA PRO A 4 11.15 4.06 2.36
C PRO A 4 10.74 4.68 1.03
N SER A 5 11.73 5.06 0.24
CA SER A 5 11.51 5.74 -1.02
C SER A 5 10.89 4.80 -2.06
N GLY A 6 9.85 5.28 -2.72
CA GLY A 6 9.13 4.45 -3.67
C GLY A 6 7.80 3.99 -3.12
N TRP A 7 7.72 3.96 -1.80
CA TRP A 7 6.52 3.53 -1.11
C TRP A 7 5.59 4.70 -0.84
N GLU A 8 4.35 4.55 -1.28
CA GLU A 8 3.34 5.54 -0.97
C GLU A 8 2.31 4.95 0.01
N GLU A 9 2.33 5.45 1.22
CA GLU A 9 1.44 4.99 2.27
C GLU A 9 0.17 5.83 2.22
N ARG A 10 -0.88 5.28 1.67
CA ARG A 10 -2.04 6.07 1.35
C ARG A 10 -3.32 5.42 1.84
N LYS A 11 -4.12 6.22 2.53
CA LYS A 11 -5.34 5.75 3.15
C LYS A 11 -6.54 6.19 2.33
N ASP A 12 -7.40 5.24 2.02
CA ASP A 12 -8.60 5.51 1.23
C ASP A 12 -9.75 5.87 2.17
N ALA A 13 -10.67 6.71 1.67
CA ALA A 13 -11.68 7.37 2.51
C ALA A 13 -12.59 6.41 3.26
N LYS A 14 -12.78 5.19 2.75
CA LYS A 14 -13.58 4.18 3.45
C LYS A 14 -12.85 3.72 4.70
N GLY A 15 -11.58 4.06 4.77
CA GLY A 15 -10.67 3.50 5.73
C GLY A 15 -10.00 2.26 5.21
N ARG A 16 -9.35 2.43 4.06
CA ARG A 16 -8.58 1.36 3.45
C ARG A 16 -7.11 1.74 3.48
N THR A 17 -6.35 1.10 4.36
CA THR A 17 -4.95 1.40 4.52
C THR A 17 -4.08 0.46 3.68
N TYR A 18 -3.68 0.91 2.50
CA TYR A 18 -2.84 0.09 1.64
C TYR A 18 -1.50 0.75 1.37
N TYR A 19 -0.44 0.00 1.63
CA TYR A 19 0.91 0.45 1.33
C TYR A 19 1.26 0.03 -0.08
N VAL A 20 1.32 0.97 -1.00
CA VAL A 20 1.60 0.66 -2.39
C VAL A 20 3.00 1.13 -2.78
N ASN A 21 3.80 0.19 -3.28
CA ASN A 21 5.18 0.50 -3.64
C ASN A 21 5.36 0.54 -5.15
N HIS A 22 5.91 1.66 -5.63
CA HIS A 22 6.16 1.84 -7.05
C HIS A 22 7.38 1.04 -7.49
N ASN A 23 8.29 0.78 -6.55
CA ASN A 23 9.55 0.11 -6.85
C ASN A 23 9.30 -1.30 -7.39
N ASN A 24 8.54 -2.09 -6.65
CA ASN A 24 8.23 -3.45 -7.06
C ASN A 24 6.85 -3.54 -7.70
N ARG A 25 6.05 -2.48 -7.52
CA ARG A 25 4.69 -2.39 -8.08
C ARG A 25 3.75 -3.34 -7.35
N THR A 26 3.92 -3.44 -6.04
CA THR A 26 3.08 -4.33 -5.23
C THR A 26 2.57 -3.60 -4.00
N THR A 27 1.40 -4.00 -3.53
CA THR A 27 0.82 -3.39 -2.35
C THR A 27 0.63 -4.42 -1.23
N THR A 28 0.77 -3.98 0.02
CA THR A 28 0.68 -4.86 1.17
C THR A 28 -0.05 -4.17 2.32
N TRP A 29 -0.73 -4.96 3.14
CA TRP A 29 -1.40 -4.44 4.33
C TRP A 29 -0.39 -4.23 5.46
N THR A 30 0.79 -4.83 5.30
CA THR A 30 1.79 -4.87 6.35
C THR A 30 2.62 -3.60 6.38
N ARG A 31 2.86 -3.08 7.58
CA ARG A 31 3.71 -1.92 7.77
C ARG A 31 5.17 -2.28 7.58
N PRO A 32 5.81 -1.74 6.53
CA PRO A 32 7.23 -1.96 6.25
C PRO A 32 8.13 -1.18 7.21
N ILE A 33 9.11 -1.86 7.78
CA ILE A 33 10.04 -1.22 8.69
C ILE A 33 11.23 -0.66 7.92
N GLY A 34 12.00 -1.54 7.31
CA GLY A 34 13.14 -1.13 6.51
C GLY A 34 12.75 -0.90 5.06
N GLU B 1 -4.72 -7.62 8.97
CA GLU B 1 -5.82 -6.63 9.16
C GLU B 1 -7.17 -7.30 8.92
N LEU B 2 -7.17 -8.63 8.78
CA LEU B 2 -8.40 -9.40 8.52
C LEU B 2 -8.97 -9.07 7.14
N GLU B 3 -8.14 -8.48 6.29
CA GLU B 3 -8.57 -8.00 4.99
C GLU B 3 -8.12 -8.91 3.87
N SER B 4 -8.96 -9.01 2.83
CA SER B 4 -8.60 -9.71 1.61
C SER B 4 -7.45 -8.97 0.92
N PRO B 5 -6.61 -9.67 0.15
CA PRO B 5 -5.45 -9.08 -0.52
C PRO B 5 -5.81 -7.81 -1.30
N PRO B 6 -4.98 -6.75 -1.19
CA PRO B 6 -5.25 -5.45 -1.80
C PRO B 6 -5.56 -5.53 -3.30
N PRO B 7 -6.33 -4.55 -3.79
CA PRO B 7 -6.71 -4.47 -5.21
C PRO B 7 -5.49 -4.26 -6.10
N PRO B 8 -5.56 -4.74 -7.35
CA PRO B 8 -4.45 -4.68 -8.30
C PRO B 8 -3.87 -3.27 -8.47
N TYR B 9 -2.56 -3.16 -8.31
CA TYR B 9 -1.87 -1.89 -8.45
C TYR B 9 -1.14 -1.83 -9.77
N SER B 10 -1.60 -0.97 -10.67
CA SER B 10 -0.97 -0.80 -11.96
C SER B 10 -0.18 0.51 -12.01
N ARG B 11 -0.88 1.63 -12.02
CA ARG B 11 -0.22 2.94 -12.02
C ARG B 11 -0.44 3.65 -10.69
N TYR B 12 -1.72 3.82 -10.34
CA TYR B 12 -2.09 4.49 -9.10
C TYR B 12 -2.90 3.53 -8.24
N PRO B 13 -3.02 3.81 -6.93
CA PRO B 13 -3.81 2.96 -6.02
C PRO B 13 -5.30 3.06 -6.31
N MET B 14 -5.95 1.91 -6.46
CA MET B 14 -7.36 1.87 -6.78
C MET B 14 -8.10 0.98 -5.79
N ASP B 15 -9.26 1.45 -5.34
CA ASP B 15 -10.10 0.68 -4.42
C ASP B 15 -11.56 1.00 -4.67
N PRO A 1 9.61 5.43 12.09
CA PRO A 1 8.99 4.69 10.96
C PRO A 1 9.79 4.87 9.70
N GLY A 2 10.16 3.76 9.06
CA GLY A 2 10.95 3.82 7.86
C GLY A 2 10.10 3.95 6.60
N LEU A 3 10.23 5.08 5.92
CA LEU A 3 9.51 5.32 4.69
C LEU A 3 10.49 5.34 3.52
N PRO A 4 10.46 4.32 2.66
CA PRO A 4 11.33 4.25 1.50
C PRO A 4 10.69 4.90 0.27
N SER A 5 11.50 5.56 -0.53
CA SER A 5 11.02 6.31 -1.68
C SER A 5 10.49 5.38 -2.76
N GLY A 6 9.21 5.51 -3.04
CA GLY A 6 8.54 4.63 -3.98
C GLY A 6 7.29 4.06 -3.37
N TRP A 7 7.24 4.08 -2.04
CA TRP A 7 6.08 3.63 -1.30
C TRP A 7 5.20 4.83 -0.94
N GLU A 8 3.91 4.74 -1.25
CA GLU A 8 2.97 5.75 -0.81
C GLU A 8 2.03 5.13 0.22
N GLU A 9 1.98 5.72 1.40
CA GLU A 9 1.18 5.21 2.51
C GLU A 9 -0.16 5.90 2.49
N ARG A 10 -1.10 5.32 1.78
CA ARG A 10 -2.31 6.04 1.45
C ARG A 10 -3.54 5.41 2.06
N LYS A 11 -4.26 6.22 2.84
CA LYS A 11 -5.46 5.78 3.51
C LYS A 11 -6.67 6.39 2.83
N ASP A 12 -7.58 5.54 2.41
CA ASP A 12 -8.79 6.00 1.74
C ASP A 12 -9.89 6.22 2.77
N ALA A 13 -10.78 7.17 2.49
CA ALA A 13 -11.77 7.66 3.44
C ALA A 13 -12.73 6.58 3.96
N LYS A 14 -12.84 5.46 3.23
CA LYS A 14 -13.66 4.35 3.69
C LYS A 14 -13.02 3.67 4.90
N GLY A 15 -11.76 3.99 5.11
CA GLY A 15 -10.94 3.26 6.05
C GLY A 15 -10.24 2.12 5.38
N ARG A 16 -9.44 2.47 4.38
CA ARG A 16 -8.69 1.50 3.61
C ARG A 16 -7.21 1.89 3.64
N THR A 17 -6.40 1.09 4.33
CA THR A 17 -4.99 1.40 4.49
C THR A 17 -4.12 0.47 3.66
N TYR A 18 -3.64 0.96 2.52
CA TYR A 18 -2.81 0.16 1.64
C TYR A 18 -1.44 0.81 1.42
N TYR A 19 -0.39 0.03 1.62
CA TYR A 19 0.96 0.48 1.33
C TYR A 19 1.32 0.03 -0.07
N VAL A 20 1.45 0.98 -0.98
CA VAL A 20 1.75 0.65 -2.37
C VAL A 20 3.16 1.11 -2.75
N ASN A 21 3.88 0.25 -3.45
CA ASN A 21 5.24 0.56 -3.85
C ASN A 21 5.40 0.50 -5.36
N HIS A 22 5.85 1.61 -5.94
CA HIS A 22 6.09 1.70 -7.38
C HIS A 22 7.31 0.87 -7.79
N ASN A 23 8.22 0.64 -6.85
CA ASN A 23 9.46 -0.06 -7.15
C ASN A 23 9.18 -1.47 -7.65
N ASN A 24 8.43 -2.22 -6.86
CA ASN A 24 8.10 -3.59 -7.19
C ASN A 24 6.70 -3.71 -7.82
N ARG A 25 5.92 -2.64 -7.70
CA ARG A 25 4.54 -2.60 -8.19
C ARG A 25 3.66 -3.60 -7.45
N THR A 26 3.72 -3.56 -6.12
CA THR A 26 2.92 -4.45 -5.30
C THR A 26 2.59 -3.78 -3.96
N THR A 27 1.45 -4.14 -3.40
CA THR A 27 0.94 -3.51 -2.20
C THR A 27 0.69 -4.53 -1.08
N THR A 28 0.84 -4.10 0.16
CA THR A 28 0.68 -4.98 1.33
C THR A 28 -0.03 -4.25 2.47
N TRP A 29 -0.76 -4.99 3.30
CA TRP A 29 -1.46 -4.42 4.45
C TRP A 29 -0.48 -4.14 5.59
N THR A 30 0.63 -4.85 5.60
CA THR A 30 1.58 -4.78 6.69
C THR A 30 2.47 -3.55 6.61
N ARG A 31 2.83 -3.01 7.78
CA ARG A 31 3.67 -1.83 7.85
C ARG A 31 5.15 -2.21 7.71
N PRO A 32 5.80 -1.75 6.64
CA PRO A 32 7.24 -1.92 6.47
C PRO A 32 8.02 -0.99 7.39
N ILE A 33 8.58 -1.56 8.44
CA ILE A 33 9.40 -0.78 9.38
C ILE A 33 10.86 -0.79 8.94
N GLY A 34 11.33 -1.95 8.53
CA GLY A 34 12.72 -2.11 8.13
C GLY A 34 12.95 -1.70 6.70
N GLU B 1 -4.75 -8.10 8.87
CA GLU B 1 -5.99 -7.30 9.05
C GLU B 1 -7.22 -8.12 8.70
N LEU B 2 -7.01 -9.39 8.33
CA LEU B 2 -8.11 -10.28 7.88
C LEU B 2 -8.75 -9.75 6.60
N GLU B 3 -8.04 -8.83 5.95
CA GLU B 3 -8.50 -8.24 4.70
C GLU B 3 -7.94 -9.00 3.51
N SER B 4 -8.78 -9.18 2.51
CA SER B 4 -8.37 -9.78 1.25
C SER B 4 -7.22 -8.96 0.65
N PRO B 5 -6.31 -9.60 -0.10
CA PRO B 5 -5.15 -8.91 -0.67
C PRO B 5 -5.53 -7.62 -1.40
N PRO B 6 -4.77 -6.52 -1.17
CA PRO B 6 -5.10 -5.20 -1.71
C PRO B 6 -5.37 -5.20 -3.21
N PRO B 7 -6.17 -4.22 -3.66
CA PRO B 7 -6.54 -4.05 -5.07
C PRO B 7 -5.31 -4.01 -5.98
N PRO B 8 -5.40 -4.67 -7.17
CA PRO B 8 -4.28 -4.76 -8.11
C PRO B 8 -3.62 -3.41 -8.38
N TYR B 9 -2.32 -3.35 -8.11
CA TYR B 9 -1.56 -2.12 -8.28
C TYR B 9 -0.85 -2.13 -9.63
N SER B 10 -1.26 -1.22 -10.51
CA SER B 10 -0.65 -1.12 -11.82
C SER B 10 0.26 0.10 -11.90
N ARG B 11 -0.35 1.28 -12.00
CA ARG B 11 0.42 2.53 -12.09
C ARG B 11 0.07 3.46 -10.93
N TYR B 12 -1.23 3.68 -10.71
CA TYR B 12 -1.71 4.48 -9.60
C TYR B 12 -2.55 3.63 -8.65
N PRO B 13 -2.50 3.91 -7.34
CA PRO B 13 -3.26 3.16 -6.34
C PRO B 13 -4.75 3.42 -6.44
N MET B 14 -5.53 2.35 -6.55
CA MET B 14 -6.98 2.46 -6.64
C MET B 14 -7.63 1.43 -5.73
N ASP B 15 -8.53 1.88 -4.85
CA ASP B 15 -9.25 1.01 -3.94
C ASP B 15 -10.75 1.13 -4.17
N PRO A 1 9.56 4.78 13.17
CA PRO A 1 8.74 4.63 11.97
C PRO A 1 9.45 5.24 10.76
N GLY A 2 9.63 4.43 9.72
CA GLY A 2 10.36 4.88 8.56
C GLY A 2 9.60 4.69 7.27
N LEU A 3 9.48 5.77 6.51
CA LEU A 3 8.83 5.72 5.21
C LEU A 3 9.90 5.64 4.12
N PRO A 4 9.87 4.59 3.29
CA PRO A 4 10.84 4.41 2.21
C PRO A 4 10.38 5.05 0.91
N SER A 5 11.33 5.68 0.21
CA SER A 5 11.03 6.39 -1.02
C SER A 5 10.65 5.42 -2.13
N GLY A 6 9.51 5.68 -2.76
CA GLY A 6 8.99 4.76 -3.75
C GLY A 6 7.72 4.12 -3.25
N TRP A 7 7.57 4.08 -1.95
CA TRP A 7 6.39 3.54 -1.31
C TRP A 7 5.36 4.64 -1.05
N GLU A 8 4.15 4.44 -1.54
CA GLU A 8 3.07 5.34 -1.23
C GLU A 8 2.09 4.68 -0.29
N GLU A 9 2.10 5.14 0.95
CA GLU A 9 1.25 4.59 1.99
C GLU A 9 0.00 5.44 2.08
N ARG A 10 -1.05 4.96 1.48
CA ARG A 10 -2.20 5.79 1.25
C ARG A 10 -3.45 5.19 1.87
N LYS A 11 -4.09 5.99 2.71
CA LYS A 11 -5.21 5.57 3.50
C LYS A 11 -6.49 6.23 3.00
N ASP A 12 -7.41 5.41 2.48
CA ASP A 12 -8.65 5.92 1.90
C ASP A 12 -9.77 5.92 2.94
N ALA A 13 -10.70 6.86 2.79
CA ALA A 13 -11.70 7.18 3.83
C ALA A 13 -12.61 6.00 4.24
N LYS A 14 -12.66 4.92 3.44
CA LYS A 14 -13.41 3.73 3.86
C LYS A 14 -12.67 3.04 5.00
N GLY A 15 -11.42 3.45 5.17
CA GLY A 15 -10.53 2.79 6.09
C GLY A 15 -9.76 1.68 5.43
N ARG A 16 -9.19 2.00 4.27
CA ARG A 16 -8.37 1.06 3.53
C ARG A 16 -6.92 1.50 3.62
N THR A 17 -6.11 0.77 4.37
CA THR A 17 -4.72 1.10 4.55
C THR A 17 -3.84 0.24 3.64
N TYR A 18 -3.58 0.71 2.44
CA TYR A 18 -2.79 -0.06 1.50
C TYR A 18 -1.47 0.64 1.19
N TYR A 19 -0.38 -0.06 1.49
CA TYR A 19 0.95 0.43 1.17
C TYR A 19 1.32 -0.04 -0.23
N VAL A 20 1.35 0.86 -1.19
CA VAL A 20 1.64 0.48 -2.57
C VAL A 20 3.01 0.98 -3.00
N ASN A 21 3.85 0.05 -3.42
CA ASN A 21 5.23 0.36 -3.81
C ASN A 21 5.35 0.48 -5.32
N HIS A 22 5.85 1.64 -5.76
CA HIS A 22 6.05 1.90 -7.19
C HIS A 22 7.27 1.16 -7.72
N ASN A 23 8.18 0.81 -6.81
CA ASN A 23 9.44 0.18 -7.18
C ASN A 23 9.21 -1.14 -7.90
N ASN A 24 8.58 -2.08 -7.20
CA ASN A 24 8.38 -3.42 -7.73
C ASN A 24 6.92 -3.65 -8.11
N ARG A 25 6.05 -2.74 -7.64
CA ARG A 25 4.61 -2.81 -7.87
C ARG A 25 3.97 -3.88 -6.99
N THR A 26 3.92 -3.61 -5.70
CA THR A 26 3.31 -4.52 -4.75
C THR A 26 2.62 -3.72 -3.64
N THR A 27 1.57 -4.30 -3.08
CA THR A 27 0.84 -3.65 -2.00
C THR A 27 0.54 -4.62 -0.87
N THR A 28 0.52 -4.09 0.36
CA THR A 28 0.33 -4.91 1.54
C THR A 28 -0.42 -4.12 2.62
N TRP A 29 -1.18 -4.83 3.46
CA TRP A 29 -1.86 -4.22 4.58
C TRP A 29 -0.90 -4.07 5.77
N THR A 30 0.25 -4.70 5.67
CA THR A 30 1.20 -4.75 6.77
C THR A 30 2.17 -3.56 6.70
N ARG A 31 2.51 -3.02 7.87
CA ARG A 31 3.47 -1.92 7.95
C ARG A 31 4.89 -2.41 7.67
N PRO A 32 5.53 -1.91 6.60
CA PRO A 32 6.93 -2.21 6.31
C PRO A 32 7.87 -1.48 7.26
N ILE A 33 8.73 -2.25 7.93
CA ILE A 33 9.73 -1.67 8.83
C ILE A 33 11.02 -1.37 8.06
N GLY A 34 11.51 -2.38 7.37
CA GLY A 34 12.74 -2.22 6.60
C GLY A 34 12.46 -1.78 5.18
N GLU B 1 -4.26 -6.12 8.09
CA GLU B 1 -5.61 -5.75 8.58
C GLU B 1 -6.58 -6.93 8.47
N LEU B 2 -6.05 -8.13 8.19
CA LEU B 2 -6.87 -9.34 8.05
C LEU B 2 -7.83 -9.22 6.87
N GLU B 3 -7.57 -8.26 6.00
CA GLU B 3 -8.41 -7.99 4.85
C GLU B 3 -7.90 -8.74 3.63
N SER B 4 -8.82 -9.05 2.72
CA SER B 4 -8.48 -9.63 1.43
C SER B 4 -7.44 -8.75 0.73
N PRO B 5 -6.54 -9.36 -0.05
CA PRO B 5 -5.44 -8.63 -0.74
C PRO B 5 -5.93 -7.39 -1.48
N PRO B 6 -5.19 -6.26 -1.33
CA PRO B 6 -5.55 -4.97 -1.95
C PRO B 6 -5.79 -5.06 -3.45
N PRO B 7 -6.49 -4.07 -3.99
CA PRO B 7 -6.75 -3.96 -5.42
C PRO B 7 -5.46 -4.05 -6.23
N PRO B 8 -5.43 -4.92 -7.25
CA PRO B 8 -4.22 -5.16 -8.05
C PRO B 8 -3.56 -3.87 -8.53
N TYR B 9 -2.31 -3.68 -8.13
CA TYR B 9 -1.60 -2.44 -8.40
C TYR B 9 -1.01 -2.45 -9.80
N SER B 10 -1.44 -1.51 -10.63
CA SER B 10 -0.94 -1.42 -11.99
C SER B 10 -0.02 -0.21 -12.15
N ARG B 11 -0.62 0.98 -12.21
CA ARG B 11 0.17 2.20 -12.39
C ARG B 11 0.00 3.14 -11.20
N TYR B 12 -1.24 3.48 -10.91
CA TYR B 12 -1.55 4.40 -9.82
C TYR B 12 -2.43 3.71 -8.79
N PRO B 13 -2.44 4.17 -7.52
CA PRO B 13 -3.24 3.54 -6.46
C PRO B 13 -4.72 3.90 -6.55
N MET B 14 -5.55 2.89 -6.75
CA MET B 14 -6.99 3.08 -6.78
C MET B 14 -7.68 2.07 -5.88
N ASP B 15 -8.67 2.55 -5.13
CA ASP B 15 -9.42 1.69 -4.21
C ASP B 15 -10.91 1.89 -4.44
N PRO A 1 7.96 5.04 12.34
CA PRO A 1 7.34 4.52 11.09
C PRO A 1 8.38 4.45 9.98
N GLY A 2 8.65 3.24 9.52
CA GLY A 2 9.63 3.06 8.46
C GLY A 2 9.07 3.38 7.10
N LEU A 3 9.36 4.57 6.61
CA LEU A 3 8.84 5.03 5.33
C LEU A 3 9.98 5.13 4.32
N PRO A 4 10.04 4.21 3.33
CA PRO A 4 11.05 4.26 2.27
C PRO A 4 10.55 5.07 1.07
N SER A 5 11.49 5.73 0.39
CA SER A 5 11.15 6.57 -0.74
C SER A 5 10.69 5.73 -1.92
N GLY A 6 9.47 5.97 -2.36
CA GLY A 6 8.88 5.18 -3.42
C GLY A 6 7.63 4.50 -2.96
N TRP A 7 7.47 4.43 -1.64
CA TRP A 7 6.28 3.87 -1.02
C TRP A 7 5.27 4.96 -0.72
N GLU A 8 4.06 4.79 -1.24
CA GLU A 8 2.98 5.69 -0.92
C GLU A 8 1.98 5.00 0.01
N GLU A 9 1.99 5.40 1.25
CA GLU A 9 1.13 4.82 2.26
C GLU A 9 -0.13 5.63 2.37
N ARG A 10 -1.19 5.15 1.79
CA ARG A 10 -2.36 5.97 1.58
C ARG A 10 -3.59 5.31 2.17
N LYS A 11 -4.24 6.03 3.08
CA LYS A 11 -5.40 5.54 3.78
C LYS A 11 -6.67 6.03 3.11
N ASP A 12 -7.44 5.10 2.58
CA ASP A 12 -8.65 5.42 1.85
C ASP A 12 -9.83 5.49 2.80
N ALA A 13 -10.83 6.32 2.46
CA ALA A 13 -11.91 6.68 3.37
C ALA A 13 -12.75 5.49 3.84
N LYS A 14 -12.71 4.37 3.11
CA LYS A 14 -13.40 3.15 3.55
C LYS A 14 -12.70 2.57 4.77
N GLY A 15 -11.50 3.07 5.00
CA GLY A 15 -10.66 2.57 6.04
C GLY A 15 -9.78 1.44 5.58
N ARG A 16 -9.29 1.57 4.35
CA ARG A 16 -8.35 0.61 3.80
C ARG A 16 -6.98 1.26 3.70
N THR A 17 -6.05 0.79 4.50
CA THR A 17 -4.71 1.33 4.48
C THR A 17 -3.82 0.53 3.55
N TYR A 18 -3.76 0.91 2.28
CA TYR A 18 -2.95 0.18 1.34
C TYR A 18 -1.61 0.88 1.12
N TYR A 19 -0.55 0.18 1.48
CA TYR A 19 0.79 0.69 1.30
C TYR A 19 1.30 0.23 -0.06
N VAL A 20 1.28 1.14 -1.03
CA VAL A 20 1.62 0.80 -2.40
C VAL A 20 3.00 1.32 -2.77
N ASN A 21 3.85 0.42 -3.23
CA ASN A 21 5.23 0.75 -3.58
C ASN A 21 5.43 0.74 -5.08
N HIS A 22 5.97 1.85 -5.59
CA HIS A 22 6.24 1.99 -7.02
C HIS A 22 7.49 1.22 -7.42
N ASN A 23 8.34 0.93 -6.45
CA ASN A 23 9.62 0.27 -6.71
C ASN A 23 9.40 -1.17 -7.21
N ASN A 24 8.40 -1.83 -6.64
CA ASN A 24 8.08 -3.20 -7.00
C ASN A 24 6.65 -3.35 -7.56
N ARG A 25 5.80 -2.32 -7.36
CA ARG A 25 4.38 -2.37 -7.73
C ARG A 25 3.62 -3.30 -6.78
N THR A 26 4.08 -3.32 -5.54
CA THR A 26 3.51 -4.20 -4.52
C THR A 26 2.72 -3.38 -3.50
N THR A 27 1.60 -3.93 -3.05
CA THR A 27 0.81 -3.29 -2.00
C THR A 27 0.56 -4.28 -0.86
N THR A 28 0.56 -3.76 0.37
CA THR A 28 0.49 -4.59 1.56
C THR A 28 -0.24 -3.85 2.69
N TRP A 29 -0.91 -4.61 3.56
CA TRP A 29 -1.61 -4.03 4.70
C TRP A 29 -0.66 -3.80 5.87
N THR A 30 0.55 -4.32 5.76
CA THR A 30 1.51 -4.31 6.86
C THR A 30 2.58 -3.23 6.66
N ARG A 31 3.10 -2.71 7.78
CA ARG A 31 4.14 -1.70 7.74
C ARG A 31 5.45 -2.30 7.25
N PRO A 32 5.99 -1.77 6.14
CA PRO A 32 7.23 -2.26 5.56
C PRO A 32 8.46 -1.82 6.36
N ILE A 33 9.29 -2.78 6.74
CA ILE A 33 10.54 -2.48 7.40
C ILE A 33 11.66 -2.31 6.38
N GLY A 34 11.48 -2.93 5.22
CA GLY A 34 12.49 -2.91 4.18
C GLY A 34 12.31 -1.73 3.22
N GLU B 1 -4.52 -5.50 9.17
CA GLU B 1 -5.89 -4.93 9.09
C GLU B 1 -6.94 -6.03 8.87
N LEU B 2 -6.47 -7.25 8.60
CA LEU B 2 -7.34 -8.41 8.35
C LEU B 2 -8.16 -8.24 7.08
N GLU B 3 -7.83 -7.21 6.31
CA GLU B 3 -8.50 -6.92 5.05
C GLU B 3 -8.18 -7.96 3.99
N SER B 4 -9.05 -8.09 3.01
CA SER B 4 -8.80 -8.92 1.85
C SER B 4 -7.64 -8.33 1.05
N PRO B 5 -6.84 -9.16 0.36
CA PRO B 5 -5.65 -8.72 -0.36
C PRO B 5 -5.91 -7.51 -1.26
N PRO B 6 -5.07 -6.45 -1.14
CA PRO B 6 -5.29 -5.17 -1.83
C PRO B 6 -5.52 -5.31 -3.34
N PRO B 7 -6.23 -4.33 -3.91
CA PRO B 7 -6.50 -4.27 -5.34
C PRO B 7 -5.21 -4.26 -6.16
N PRO B 8 -5.18 -5.01 -7.28
CA PRO B 8 -3.98 -5.15 -8.12
C PRO B 8 -3.36 -3.82 -8.50
N TYR B 9 -2.10 -3.64 -8.14
CA TYR B 9 -1.40 -2.40 -8.39
C TYR B 9 -0.67 -2.44 -9.72
N SER B 10 -1.02 -1.55 -10.63
CA SER B 10 -0.34 -1.44 -11.91
C SER B 10 0.59 -0.23 -11.91
N ARG B 11 0.02 0.96 -12.03
CA ARG B 11 0.79 2.19 -12.03
C ARG B 11 0.39 3.10 -10.88
N TYR B 12 -0.91 3.34 -10.73
CA TYR B 12 -1.43 4.18 -9.65
C TYR B 12 -2.37 3.36 -8.77
N PRO B 13 -2.43 3.68 -7.47
CA PRO B 13 -3.29 2.95 -6.52
C PRO B 13 -4.77 3.25 -6.76
N MET B 14 -5.55 2.18 -6.91
CA MET B 14 -6.99 2.30 -7.16
C MET B 14 -7.76 1.35 -6.26
N ASP B 15 -8.59 1.92 -5.39
CA ASP B 15 -9.38 1.12 -4.45
C ASP B 15 -10.86 1.36 -4.65
N PRO A 1 8.18 4.11 12.75
CA PRO A 1 8.09 3.41 11.45
C PRO A 1 8.70 4.26 10.35
N GLY A 2 9.70 3.74 9.67
CA GLY A 2 10.35 4.50 8.62
C GLY A 2 9.65 4.33 7.29
N LEU A 3 9.51 5.43 6.57
CA LEU A 3 8.90 5.41 5.25
C LEU A 3 10.00 5.31 4.19
N PRO A 4 9.98 4.26 3.37
CA PRO A 4 10.98 4.06 2.31
C PRO A 4 10.56 4.71 0.99
N SER A 5 11.56 5.13 0.21
CA SER A 5 11.31 5.88 -1.01
C SER A 5 10.68 4.98 -2.08
N GLY A 6 9.54 5.42 -2.60
CA GLY A 6 8.86 4.67 -3.62
C GLY A 6 7.58 4.07 -3.10
N TRP A 7 7.49 3.96 -1.79
CA TRP A 7 6.32 3.41 -1.13
C TRP A 7 5.31 4.52 -0.84
N GLU A 8 4.14 4.39 -1.43
CA GLU A 8 3.06 5.32 -1.21
C GLU A 8 2.07 4.71 -0.21
N GLU A 9 2.16 5.17 1.03
CA GLU A 9 1.34 4.65 2.10
C GLU A 9 0.12 5.52 2.27
N ARG A 10 -0.97 5.09 1.69
CA ARG A 10 -2.10 5.98 1.52
C ARG A 10 -3.33 5.44 2.19
N LYS A 11 -3.93 6.28 3.01
CA LYS A 11 -5.11 5.94 3.76
C LYS A 11 -6.35 6.47 3.04
N ASP A 12 -7.17 5.54 2.57
CA ASP A 12 -8.31 5.89 1.73
C ASP A 12 -9.54 6.14 2.60
N ALA A 13 -10.43 7.00 2.11
CA ALA A 13 -11.54 7.55 2.90
C ALA A 13 -12.51 6.49 3.45
N LYS A 14 -12.45 5.28 2.93
CA LYS A 14 -13.26 4.17 3.47
C LYS A 14 -12.64 3.67 4.76
N GLY A 15 -11.40 4.07 4.97
CA GLY A 15 -10.61 3.57 6.06
C GLY A 15 -9.83 2.34 5.68
N ARG A 16 -9.32 2.35 4.46
CA ARG A 16 -8.45 1.26 3.99
C ARG A 16 -7.03 1.77 3.91
N THR A 17 -6.14 1.16 4.68
CA THR A 17 -4.74 1.54 4.68
C THR A 17 -3.92 0.60 3.82
N TYR A 18 -3.73 0.96 2.56
CA TYR A 18 -2.97 0.13 1.65
C TYR A 18 -1.61 0.75 1.33
N TYR A 19 -0.56 -0.02 1.54
CA TYR A 19 0.79 0.42 1.23
C TYR A 19 1.13 -0.03 -0.19
N VAL A 20 1.17 0.89 -1.13
CA VAL A 20 1.42 0.54 -2.52
C VAL A 20 2.80 1.03 -2.97
N ASN A 21 3.64 0.09 -3.41
CA ASN A 21 5.01 0.41 -3.79
C ASN A 21 5.14 0.64 -5.30
N HIS A 22 5.67 1.80 -5.66
CA HIS A 22 5.84 2.17 -7.07
C HIS A 22 7.04 1.46 -7.69
N ASN A 23 7.94 0.96 -6.85
CA ASN A 23 9.19 0.37 -7.33
C ASN A 23 8.94 -0.88 -8.20
N ASN A 24 8.43 -1.94 -7.57
CA ASN A 24 8.14 -3.17 -8.30
C ASN A 24 6.66 -3.28 -8.62
N ARG A 25 5.86 -2.45 -7.96
CA ARG A 25 4.41 -2.36 -8.19
C ARG A 25 3.67 -3.48 -7.47
N THR A 26 3.64 -3.38 -6.16
CA THR A 26 2.97 -4.34 -5.30
C THR A 26 2.46 -3.65 -4.05
N THR A 27 1.37 -4.15 -3.49
CA THR A 27 0.79 -3.55 -2.29
C THR A 27 0.54 -4.60 -1.22
N THR A 28 0.67 -4.19 0.04
CA THR A 28 0.54 -5.09 1.16
C THR A 28 -0.05 -4.37 2.38
N TRP A 29 -0.77 -5.11 3.22
CA TRP A 29 -1.35 -4.55 4.44
C TRP A 29 -0.28 -4.40 5.53
N THR A 30 0.86 -5.03 5.33
CA THR A 30 1.91 -5.08 6.34
C THR A 30 2.72 -3.78 6.39
N ARG A 31 2.93 -3.27 7.59
CA ARG A 31 3.74 -2.08 7.78
C ARG A 31 5.23 -2.38 7.63
N PRO A 32 5.88 -1.83 6.60
CA PRO A 32 7.31 -1.98 6.39
C PRO A 32 8.11 -0.99 7.24
N ILE A 33 9.03 -1.51 8.04
CA ILE A 33 9.91 -0.67 8.84
C ILE A 33 11.19 -0.34 8.06
N GLY A 34 11.78 -1.37 7.47
CA GLY A 34 12.95 -1.17 6.63
C GLY A 34 12.58 -0.95 5.18
N GLU B 1 -4.60 -7.27 8.92
CA GLU B 1 -5.82 -6.46 9.14
C GLU B 1 -7.08 -7.30 8.95
N LEU B 2 -6.89 -8.60 8.66
CA LEU B 2 -7.99 -9.52 8.38
C LEU B 2 -8.75 -9.09 7.12
N GLU B 3 -8.10 -8.26 6.32
CA GLU B 3 -8.67 -7.79 5.07
C GLU B 3 -8.18 -8.65 3.92
N SER B 4 -9.07 -8.88 2.95
CA SER B 4 -8.71 -9.57 1.72
C SER B 4 -7.54 -8.84 1.04
N PRO B 5 -6.72 -9.57 0.27
CA PRO B 5 -5.53 -9.00 -0.39
C PRO B 5 -5.84 -7.72 -1.14
N PRO B 6 -4.95 -6.70 -1.03
CA PRO B 6 -5.15 -5.39 -1.66
C PRO B 6 -5.40 -5.48 -3.17
N PRO B 7 -6.10 -4.48 -3.71
CA PRO B 7 -6.42 -4.40 -5.14
C PRO B 7 -5.15 -4.35 -5.99
N PRO B 8 -5.12 -5.13 -7.11
CA PRO B 8 -3.97 -5.20 -8.01
C PRO B 8 -3.45 -3.81 -8.40
N TYR B 9 -2.16 -3.60 -8.17
CA TYR B 9 -1.54 -2.30 -8.33
C TYR B 9 -0.65 -2.25 -9.56
N SER B 10 -0.98 -1.36 -10.49
CA SER B 10 -0.20 -1.20 -11.70
C SER B 10 0.60 0.10 -11.66
N ARG B 11 -0.09 1.22 -11.80
CA ARG B 11 0.59 2.51 -11.88
C ARG B 11 0.19 3.41 -10.72
N TYR B 12 -1.10 3.64 -10.59
CA TYR B 12 -1.64 4.48 -9.52
C TYR B 12 -2.61 3.68 -8.66
N PRO B 13 -2.87 4.12 -7.41
CA PRO B 13 -3.70 3.36 -6.47
C PRO B 13 -5.17 3.35 -6.88
N MET B 14 -5.77 2.16 -6.86
CA MET B 14 -7.17 2.01 -7.22
C MET B 14 -7.92 1.25 -6.13
N ASP B 15 -8.95 1.87 -5.57
CA ASP B 15 -9.74 1.26 -4.52
C ASP B 15 -11.16 1.81 -4.58
N PRO A 1 9.73 4.98 12.99
CA PRO A 1 8.89 4.87 11.78
C PRO A 1 9.55 5.55 10.59
N GLY A 2 9.92 4.76 9.58
CA GLY A 2 10.54 5.32 8.41
C GLY A 2 9.74 5.08 7.15
N LEU A 3 9.61 6.11 6.34
CA LEU A 3 8.88 6.02 5.07
C LEU A 3 9.89 5.87 3.93
N PRO A 4 9.78 4.80 3.14
CA PRO A 4 10.69 4.55 2.02
C PRO A 4 10.19 5.19 0.72
N SER A 5 11.10 5.81 -0.01
CA SER A 5 10.75 6.55 -1.22
C SER A 5 10.33 5.58 -2.33
N GLY A 6 9.11 5.76 -2.81
CA GLY A 6 8.57 4.86 -3.79
C GLY A 6 7.34 4.17 -3.28
N TRP A 7 7.10 4.29 -1.98
CA TRP A 7 5.93 3.71 -1.34
C TRP A 7 4.94 4.81 -0.99
N GLU A 8 3.74 4.76 -1.56
CA GLU A 8 2.71 5.71 -1.17
C GLU A 8 1.75 5.02 -0.21
N GLU A 9 1.92 5.34 1.05
CA GLU A 9 1.22 4.64 2.12
C GLU A 9 -0.07 5.36 2.42
N ARG A 10 -1.15 4.80 1.94
CA ARG A 10 -2.37 5.54 1.85
C ARG A 10 -3.47 4.92 2.68
N LYS A 11 -3.92 5.68 3.66
CA LYS A 11 -5.02 5.29 4.50
C LYS A 11 -6.29 5.89 3.92
N ASP A 12 -7.06 5.07 3.22
CA ASP A 12 -8.17 5.56 2.43
C ASP A 12 -9.44 5.59 3.27
N ALA A 13 -10.34 6.52 2.93
CA ALA A 13 -11.48 6.89 3.78
C ALA A 13 -12.44 5.74 4.07
N LYS A 14 -12.33 4.66 3.32
CA LYS A 14 -13.16 3.47 3.55
C LYS A 14 -12.66 2.74 4.79
N GLY A 15 -11.46 3.11 5.22
CA GLY A 15 -10.78 2.38 6.25
C GLY A 15 -9.92 1.29 5.65
N ARG A 16 -9.23 1.63 4.58
CA ARG A 16 -8.33 0.71 3.92
C ARG A 16 -6.90 1.23 4.04
N THR A 17 -6.08 0.55 4.81
CA THR A 17 -4.69 0.94 4.95
C THR A 17 -3.81 0.13 4.02
N TYR A 18 -3.60 0.63 2.81
CA TYR A 18 -2.82 -0.10 1.84
C TYR A 18 -1.50 0.64 1.53
N TYR A 19 -0.41 -0.09 1.66
CA TYR A 19 0.91 0.44 1.36
C TYR A 19 1.34 -0.04 -0.02
N VAL A 20 1.49 0.88 -0.97
CA VAL A 20 1.82 0.49 -2.33
C VAL A 20 3.24 0.88 -2.69
N ASN A 21 3.93 -0.02 -3.37
CA ASN A 21 5.31 0.17 -3.76
C ASN A 21 5.43 0.34 -5.27
N HIS A 22 5.99 1.47 -5.70
CA HIS A 22 6.19 1.77 -7.11
C HIS A 22 7.36 0.98 -7.69
N ASN A 23 8.22 0.46 -6.82
CA ASN A 23 9.45 -0.19 -7.26
C ASN A 23 9.15 -1.46 -8.07
N ASN A 24 8.57 -2.45 -7.42
CA ASN A 24 8.25 -3.73 -8.08
C ASN A 24 6.77 -3.82 -8.43
N ARG A 25 5.98 -2.92 -7.82
CA ARG A 25 4.53 -2.85 -8.02
C ARG A 25 3.81 -3.90 -7.18
N THR A 26 3.82 -3.68 -5.87
CA THR A 26 3.12 -4.55 -4.95
C THR A 26 2.57 -3.73 -3.78
N THR A 27 1.46 -4.17 -3.21
CA THR A 27 0.86 -3.47 -2.11
C THR A 27 0.48 -4.44 -0.99
N THR A 28 0.70 -4.01 0.25
CA THR A 28 0.47 -4.86 1.40
C THR A 28 -0.26 -4.08 2.51
N TRP A 29 -1.05 -4.80 3.31
CA TRP A 29 -1.77 -4.20 4.43
C TRP A 29 -0.83 -3.91 5.59
N THR A 30 0.32 -4.54 5.59
CA THR A 30 1.24 -4.48 6.71
C THR A 30 2.23 -3.34 6.58
N ARG A 31 2.67 -2.80 7.71
CA ARG A 31 3.65 -1.73 7.74
C ARG A 31 5.03 -2.26 7.39
N PRO A 32 5.62 -1.79 6.29
CA PRO A 32 6.98 -2.15 5.90
C PRO A 32 8.02 -1.43 6.77
N ILE A 33 8.87 -2.22 7.41
CA ILE A 33 9.95 -1.67 8.22
C ILE A 33 11.19 -1.48 7.35
N GLY A 34 11.77 -2.61 6.93
CA GLY A 34 12.92 -2.56 6.04
C GLY A 34 12.49 -2.56 4.59
N GLU B 1 -5.86 -5.91 9.91
CA GLU B 1 -6.80 -5.46 8.85
C GLU B 1 -7.89 -6.49 8.61
N LEU B 2 -7.49 -7.77 8.47
CA LEU B 2 -8.43 -8.86 8.18
C LEU B 2 -9.16 -8.59 6.86
N GLU B 3 -8.52 -7.78 6.02
CA GLU B 3 -9.10 -7.37 4.75
C GLU B 3 -8.65 -8.29 3.62
N SER B 4 -9.51 -8.42 2.61
CA SER B 4 -9.16 -9.15 1.41
C SER B 4 -7.91 -8.54 0.78
N PRO B 5 -7.06 -9.36 0.13
CA PRO B 5 -5.76 -8.91 -0.40
C PRO B 5 -5.85 -7.61 -1.22
N PRO B 6 -4.87 -6.70 -1.04
CA PRO B 6 -4.86 -5.39 -1.70
C PRO B 6 -5.09 -5.45 -3.20
N PRO B 7 -5.75 -4.41 -3.74
CA PRO B 7 -6.09 -4.31 -5.17
C PRO B 7 -4.84 -4.34 -6.06
N PRO B 8 -4.93 -5.04 -7.21
CA PRO B 8 -3.85 -5.10 -8.19
C PRO B 8 -3.34 -3.71 -8.58
N TYR B 9 -2.03 -3.52 -8.48
CA TYR B 9 -1.43 -2.22 -8.66
C TYR B 9 -0.71 -2.13 -10.02
N SER B 10 -1.04 -1.10 -10.80
CA SER B 10 -0.38 -0.91 -12.08
C SER B 10 0.54 0.31 -12.07
N ARG B 11 -0.03 1.51 -12.10
CA ARG B 11 0.78 2.73 -12.05
C ARG B 11 0.38 3.57 -10.84
N TYR B 12 -0.91 3.90 -10.77
CA TYR B 12 -1.43 4.70 -9.67
C TYR B 12 -2.25 3.81 -8.74
N PRO B 13 -2.33 4.11 -7.43
CA PRO B 13 -3.08 3.28 -6.48
C PRO B 13 -4.59 3.37 -6.71
N MET B 14 -5.18 2.26 -7.13
CA MET B 14 -6.62 2.20 -7.37
C MET B 14 -7.33 1.39 -6.27
N ASP B 15 -8.19 2.05 -5.51
CA ASP B 15 -9.02 1.38 -4.53
C ASP B 15 -10.43 1.96 -4.58
N PRO A 1 9.52 4.41 12.08
CA PRO A 1 9.04 3.71 10.87
C PRO A 1 9.67 4.32 9.62
N GLY A 2 10.49 3.54 8.94
CA GLY A 2 11.18 4.03 7.77
C GLY A 2 10.26 4.16 6.57
N LEU A 3 10.29 5.31 5.93
CA LEU A 3 9.54 5.53 4.71
C LEU A 3 10.51 5.43 3.53
N PRO A 4 10.40 4.37 2.70
CA PRO A 4 11.26 4.22 1.54
C PRO A 4 10.66 4.88 0.30
N SER A 5 11.52 5.53 -0.47
CA SER A 5 11.07 6.30 -1.62
C SER A 5 10.57 5.36 -2.72
N GLY A 6 9.32 5.56 -3.09
CA GLY A 6 8.65 4.66 -4.00
C GLY A 6 7.41 4.08 -3.37
N TRP A 7 7.39 4.07 -2.04
CA TRP A 7 6.23 3.64 -1.29
C TRP A 7 5.35 4.84 -0.96
N GLU A 8 4.08 4.77 -1.36
CA GLU A 8 3.15 5.80 -0.98
C GLU A 8 2.10 5.21 -0.04
N GLU A 9 2.13 5.67 1.20
CA GLU A 9 1.28 5.15 2.26
C GLU A 9 0.01 5.95 2.31
N ARG A 10 -1.06 5.35 1.90
CA ARG A 10 -2.26 6.10 1.64
C ARG A 10 -3.47 5.51 2.35
N LYS A 11 -4.06 6.32 3.20
CA LYS A 11 -5.24 5.94 3.96
C LYS A 11 -6.49 6.47 3.26
N ASP A 12 -7.32 5.57 2.76
CA ASP A 12 -8.50 5.97 2.01
C ASP A 12 -9.71 6.12 2.93
N ALA A 13 -10.63 7.00 2.55
CA ALA A 13 -11.75 7.41 3.41
C ALA A 13 -12.66 6.25 3.80
N LYS A 14 -12.64 5.16 3.03
CA LYS A 14 -13.44 3.98 3.37
C LYS A 14 -12.84 3.29 4.59
N GLY A 15 -11.62 3.68 4.91
CA GLY A 15 -10.85 2.99 5.91
C GLY A 15 -10.01 1.89 5.28
N ARG A 16 -9.37 2.24 4.19
CA ARG A 16 -8.50 1.33 3.47
C ARG A 16 -7.06 1.79 3.60
N THR A 17 -6.29 1.07 4.39
CA THR A 17 -4.89 1.42 4.61
C THR A 17 -3.98 0.54 3.76
N TYR A 18 -3.61 1.04 2.58
CA TYR A 18 -2.79 0.27 1.68
C TYR A 18 -1.44 0.94 1.44
N TYR A 19 -0.37 0.20 1.68
CA TYR A 19 0.97 0.65 1.36
C TYR A 19 1.35 0.17 -0.02
N VAL A 20 1.52 1.09 -0.96
CA VAL A 20 1.81 0.72 -2.33
C VAL A 20 3.23 1.12 -2.73
N ASN A 21 3.97 0.18 -3.32
CA ASN A 21 5.34 0.43 -3.73
C ASN A 21 5.45 0.48 -5.25
N HIS A 22 6.02 1.56 -5.76
CA HIS A 22 6.22 1.74 -7.20
C HIS A 22 7.45 0.98 -7.68
N ASN A 23 8.32 0.61 -6.73
CA ASN A 23 9.61 0.00 -7.08
C ASN A 23 9.42 -1.39 -7.69
N ASN A 24 8.74 -2.26 -6.98
CA ASN A 24 8.50 -3.62 -7.47
C ASN A 24 7.06 -3.77 -7.94
N ARG A 25 6.22 -2.81 -7.55
CA ARG A 25 4.80 -2.76 -7.92
C ARG A 25 4.01 -3.81 -7.13
N THR A 26 3.90 -3.57 -5.84
CA THR A 26 3.13 -4.41 -4.95
C THR A 26 2.58 -3.58 -3.80
N THR A 27 1.43 -3.97 -3.28
CA THR A 27 0.85 -3.29 -2.13
C THR A 27 0.59 -4.29 -0.99
N THR A 28 0.74 -3.82 0.24
CA THR A 28 0.63 -4.69 1.40
C THR A 28 -0.16 -4.02 2.53
N TRP A 29 -0.85 -4.83 3.33
CA TRP A 29 -1.58 -4.34 4.49
C TRP A 29 -0.65 -4.03 5.66
N THR A 30 0.55 -4.60 5.62
CA THR A 30 1.48 -4.50 6.72
C THR A 30 2.34 -3.25 6.62
N ARG A 31 2.75 -2.73 7.76
CA ARG A 31 3.62 -1.57 7.81
C ARG A 31 5.07 -1.97 7.61
N PRO A 32 5.72 -1.46 6.56
CA PRO A 32 7.15 -1.64 6.36
C PRO A 32 7.94 -0.85 7.39
N ILE A 33 8.71 -1.55 8.21
CA ILE A 33 9.50 -0.93 9.26
C ILE A 33 10.88 -0.56 8.74
N GLY A 34 11.60 -1.58 8.27
CA GLY A 34 12.92 -1.35 7.72
C GLY A 34 12.87 -1.09 6.23
N GLU B 1 -4.86 -8.44 8.69
CA GLU B 1 -5.99 -7.50 8.92
C GLU B 1 -7.32 -8.17 8.61
N LEU B 2 -7.26 -9.44 8.17
CA LEU B 2 -8.46 -10.21 7.79
C LEU B 2 -9.13 -9.63 6.55
N GLU B 3 -8.46 -8.70 5.90
CA GLU B 3 -8.96 -8.08 4.68
C GLU B 3 -8.44 -8.83 3.46
N SER B 4 -9.26 -8.89 2.43
CA SER B 4 -8.87 -9.49 1.16
C SER B 4 -7.63 -8.77 0.63
N PRO B 5 -6.72 -9.49 -0.06
CA PRO B 5 -5.49 -8.92 -0.61
C PRO B 5 -5.75 -7.64 -1.39
N PRO B 6 -4.91 -6.60 -1.18
CA PRO B 6 -5.13 -5.27 -1.77
C PRO B 6 -5.41 -5.29 -3.27
N PRO B 7 -6.21 -4.32 -3.72
CA PRO B 7 -6.58 -4.16 -5.13
C PRO B 7 -5.36 -4.12 -6.04
N PRO B 8 -5.48 -4.67 -7.26
CA PRO B 8 -4.37 -4.81 -8.21
C PRO B 8 -3.65 -3.48 -8.46
N TYR B 9 -2.35 -3.47 -8.18
CA TYR B 9 -1.57 -2.25 -8.32
C TYR B 9 -0.80 -2.26 -9.63
N SER B 10 -1.22 -1.42 -10.56
CA SER B 10 -0.54 -1.28 -11.83
C SER B 10 0.33 -0.04 -11.83
N ARG B 11 -0.29 1.14 -11.89
CA ARG B 11 0.44 2.39 -11.88
C ARG B 11 0.03 3.25 -10.69
N TYR B 12 -1.27 3.46 -10.53
CA TYR B 12 -1.80 4.28 -9.46
C TYR B 12 -2.73 3.47 -8.56
N PRO B 13 -2.77 3.79 -7.26
CA PRO B 13 -3.60 3.07 -6.29
C PRO B 13 -5.09 3.34 -6.48
N MET B 14 -5.89 2.28 -6.38
CA MET B 14 -7.32 2.38 -6.57
C MET B 14 -8.04 1.39 -5.66
N ASP B 15 -9.09 1.85 -4.99
CA ASP B 15 -9.89 0.99 -4.12
C ASP B 15 -11.38 1.23 -4.35
N PRO A 1 7.90 4.18 12.38
CA PRO A 1 7.86 3.44 11.10
C PRO A 1 8.80 4.07 10.08
N GLY A 2 9.66 3.25 9.49
CA GLY A 2 10.57 3.74 8.47
C GLY A 2 9.86 3.88 7.14
N LEU A 3 10.02 5.03 6.50
CA LEU A 3 9.36 5.29 5.23
C LEU A 3 10.37 5.22 4.08
N PRO A 4 10.22 4.22 3.20
CA PRO A 4 11.07 4.09 2.03
C PRO A 4 10.49 4.84 0.83
N SER A 5 11.34 5.58 0.13
CA SER A 5 10.89 6.40 -0.98
C SER A 5 10.47 5.51 -2.15
N GLY A 6 9.23 5.66 -2.57
CA GLY A 6 8.66 4.79 -3.56
C GLY A 6 7.40 4.15 -3.04
N TRP A 7 7.35 4.05 -1.72
CA TRP A 7 6.18 3.52 -1.04
C TRP A 7 5.24 4.65 -0.64
N GLU A 8 4.05 4.65 -1.21
CA GLU A 8 3.06 5.64 -0.86
C GLU A 8 2.02 5.04 0.07
N GLU A 9 2.03 5.50 1.32
CA GLU A 9 1.15 4.98 2.35
C GLU A 9 -0.12 5.79 2.36
N ARG A 10 -1.13 5.30 1.69
CA ARG A 10 -2.29 6.12 1.45
C ARG A 10 -3.56 5.49 1.99
N LYS A 11 -4.24 6.29 2.80
CA LYS A 11 -5.44 5.87 3.48
C LYS A 11 -6.66 6.43 2.77
N ASP A 12 -7.51 5.54 2.30
CA ASP A 12 -8.68 5.91 1.52
C ASP A 12 -9.88 6.14 2.45
N ALA A 13 -10.78 7.03 2.03
CA ALA A 13 -11.84 7.57 2.90
C ALA A 13 -12.78 6.49 3.48
N LYS A 14 -12.85 5.33 2.85
CA LYS A 14 -13.66 4.22 3.41
C LYS A 14 -12.99 3.66 4.65
N GLY A 15 -11.74 4.04 4.83
CA GLY A 15 -10.88 3.43 5.81
C GLY A 15 -10.13 2.26 5.23
N ARG A 16 -9.38 2.55 4.18
CA ARG A 16 -8.58 1.56 3.50
C ARG A 16 -7.11 1.92 3.61
N THR A 17 -6.37 1.17 4.42
CA THR A 17 -4.97 1.45 4.64
C THR A 17 -4.09 0.53 3.81
N TYR A 18 -3.66 0.99 2.64
CA TYR A 18 -2.83 0.17 1.78
C TYR A 18 -1.50 0.85 1.45
N TYR A 19 -0.41 0.13 1.68
CA TYR A 19 0.91 0.60 1.31
C TYR A 19 1.22 0.17 -0.12
N VAL A 20 1.31 1.11 -1.03
CA VAL A 20 1.57 0.78 -2.43
C VAL A 20 2.94 1.25 -2.88
N ASN A 21 3.73 0.33 -3.42
CA ASN A 21 5.10 0.61 -3.80
C ASN A 21 5.26 0.76 -5.31
N HIS A 22 5.86 1.89 -5.72
CA HIS A 22 6.10 2.17 -7.13
C HIS A 22 7.34 1.46 -7.64
N ASN A 23 8.17 0.95 -6.72
CA ASN A 23 9.41 0.29 -7.10
C ASN A 23 9.13 -1.02 -7.84
N ASN A 24 8.39 -1.90 -7.19
CA ASN A 24 8.14 -3.23 -7.70
C ASN A 24 6.69 -3.41 -8.14
N ARG A 25 5.83 -2.48 -7.72
CA ARG A 25 4.38 -2.55 -7.97
C ARG A 25 3.77 -3.61 -7.07
N THR A 26 3.73 -3.30 -5.79
CA THR A 26 3.26 -4.23 -4.78
C THR A 26 2.57 -3.47 -3.65
N THR A 27 1.51 -4.05 -3.11
CA THR A 27 0.82 -3.45 -1.98
C THR A 27 0.55 -4.51 -0.91
N THR A 28 0.61 -4.09 0.34
CA THR A 28 0.50 -5.02 1.46
C THR A 28 -0.11 -4.30 2.67
N TRP A 29 -0.82 -5.06 3.50
CA TRP A 29 -1.39 -4.52 4.73
C TRP A 29 -0.30 -4.37 5.79
N THR A 30 0.78 -5.12 5.62
CA THR A 30 1.86 -5.14 6.59
C THR A 30 2.76 -3.91 6.44
N ARG A 31 3.10 -3.31 7.58
CA ARG A 31 3.97 -2.16 7.59
C ARG A 31 5.40 -2.56 7.22
N PRO A 32 5.95 -1.97 6.15
CA PRO A 32 7.35 -2.15 5.80
C PRO A 32 8.27 -1.29 6.68
N ILE A 33 9.18 -1.95 7.38
CA ILE A 33 10.16 -1.25 8.19
C ILE A 33 11.41 -0.94 7.37
N GLY A 34 12.09 -2.00 6.93
CA GLY A 34 13.28 -1.85 6.13
C GLY A 34 12.97 -1.79 4.65
N GLU B 1 -5.64 -6.14 10.01
CA GLU B 1 -6.64 -5.81 8.96
C GLU B 1 -7.55 -7.01 8.71
N LEU B 2 -6.93 -8.19 8.49
CA LEU B 2 -7.66 -9.43 8.19
C LEU B 2 -8.40 -9.31 6.86
N GLU B 3 -8.01 -8.31 6.08
CA GLU B 3 -8.61 -8.06 4.78
C GLU B 3 -7.94 -8.92 3.72
N SER B 4 -8.72 -9.31 2.72
CA SER B 4 -8.18 -9.97 1.54
C SER B 4 -7.12 -9.07 0.91
N PRO B 5 -6.16 -9.66 0.17
CA PRO B 5 -5.03 -8.91 -0.41
C PRO B 5 -5.48 -7.65 -1.16
N PRO B 6 -4.77 -6.51 -0.93
CA PRO B 6 -5.12 -5.22 -1.52
C PRO B 6 -5.32 -5.26 -3.03
N PRO B 7 -6.15 -4.33 -3.54
CA PRO B 7 -6.45 -4.22 -4.97
C PRO B 7 -5.18 -4.17 -5.83
N PRO B 8 -5.16 -4.95 -6.93
CA PRO B 8 -3.99 -5.08 -7.81
C PRO B 8 -3.40 -3.73 -8.21
N TYR B 9 -2.14 -3.53 -7.85
CA TYR B 9 -1.45 -2.29 -8.13
C TYR B 9 -0.79 -2.34 -9.51
N SER B 10 -1.29 -1.52 -10.42
CA SER B 10 -0.72 -1.46 -11.76
C SER B 10 0.20 -0.25 -11.90
N ARG B 11 -0.38 0.93 -12.01
CA ARG B 11 0.39 2.16 -12.10
C ARG B 11 0.06 3.11 -10.95
N TYR B 12 -1.22 3.38 -10.76
CA TYR B 12 -1.68 4.30 -9.72
C TYR B 12 -2.58 3.56 -8.73
N PRO B 13 -2.59 4.00 -7.46
CA PRO B 13 -3.38 3.33 -6.41
C PRO B 13 -4.88 3.54 -6.60
N MET B 14 -5.63 2.45 -6.47
CA MET B 14 -7.08 2.49 -6.68
C MET B 14 -7.78 1.47 -5.78
N ASP B 15 -8.72 1.94 -4.98
CA ASP B 15 -9.48 1.05 -4.09
C ASP B 15 -10.95 1.06 -4.50
N PRO A 1 9.68 4.89 12.96
CA PRO A 1 8.88 4.49 11.78
C PRO A 1 9.66 4.70 10.49
N GLY A 2 9.73 3.67 9.66
CA GLY A 2 10.53 3.74 8.46
C GLY A 2 9.67 4.00 7.23
N LEU A 3 10.14 4.88 6.35
CA LEU A 3 9.47 5.16 5.09
C LEU A 3 10.48 5.07 3.96
N PRO A 4 10.35 4.05 3.09
CA PRO A 4 11.18 3.92 1.90
C PRO A 4 10.55 4.63 0.70
N SER A 5 11.36 5.40 -0.02
CA SER A 5 10.86 6.19 -1.13
C SER A 5 10.47 5.27 -2.28
N GLY A 6 9.24 5.45 -2.75
CA GLY A 6 8.67 4.55 -3.74
C GLY A 6 7.39 3.95 -3.21
N TRP A 7 7.28 3.92 -1.90
CA TRP A 7 6.09 3.46 -1.21
C TRP A 7 5.19 4.63 -0.87
N GLU A 8 3.92 4.56 -1.25
CA GLU A 8 2.97 5.57 -0.84
C GLU A 8 2.03 5.00 0.21
N GLU A 9 1.99 5.64 1.37
CA GLU A 9 1.10 5.24 2.44
C GLU A 9 -0.19 5.99 2.26
N ARG A 10 -1.18 5.37 1.69
CA ARG A 10 -2.37 6.09 1.33
C ARG A 10 -3.60 5.47 1.96
N LYS A 11 -4.16 6.21 2.91
CA LYS A 11 -5.30 5.76 3.67
C LYS A 11 -6.56 6.37 3.09
N ASP A 12 -7.46 5.53 2.61
CA ASP A 12 -8.69 6.00 2.00
C ASP A 12 -9.77 6.15 3.06
N ALA A 13 -10.69 7.08 2.83
CA ALA A 13 -11.68 7.49 3.84
C ALA A 13 -12.57 6.34 4.30
N LYS A 14 -12.78 5.34 3.45
CA LYS A 14 -13.57 4.16 3.82
C LYS A 14 -12.84 3.37 4.89
N GLY A 15 -11.57 3.68 5.05
CA GLY A 15 -10.70 2.90 5.88
C GLY A 15 -10.03 1.81 5.10
N ARG A 16 -9.34 2.23 4.04
CA ARG A 16 -8.57 1.32 3.22
C ARG A 16 -7.11 1.77 3.24
N THR A 17 -6.29 1.11 4.04
CA THR A 17 -4.91 1.47 4.19
C THR A 17 -4.02 0.58 3.33
N TYR A 18 -3.75 1.02 2.11
CA TYR A 18 -2.90 0.25 1.21
C TYR A 18 -1.54 0.91 1.05
N TYR A 19 -0.51 0.18 1.44
CA TYR A 19 0.86 0.61 1.22
C TYR A 19 1.31 0.09 -0.14
N VAL A 20 1.53 0.98 -1.09
CA VAL A 20 1.84 0.58 -2.44
C VAL A 20 3.23 1.03 -2.86
N ASN A 21 4.01 0.10 -3.39
CA ASN A 21 5.38 0.38 -3.80
C ASN A 21 5.53 0.39 -5.31
N HIS A 22 6.01 1.51 -5.85
CA HIS A 22 6.27 1.61 -7.28
C HIS A 22 7.56 0.90 -7.65
N ASN A 23 8.43 0.70 -6.66
CA ASN A 23 9.76 0.19 -6.91
C ASN A 23 9.74 -1.26 -7.37
N ASN A 24 8.91 -2.08 -6.74
CA ASN A 24 8.77 -3.48 -7.15
C ASN A 24 7.35 -3.81 -7.64
N ARG A 25 6.41 -2.91 -7.35
CA ARG A 25 4.99 -3.09 -7.71
C ARG A 25 4.32 -4.12 -6.80
N THR A 26 4.12 -3.73 -5.55
CA THR A 26 3.44 -4.57 -4.60
C THR A 26 2.69 -3.70 -3.58
N THR A 27 1.60 -4.23 -3.07
CA THR A 27 0.84 -3.53 -2.04
C THR A 27 0.57 -4.48 -0.88
N THR A 28 0.53 -3.94 0.33
CA THR A 28 0.32 -4.74 1.51
C THR A 28 -0.39 -3.95 2.60
N TRP A 29 -1.16 -4.65 3.44
CA TRP A 29 -1.85 -4.02 4.55
C TRP A 29 -0.89 -3.76 5.71
N THR A 30 0.19 -4.54 5.75
CA THR A 30 1.14 -4.47 6.85
C THR A 30 2.15 -3.34 6.64
N ARG A 31 2.62 -2.78 7.74
CA ARG A 31 3.57 -1.68 7.69
C ARG A 31 4.97 -2.15 7.35
N PRO A 32 5.54 -1.65 6.24
CA PRO A 32 6.94 -1.88 5.89
C PRO A 32 7.86 -1.01 6.75
N ILE A 33 8.76 -1.64 7.49
CA ILE A 33 9.70 -0.92 8.33
C ILE A 33 10.99 -0.59 7.57
N GLY A 34 11.73 -1.62 7.18
CA GLY A 34 12.98 -1.41 6.48
C GLY A 34 12.78 -1.36 4.99
N GLU B 1 -4.70 -7.07 9.22
CA GLU B 1 -6.09 -6.56 9.09
C GLU B 1 -7.05 -7.67 8.64
N LEU B 2 -6.50 -8.86 8.35
CA LEU B 2 -7.29 -10.03 7.91
C LEU B 2 -8.00 -9.77 6.58
N GLU B 3 -7.63 -8.68 5.92
CA GLU B 3 -8.26 -8.30 4.66
C GLU B 3 -7.60 -9.00 3.48
N SER B 4 -8.43 -9.41 2.53
CA SER B 4 -7.96 -9.96 1.28
C SER B 4 -7.04 -8.96 0.60
N PRO B 5 -6.05 -9.43 -0.18
CA PRO B 5 -5.02 -8.58 -0.80
C PRO B 5 -5.62 -7.36 -1.50
N PRO B 6 -5.02 -6.17 -1.29
CA PRO B 6 -5.49 -4.90 -1.87
C PRO B 6 -5.76 -4.98 -3.36
N PRO B 7 -6.63 -4.07 -3.85
CA PRO B 7 -7.00 -3.99 -5.27
C PRO B 7 -5.77 -3.95 -6.18
N PRO B 8 -5.85 -4.59 -7.36
CA PRO B 8 -4.71 -4.75 -8.27
C PRO B 8 -3.96 -3.45 -8.53
N TYR B 9 -2.69 -3.43 -8.17
CA TYR B 9 -1.85 -2.26 -8.34
C TYR B 9 -1.15 -2.31 -9.69
N SER B 10 -1.64 -1.51 -10.63
CA SER B 10 -1.03 -1.45 -11.94
C SER B 10 -0.04 -0.29 -12.02
N ARG B 11 -0.57 0.93 -12.11
CA ARG B 11 0.28 2.12 -12.15
C ARG B 11 -0.03 3.06 -10.98
N TYR B 12 -1.31 3.34 -10.73
CA TYR B 12 -1.71 4.20 -9.63
C TYR B 12 -2.59 3.43 -8.66
N PRO B 13 -2.47 3.70 -7.35
CA PRO B 13 -3.27 3.00 -6.34
C PRO B 13 -4.74 3.42 -6.39
N MET B 14 -5.61 2.43 -6.57
CA MET B 14 -7.04 2.69 -6.72
C MET B 14 -7.85 1.70 -5.87
N ASP B 15 -8.74 2.23 -5.04
CA ASP B 15 -9.57 1.39 -4.19
C ASP B 15 -11.05 1.55 -4.57
N PRO A 1 7.66 4.65 12.02
CA PRO A 1 7.42 4.02 10.71
C PRO A 1 8.51 4.39 9.71
N GLY A 2 9.21 3.39 9.21
CA GLY A 2 10.25 3.62 8.21
C GLY A 2 9.66 3.79 6.83
N LEU A 3 9.90 4.94 6.21
CA LEU A 3 9.32 5.26 4.92
C LEU A 3 10.37 5.16 3.82
N PRO A 4 10.27 4.14 2.95
CA PRO A 4 11.14 4.02 1.79
C PRO A 4 10.57 4.73 0.56
N SER A 5 11.44 5.33 -0.25
CA SER A 5 11.01 6.07 -1.42
C SER A 5 10.47 5.13 -2.48
N GLY A 6 9.20 5.31 -2.82
CA GLY A 6 8.54 4.43 -3.75
C GLY A 6 7.26 3.91 -3.16
N TRP A 7 7.22 3.86 -1.84
CA TRP A 7 6.05 3.42 -1.11
C TRP A 7 5.20 4.62 -0.71
N GLU A 8 3.94 4.63 -1.10
CA GLU A 8 3.04 5.69 -0.68
C GLU A 8 1.99 5.12 0.27
N GLU A 9 2.03 5.61 1.51
CA GLU A 9 1.13 5.14 2.55
C GLU A 9 -0.11 5.99 2.55
N ARG A 10 -1.21 5.43 2.12
CA ARG A 10 -2.38 6.23 1.85
C ARG A 10 -3.63 5.58 2.40
N LYS A 11 -4.50 6.41 2.98
CA LYS A 11 -5.70 5.93 3.64
C LYS A 11 -6.94 6.29 2.82
N ASP A 12 -7.67 5.27 2.41
CA ASP A 12 -8.89 5.46 1.62
C ASP A 12 -10.09 5.60 2.55
N ALA A 13 -11.09 6.35 2.11
CA ALA A 13 -12.21 6.75 2.98
C ALA A 13 -12.99 5.57 3.56
N LYS A 14 -12.95 4.40 2.91
CA LYS A 14 -13.61 3.21 3.47
C LYS A 14 -12.88 2.76 4.71
N GLY A 15 -11.69 3.30 4.89
CA GLY A 15 -10.84 2.94 5.97
C GLY A 15 -9.94 1.79 5.61
N ARG A 16 -9.29 1.90 4.46
CA ARG A 16 -8.35 0.90 4.02
C ARG A 16 -6.95 1.50 3.99
N THR A 17 -6.09 1.06 4.90
CA THR A 17 -4.72 1.55 4.96
C THR A 17 -3.81 0.65 4.14
N TYR A 18 -3.55 1.02 2.89
CA TYR A 18 -2.75 0.19 2.02
C TYR A 18 -1.40 0.83 1.73
N TYR A 19 -0.34 0.03 1.86
CA TYR A 19 0.99 0.46 1.51
C TYR A 19 1.30 0.02 0.08
N VAL A 20 1.42 0.98 -0.83
CA VAL A 20 1.68 0.65 -2.23
C VAL A 20 3.09 1.04 -2.63
N ASN A 21 3.76 0.16 -3.35
CA ASN A 21 5.15 0.38 -3.75
C ASN A 21 5.28 0.48 -5.27
N HIS A 22 5.83 1.60 -5.74
CA HIS A 22 6.05 1.81 -7.17
C HIS A 22 7.27 1.04 -7.67
N ASN A 23 8.11 0.60 -6.75
CA ASN A 23 9.36 -0.07 -7.12
C ASN A 23 9.09 -1.41 -7.79
N ASN A 24 8.47 -2.33 -7.05
CA ASN A 24 8.14 -3.65 -7.59
C ASN A 24 6.69 -3.70 -8.06
N ARG A 25 5.92 -2.69 -7.64
CA ARG A 25 4.50 -2.58 -7.97
C ARG A 25 3.69 -3.65 -7.23
N THR A 26 3.64 -3.49 -5.92
CA THR A 26 2.85 -4.37 -5.07
C THR A 26 2.39 -3.59 -3.84
N THR A 27 1.24 -3.97 -3.30
CA THR A 27 0.71 -3.31 -2.14
C THR A 27 0.42 -4.33 -1.03
N THR A 28 0.65 -3.93 0.21
CA THR A 28 0.55 -4.83 1.35
C THR A 28 -0.07 -4.13 2.55
N TRP A 29 -0.77 -4.90 3.39
CA TRP A 29 -1.30 -4.38 4.65
C TRP A 29 -0.18 -4.28 5.69
N THR A 30 0.94 -4.91 5.39
CA THR A 30 2.05 -5.01 6.32
C THR A 30 2.92 -3.73 6.28
N ARG A 31 3.39 -3.30 7.45
CA ARG A 31 4.24 -2.12 7.54
C ARG A 31 5.68 -2.46 7.19
N PRO A 32 6.23 -1.85 6.14
CA PRO A 32 7.64 -1.99 5.78
C PRO A 32 8.52 -1.13 6.69
N ILE A 33 9.51 -1.76 7.29
CA ILE A 33 10.49 -1.05 8.11
C ILE A 33 11.66 -0.60 7.25
N GLY A 34 12.36 -1.57 6.67
CA GLY A 34 13.45 -1.26 5.78
C GLY A 34 12.97 -1.16 4.34
N GLU B 1 -5.38 -6.56 9.56
CA GLU B 1 -6.39 -5.79 8.80
C GLU B 1 -7.64 -6.63 8.56
N LEU B 2 -7.45 -7.95 8.38
CA LEU B 2 -8.56 -8.87 8.10
C LEU B 2 -9.24 -8.50 6.79
N GLU B 3 -8.55 -7.68 5.99
CA GLU B 3 -9.09 -7.14 4.76
C GLU B 3 -8.78 -8.05 3.58
N SER B 4 -9.59 -7.95 2.54
CA SER B 4 -9.32 -8.63 1.28
C SER B 4 -7.96 -8.19 0.76
N PRO B 5 -7.12 -9.13 0.27
CA PRO B 5 -5.76 -8.84 -0.19
C PRO B 5 -5.72 -7.63 -1.13
N PRO B 6 -4.78 -6.69 -0.90
CA PRO B 6 -4.76 -5.38 -1.58
C PRO B 6 -4.91 -5.48 -3.09
N PRO B 7 -5.69 -4.54 -3.64
CA PRO B 7 -5.99 -4.45 -5.08
C PRO B 7 -4.71 -4.43 -5.93
N PRO B 8 -4.70 -5.17 -7.06
CA PRO B 8 -3.55 -5.26 -7.96
C PRO B 8 -2.98 -3.89 -8.32
N TYR B 9 -1.71 -3.69 -8.00
CA TYR B 9 -1.08 -2.40 -8.15
C TYR B 9 -0.33 -2.30 -9.49
N SER B 10 -0.71 -1.33 -10.29
CA SER B 10 -0.08 -1.11 -11.58
C SER B 10 0.66 0.23 -11.61
N ARG B 11 -0.10 1.31 -11.69
CA ARG B 11 0.48 2.65 -11.76
C ARG B 11 0.18 3.45 -10.51
N TYR B 12 -1.09 3.79 -10.33
CA TYR B 12 -1.52 4.58 -9.19
C TYR B 12 -2.37 3.73 -8.26
N PRO B 13 -2.35 4.03 -6.95
CA PRO B 13 -3.16 3.31 -5.97
C PRO B 13 -4.64 3.63 -6.14
N MET B 14 -5.43 2.61 -6.46
CA MET B 14 -6.84 2.78 -6.71
C MET B 14 -7.64 1.64 -6.06
N ASP B 15 -8.57 2.00 -5.19
CA ASP B 15 -9.37 1.02 -4.48
C ASP B 15 -10.85 1.22 -4.82
#